data_2YYO
# 
_entry.id   2YYO 
# 
_audit_conform.dict_name       mmcif_pdbx.dic 
_audit_conform.dict_version    5.397 
_audit_conform.dict_location   http://mmcif.pdb.org/dictionaries/ascii/mmcif_pdbx.dic 
# 
loop_
_database_2.database_id 
_database_2.database_code 
_database_2.pdbx_database_accession 
_database_2.pdbx_DOI 
PDB   2YYO         pdb_00002yyo 10.2210/pdb2yyo/pdb 
RCSB  RCSB027300   ?            ?                   
WWPDB D_1000027300 ?            ?                   
# 
loop_
_pdbx_audit_revision_history.ordinal 
_pdbx_audit_revision_history.data_content_type 
_pdbx_audit_revision_history.major_revision 
_pdbx_audit_revision_history.minor_revision 
_pdbx_audit_revision_history.revision_date 
1 'Structure model' 1 0 2008-05-06 
2 'Structure model' 1 1 2011-07-13 
3 'Structure model' 1 2 2020-09-09 
4 'Structure model' 1 3 2024-10-16 
# 
_pdbx_audit_revision_details.ordinal             1 
_pdbx_audit_revision_details.revision_ordinal    1 
_pdbx_audit_revision_details.data_content_type   'Structure model' 
_pdbx_audit_revision_details.provider            repository 
_pdbx_audit_revision_details.type                'Initial release' 
_pdbx_audit_revision_details.description         ? 
_pdbx_audit_revision_details.details             ? 
# 
loop_
_pdbx_audit_revision_group.ordinal 
_pdbx_audit_revision_group.revision_ordinal 
_pdbx_audit_revision_group.data_content_type 
_pdbx_audit_revision_group.group 
1 2 'Structure model' 'Version format compliance' 
2 3 'Structure model' 'Database references'       
3 3 'Structure model' 'Derived calculations'      
4 3 'Structure model' 'Structure summary'         
5 4 'Structure model' 'Data collection'           
6 4 'Structure model' 'Database references'       
7 4 'Structure model' 'Structure summary'         
# 
loop_
_pdbx_audit_revision_category.ordinal 
_pdbx_audit_revision_category.revision_ordinal 
_pdbx_audit_revision_category.data_content_type 
_pdbx_audit_revision_category.category 
1 3 'Structure model' citation                  
2 3 'Structure model' struct                    
3 3 'Structure model' struct_conn               
4 3 'Structure model' struct_ref_seq_dif        
5 4 'Structure model' chem_comp_atom            
6 4 'Structure model' chem_comp_bond            
7 4 'Structure model' database_2                
8 4 'Structure model' pdbx_entry_details        
9 4 'Structure model' pdbx_modification_feature 
# 
loop_
_pdbx_audit_revision_item.ordinal 
_pdbx_audit_revision_item.revision_ordinal 
_pdbx_audit_revision_item.data_content_type 
_pdbx_audit_revision_item.item 
1 3 'Structure model' '_citation.title'                     
2 3 'Structure model' '_struct.title'                       
3 3 'Structure model' '_struct_conn.pdbx_leaving_atom_flag' 
4 3 'Structure model' '_struct_ref_seq_dif.details'         
5 4 'Structure model' '_database_2.pdbx_DOI'                
6 4 'Structure model' '_database_2.pdbx_database_accession' 
# 
_pdbx_database_status.status_code                     REL 
_pdbx_database_status.entry_id                        2YYO 
_pdbx_database_status.recvd_initial_deposition_date   2007-04-30 
_pdbx_database_status.deposit_site                    PDBJ 
_pdbx_database_status.process_site                    PDBJ 
_pdbx_database_status.status_code_sf                  REL 
_pdbx_database_status.status_code_mr                  ? 
_pdbx_database_status.SG_entry                        Y 
_pdbx_database_status.pdb_format_compatible           Y 
_pdbx_database_status.status_code_cs                  ? 
_pdbx_database_status.status_code_nmr_data            ? 
_pdbx_database_status.methods_development_category    ? 
# 
_pdbx_database_related.db_name        TargetDB 
_pdbx_database_related.db_id          hss001000898.2 
_pdbx_database_related.details        . 
_pdbx_database_related.content_type   unspecified 
# 
loop_
_audit_author.name 
_audit_author.pdbx_ordinal 
_audit_author.identifier_ORCID 
'Kishishita, S.'                                         1  ? 
'Uchikubo-Kamo, T.'                                      2  ? 
'Murayama, K.'                                           3  ? 
'Terada, T.'                                             4  ? 
'Chen, L.'                                               5  ? 
'Fu, Z.Q.'                                               6  ? 
'Chrzas, J.'                                             7  ? 
'Shirouzu, M.'                                           8  ? 
'Wang, B.C.'                                             9  ? 
'Yokoyama, S.'                                           10 ? 
'RIKEN Structural Genomics/Proteomics Initiative (RSGI)' 11 ? 
# 
_citation.id                        primary 
_citation.title                     'Crystal structure of human SPRY domain' 
_citation.journal_abbrev            'To be Published' 
_citation.journal_volume            ? 
_citation.page_first                ? 
_citation.page_last                 ? 
_citation.year                      ? 
_citation.journal_id_ASTM           ? 
_citation.country                   ? 
_citation.journal_id_ISSN           ? 
_citation.journal_id_CSD            0353 
_citation.book_publisher            ? 
_citation.pdbx_database_id_PubMed   ? 
_citation.pdbx_database_id_DOI      ? 
# 
loop_
_citation_author.citation_id 
_citation_author.name 
_citation_author.ordinal 
_citation_author.identifier_ORCID 
primary 'Kishishita, S.'    1  ? 
primary 'Uchikubo-Kamo, T.' 2  ? 
primary 'Murayama, K.'      3  ? 
primary 'Terada, T.'        4  ? 
primary 'Chen, L.'          5  ? 
primary 'Fu, Z.Q.'          6  ? 
primary 'Chrzas, J.'        7  ? 
primary 'Shirouzu, M.'      8  ? 
primary 'Wang, B.C.'        9  ? 
primary 'Yokoyama, S.'      10 ? 
# 
loop_
_entity.id 
_entity.type 
_entity.src_method 
_entity.pdbx_description 
_entity.formula_weight 
_entity.pdbx_number_of_molecules 
_entity.pdbx_ec 
_entity.pdbx_mutation 
_entity.pdbx_fragment 
_entity.details 
1 polymer man 'SPRY domain-containing protein 3' 18261.812 1  ? ? 'SPRY domain' ? 
2 water   nat water                              18.015    91 ? ? ?             ? 
# 
_entity_poly.entity_id                      1 
_entity_poly.type                           'polypeptide(L)' 
_entity_poly.nstd_linkage                   no 
_entity_poly.nstd_monomer                   yes 
_entity_poly.pdbx_seq_one_letter_code       
;GSSGSSGFKHILVDGDTLSYHGNSGEVGCYVASRPLTKDSNYFEVSIVDSGVRGTIAVGLVPQYYSLDHQPGWLPDSVAY
HADDGKLYNGRAKGRQFGSKCNSGDRIGCGIEPVSFDVQTAQIFFTKNGKRVGSTI(MSE)P(MSE)SPDGLFPAVG
(MSE)HSLGEEVRLHLNAELSGPSSG
;
_entity_poly.pdbx_seq_one_letter_code_can   
;GSSGSSGFKHILVDGDTLSYHGNSGEVGCYVASRPLTKDSNYFEVSIVDSGVRGTIAVGLVPQYYSLDHQPGWLPDSVAY
HADDGKLYNGRAKGRQFGSKCNSGDRIGCGIEPVSFDVQTAQIFFTKNGKRVGSTIMPMSPDGLFPAVGMHSLGEEVRLH
LNAELSGPSSG
;
_entity_poly.pdbx_strand_id                 A 
_entity_poly.pdbx_target_identifier         hss001000898.2 
# 
_pdbx_entity_nonpoly.entity_id   2 
_pdbx_entity_nonpoly.name        water 
_pdbx_entity_nonpoly.comp_id     HOH 
# 
loop_
_entity_poly_seq.entity_id 
_entity_poly_seq.num 
_entity_poly_seq.mon_id 
_entity_poly_seq.hetero 
1 1   GLY n 
1 2   SER n 
1 3   SER n 
1 4   GLY n 
1 5   SER n 
1 6   SER n 
1 7   GLY n 
1 8   PHE n 
1 9   LYS n 
1 10  HIS n 
1 11  ILE n 
1 12  LEU n 
1 13  VAL n 
1 14  ASP n 
1 15  GLY n 
1 16  ASP n 
1 17  THR n 
1 18  LEU n 
1 19  SER n 
1 20  TYR n 
1 21  HIS n 
1 22  GLY n 
1 23  ASN n 
1 24  SER n 
1 25  GLY n 
1 26  GLU n 
1 27  VAL n 
1 28  GLY n 
1 29  CYS n 
1 30  TYR n 
1 31  VAL n 
1 32  ALA n 
1 33  SER n 
1 34  ARG n 
1 35  PRO n 
1 36  LEU n 
1 37  THR n 
1 38  LYS n 
1 39  ASP n 
1 40  SER n 
1 41  ASN n 
1 42  TYR n 
1 43  PHE n 
1 44  GLU n 
1 45  VAL n 
1 46  SER n 
1 47  ILE n 
1 48  VAL n 
1 49  ASP n 
1 50  SER n 
1 51  GLY n 
1 52  VAL n 
1 53  ARG n 
1 54  GLY n 
1 55  THR n 
1 56  ILE n 
1 57  ALA n 
1 58  VAL n 
1 59  GLY n 
1 60  LEU n 
1 61  VAL n 
1 62  PRO n 
1 63  GLN n 
1 64  TYR n 
1 65  TYR n 
1 66  SER n 
1 67  LEU n 
1 68  ASP n 
1 69  HIS n 
1 70  GLN n 
1 71  PRO n 
1 72  GLY n 
1 73  TRP n 
1 74  LEU n 
1 75  PRO n 
1 76  ASP n 
1 77  SER n 
1 78  VAL n 
1 79  ALA n 
1 80  TYR n 
1 81  HIS n 
1 82  ALA n 
1 83  ASP n 
1 84  ASP n 
1 85  GLY n 
1 86  LYS n 
1 87  LEU n 
1 88  TYR n 
1 89  ASN n 
1 90  GLY n 
1 91  ARG n 
1 92  ALA n 
1 93  LYS n 
1 94  GLY n 
1 95  ARG n 
1 96  GLN n 
1 97  PHE n 
1 98  GLY n 
1 99  SER n 
1 100 LYS n 
1 101 CYS n 
1 102 ASN n 
1 103 SER n 
1 104 GLY n 
1 105 ASP n 
1 106 ARG n 
1 107 ILE n 
1 108 GLY n 
1 109 CYS n 
1 110 GLY n 
1 111 ILE n 
1 112 GLU n 
1 113 PRO n 
1 114 VAL n 
1 115 SER n 
1 116 PHE n 
1 117 ASP n 
1 118 VAL n 
1 119 GLN n 
1 120 THR n 
1 121 ALA n 
1 122 GLN n 
1 123 ILE n 
1 124 PHE n 
1 125 PHE n 
1 126 THR n 
1 127 LYS n 
1 128 ASN n 
1 129 GLY n 
1 130 LYS n 
1 131 ARG n 
1 132 VAL n 
1 133 GLY n 
1 134 SER n 
1 135 THR n 
1 136 ILE n 
1 137 MSE n 
1 138 PRO n 
1 139 MSE n 
1 140 SER n 
1 141 PRO n 
1 142 ASP n 
1 143 GLY n 
1 144 LEU n 
1 145 PHE n 
1 146 PRO n 
1 147 ALA n 
1 148 VAL n 
1 149 GLY n 
1 150 MSE n 
1 151 HIS n 
1 152 SER n 
1 153 LEU n 
1 154 GLY n 
1 155 GLU n 
1 156 GLU n 
1 157 VAL n 
1 158 ARG n 
1 159 LEU n 
1 160 HIS n 
1 161 LEU n 
1 162 ASN n 
1 163 ALA n 
1 164 GLU n 
1 165 LEU n 
1 166 SER n 
1 167 GLY n 
1 168 PRO n 
1 169 SER n 
1 170 SER n 
1 171 GLY n 
# 
_entity_src_gen.entity_id                          1 
_entity_src_gen.pdbx_src_id                        1 
_entity_src_gen.pdbx_alt_source_flag               sample 
_entity_src_gen.pdbx_seq_type                      ? 
_entity_src_gen.pdbx_beg_seq_num                   ? 
_entity_src_gen.pdbx_end_seq_num                   ? 
_entity_src_gen.gene_src_common_name               human 
_entity_src_gen.gene_src_genus                     Homo 
_entity_src_gen.pdbx_gene_src_gene                 SPRYD3 
_entity_src_gen.gene_src_species                   ? 
_entity_src_gen.gene_src_strain                    ? 
_entity_src_gen.gene_src_tissue                    ? 
_entity_src_gen.gene_src_tissue_fraction           ? 
_entity_src_gen.gene_src_details                   ? 
_entity_src_gen.pdbx_gene_src_fragment             ? 
_entity_src_gen.pdbx_gene_src_scientific_name      'Homo sapiens' 
_entity_src_gen.pdbx_gene_src_ncbi_taxonomy_id     9606 
_entity_src_gen.pdbx_gene_src_variant              ? 
_entity_src_gen.pdbx_gene_src_cell_line            ? 
_entity_src_gen.pdbx_gene_src_atcc                 ? 
_entity_src_gen.pdbx_gene_src_organ                ? 
_entity_src_gen.pdbx_gene_src_organelle            ? 
_entity_src_gen.pdbx_gene_src_cell                 ? 
_entity_src_gen.pdbx_gene_src_cellular_location    ? 
_entity_src_gen.host_org_common_name               ? 
_entity_src_gen.pdbx_host_org_scientific_name      'Cell-free protein synthesis' 
_entity_src_gen.pdbx_host_org_ncbi_taxonomy_id     ? 
_entity_src_gen.host_org_genus                     ? 
_entity_src_gen.pdbx_host_org_gene                 ? 
_entity_src_gen.pdbx_host_org_organ                ? 
_entity_src_gen.host_org_species                   ? 
_entity_src_gen.pdbx_host_org_tissue               ? 
_entity_src_gen.pdbx_host_org_tissue_fraction      ? 
_entity_src_gen.pdbx_host_org_strain               ? 
_entity_src_gen.pdbx_host_org_variant              ? 
_entity_src_gen.pdbx_host_org_cell_line            ? 
_entity_src_gen.pdbx_host_org_atcc                 ? 
_entity_src_gen.pdbx_host_org_culture_collection   ? 
_entity_src_gen.pdbx_host_org_cell                 ? 
_entity_src_gen.pdbx_host_org_organelle            ? 
_entity_src_gen.pdbx_host_org_cellular_location    ? 
_entity_src_gen.pdbx_host_org_vector_type          PLASMID 
_entity_src_gen.pdbx_host_org_vector               ? 
_entity_src_gen.host_org_details                   ? 
_entity_src_gen.expression_system_id               ? 
_entity_src_gen.plasmid_name                       PK050905-07 
_entity_src_gen.plasmid_details                    ? 
_entity_src_gen.pdbx_description                   ? 
# 
loop_
_chem_comp.id 
_chem_comp.type 
_chem_comp.mon_nstd_flag 
_chem_comp.name 
_chem_comp.pdbx_synonyms 
_chem_comp.formula 
_chem_comp.formula_weight 
ALA 'L-peptide linking' y ALANINE          ? 'C3 H7 N O2'     89.093  
ARG 'L-peptide linking' y ARGININE         ? 'C6 H15 N4 O2 1' 175.209 
ASN 'L-peptide linking' y ASPARAGINE       ? 'C4 H8 N2 O3'    132.118 
ASP 'L-peptide linking' y 'ASPARTIC ACID'  ? 'C4 H7 N O4'     133.103 
CYS 'L-peptide linking' y CYSTEINE         ? 'C3 H7 N O2 S'   121.158 
GLN 'L-peptide linking' y GLUTAMINE        ? 'C5 H10 N2 O3'   146.144 
GLU 'L-peptide linking' y 'GLUTAMIC ACID'  ? 'C5 H9 N O4'     147.129 
GLY 'peptide linking'   y GLYCINE          ? 'C2 H5 N O2'     75.067  
HIS 'L-peptide linking' y HISTIDINE        ? 'C6 H10 N3 O2 1' 156.162 
HOH non-polymer         . WATER            ? 'H2 O'           18.015  
ILE 'L-peptide linking' y ISOLEUCINE       ? 'C6 H13 N O2'    131.173 
LEU 'L-peptide linking' y LEUCINE          ? 'C6 H13 N O2'    131.173 
LYS 'L-peptide linking' y LYSINE           ? 'C6 H15 N2 O2 1' 147.195 
MSE 'L-peptide linking' n SELENOMETHIONINE ? 'C5 H11 N O2 Se' 196.106 
PHE 'L-peptide linking' y PHENYLALANINE    ? 'C9 H11 N O2'    165.189 
PRO 'L-peptide linking' y PROLINE          ? 'C5 H9 N O2'     115.130 
SER 'L-peptide linking' y SERINE           ? 'C3 H7 N O3'     105.093 
THR 'L-peptide linking' y THREONINE        ? 'C4 H9 N O3'     119.119 
TRP 'L-peptide linking' y TRYPTOPHAN       ? 'C11 H12 N2 O2'  204.225 
TYR 'L-peptide linking' y TYROSINE         ? 'C9 H11 N O3'    181.189 
VAL 'L-peptide linking' y VALINE           ? 'C5 H11 N O2'    117.146 
# 
loop_
_pdbx_poly_seq_scheme.asym_id 
_pdbx_poly_seq_scheme.entity_id 
_pdbx_poly_seq_scheme.seq_id 
_pdbx_poly_seq_scheme.mon_id 
_pdbx_poly_seq_scheme.ndb_seq_num 
_pdbx_poly_seq_scheme.pdb_seq_num 
_pdbx_poly_seq_scheme.auth_seq_num 
_pdbx_poly_seq_scheme.pdb_mon_id 
_pdbx_poly_seq_scheme.auth_mon_id 
_pdbx_poly_seq_scheme.pdb_strand_id 
_pdbx_poly_seq_scheme.pdb_ins_code 
_pdbx_poly_seq_scheme.hetero 
A 1 1   GLY 1   1   ?   ?   ?   A . n 
A 1 2   SER 2   2   ?   ?   ?   A . n 
A 1 3   SER 3   3   ?   ?   ?   A . n 
A 1 4   GLY 4   4   ?   ?   ?   A . n 
A 1 5   SER 5   5   ?   ?   ?   A . n 
A 1 6   SER 6   6   6   SER SER A . n 
A 1 7   GLY 7   7   7   GLY GLY A . n 
A 1 8   PHE 8   8   8   PHE PHE A . n 
A 1 9   LYS 9   9   9   LYS LYS A . n 
A 1 10  HIS 10  10  10  HIS HIS A . n 
A 1 11  ILE 11  11  11  ILE ILE A . n 
A 1 12  LEU 12  12  12  LEU LEU A . n 
A 1 13  VAL 13  13  13  VAL VAL A . n 
A 1 14  ASP 14  14  14  ASP ASP A . n 
A 1 15  GLY 15  15  15  GLY GLY A . n 
A 1 16  ASP 16  16  16  ASP ASP A . n 
A 1 17  THR 17  17  17  THR THR A . n 
A 1 18  LEU 18  18  18  LEU LEU A . n 
A 1 19  SER 19  19  19  SER SER A . n 
A 1 20  TYR 20  20  20  TYR TYR A . n 
A 1 21  HIS 21  21  21  HIS HIS A . n 
A 1 22  GLY 22  22  22  GLY GLY A . n 
A 1 23  ASN 23  23  23  ASN ASN A . n 
A 1 24  SER 24  24  24  SER SER A . n 
A 1 25  GLY 25  25  25  GLY GLY A . n 
A 1 26  GLU 26  26  26  GLU GLU A . n 
A 1 27  VAL 27  27  27  VAL VAL A . n 
A 1 28  GLY 28  28  28  GLY GLY A . n 
A 1 29  CYS 29  29  29  CYS CYS A . n 
A 1 30  TYR 30  30  30  TYR TYR A . n 
A 1 31  VAL 31  31  31  VAL VAL A . n 
A 1 32  ALA 32  32  32  ALA ALA A . n 
A 1 33  SER 33  33  33  SER SER A . n 
A 1 34  ARG 34  34  34  ARG ARG A . n 
A 1 35  PRO 35  35  35  PRO PRO A . n 
A 1 36  LEU 36  36  36  LEU LEU A . n 
A 1 37  THR 37  37  37  THR THR A . n 
A 1 38  LYS 38  38  38  LYS LYS A . n 
A 1 39  ASP 39  39  39  ASP ASP A . n 
A 1 40  SER 40  40  40  SER SER A . n 
A 1 41  ASN 41  41  41  ASN ASN A . n 
A 1 42  TYR 42  42  42  TYR TYR A . n 
A 1 43  PHE 43  43  43  PHE PHE A . n 
A 1 44  GLU 44  44  44  GLU GLU A . n 
A 1 45  VAL 45  45  45  VAL VAL A . n 
A 1 46  SER 46  46  46  SER SER A . n 
A 1 47  ILE 47  47  47  ILE ILE A . n 
A 1 48  VAL 48  48  48  VAL VAL A . n 
A 1 49  ASP 49  49  49  ASP ASP A . n 
A 1 50  SER 50  50  50  SER SER A . n 
A 1 51  GLY 51  51  51  GLY GLY A . n 
A 1 52  VAL 52  52  52  VAL VAL A . n 
A 1 53  ARG 53  53  53  ARG ARG A . n 
A 1 54  GLY 54  54  54  GLY GLY A . n 
A 1 55  THR 55  55  55  THR THR A . n 
A 1 56  ILE 56  56  56  ILE ILE A . n 
A 1 57  ALA 57  57  57  ALA ALA A . n 
A 1 58  VAL 58  58  58  VAL VAL A . n 
A 1 59  GLY 59  59  59  GLY GLY A . n 
A 1 60  LEU 60  60  60  LEU LEU A . n 
A 1 61  VAL 61  61  61  VAL VAL A . n 
A 1 62  PRO 62  62  62  PRO PRO A . n 
A 1 63  GLN 63  63  63  GLN GLN A . n 
A 1 64  TYR 64  64  64  TYR TYR A . n 
A 1 65  TYR 65  65  65  TYR TYR A . n 
A 1 66  SER 66  66  66  SER SER A . n 
A 1 67  LEU 67  67  67  LEU LEU A . n 
A 1 68  ASP 68  68  68  ASP ASP A . n 
A 1 69  HIS 69  69  69  HIS HIS A . n 
A 1 70  GLN 70  70  70  GLN GLN A . n 
A 1 71  PRO 71  71  71  PRO PRO A . n 
A 1 72  GLY 72  72  72  GLY GLY A . n 
A 1 73  TRP 73  73  73  TRP TRP A . n 
A 1 74  LEU 74  74  74  LEU LEU A . n 
A 1 75  PRO 75  75  75  PRO PRO A . n 
A 1 76  ASP 76  76  76  ASP ASP A . n 
A 1 77  SER 77  77  77  SER SER A . n 
A 1 78  VAL 78  78  78  VAL VAL A . n 
A 1 79  ALA 79  79  79  ALA ALA A . n 
A 1 80  TYR 80  80  80  TYR TYR A . n 
A 1 81  HIS 81  81  81  HIS HIS A . n 
A 1 82  ALA 82  82  82  ALA ALA A . n 
A 1 83  ASP 83  83  83  ASP ASP A . n 
A 1 84  ASP 84  84  84  ASP ASP A . n 
A 1 85  GLY 85  85  85  GLY GLY A . n 
A 1 86  LYS 86  86  86  LYS LYS A . n 
A 1 87  LEU 87  87  87  LEU LEU A . n 
A 1 88  TYR 88  88  88  TYR TYR A . n 
A 1 89  ASN 89  89  89  ASN ASN A . n 
A 1 90  GLY 90  90  90  GLY GLY A . n 
A 1 91  ARG 91  91  91  ARG ARG A . n 
A 1 92  ALA 92  92  92  ALA ALA A . n 
A 1 93  LYS 93  93  93  LYS LYS A . n 
A 1 94  GLY 94  94  94  GLY GLY A . n 
A 1 95  ARG 95  95  95  ARG ARG A . n 
A 1 96  GLN 96  96  96  GLN GLN A . n 
A 1 97  PHE 97  97  97  PHE PHE A . n 
A 1 98  GLY 98  98  98  GLY GLY A . n 
A 1 99  SER 99  99  99  SER SER A . n 
A 1 100 LYS 100 100 100 LYS LYS A . n 
A 1 101 CYS 101 101 101 CYS CYS A . n 
A 1 102 ASN 102 102 102 ASN ASN A . n 
A 1 103 SER 103 103 103 SER SER A . n 
A 1 104 GLY 104 104 104 GLY GLY A . n 
A 1 105 ASP 105 105 105 ASP ASP A . n 
A 1 106 ARG 106 106 106 ARG ARG A . n 
A 1 107 ILE 107 107 107 ILE ILE A . n 
A 1 108 GLY 108 108 108 GLY GLY A . n 
A 1 109 CYS 109 109 109 CYS CYS A . n 
A 1 110 GLY 110 110 110 GLY GLY A . n 
A 1 111 ILE 111 111 111 ILE ILE A . n 
A 1 112 GLU 112 112 112 GLU GLU A . n 
A 1 113 PRO 113 113 113 PRO PRO A . n 
A 1 114 VAL 114 114 114 VAL VAL A . n 
A 1 115 SER 115 115 115 SER SER A . n 
A 1 116 PHE 116 116 116 PHE PHE A . n 
A 1 117 ASP 117 117 117 ASP ASP A . n 
A 1 118 VAL 118 118 118 VAL VAL A . n 
A 1 119 GLN 119 119 119 GLN GLN A . n 
A 1 120 THR 120 120 120 THR THR A . n 
A 1 121 ALA 121 121 121 ALA ALA A . n 
A 1 122 GLN 122 122 122 GLN GLN A . n 
A 1 123 ILE 123 123 123 ILE ILE A . n 
A 1 124 PHE 124 124 124 PHE PHE A . n 
A 1 125 PHE 125 125 125 PHE PHE A . n 
A 1 126 THR 126 126 126 THR THR A . n 
A 1 127 LYS 127 127 127 LYS LYS A . n 
A 1 128 ASN 128 128 128 ASN ASN A . n 
A 1 129 GLY 129 129 129 GLY GLY A . n 
A 1 130 LYS 130 130 130 LYS LYS A . n 
A 1 131 ARG 131 131 131 ARG ARG A . n 
A 1 132 VAL 132 132 132 VAL VAL A . n 
A 1 133 GLY 133 133 133 GLY GLY A . n 
A 1 134 SER 134 134 134 SER SER A . n 
A 1 135 THR 135 135 135 THR THR A . n 
A 1 136 ILE 136 136 136 ILE ILE A . n 
A 1 137 MSE 137 137 137 MSE MSE A . n 
A 1 138 PRO 138 138 138 PRO PRO A . n 
A 1 139 MSE 139 139 139 MSE MSE A . n 
A 1 140 SER 140 140 140 SER SER A . n 
A 1 141 PRO 141 141 141 PRO PRO A . n 
A 1 142 ASP 142 142 142 ASP ASP A . n 
A 1 143 GLY 143 143 143 GLY GLY A . n 
A 1 144 LEU 144 144 144 LEU LEU A . n 
A 1 145 PHE 145 145 145 PHE PHE A . n 
A 1 146 PRO 146 146 146 PRO PRO A . n 
A 1 147 ALA 147 147 147 ALA ALA A . n 
A 1 148 VAL 148 148 148 VAL VAL A . n 
A 1 149 GLY 149 149 149 GLY GLY A . n 
A 1 150 MSE 150 150 150 MSE MSE A . n 
A 1 151 HIS 151 151 151 HIS HIS A . n 
A 1 152 SER 152 152 152 SER SER A . n 
A 1 153 LEU 153 153 153 LEU LEU A . n 
A 1 154 GLY 154 154 154 GLY GLY A . n 
A 1 155 GLU 155 155 155 GLU GLU A . n 
A 1 156 GLU 156 156 156 GLU GLU A . n 
A 1 157 VAL 157 157 157 VAL VAL A . n 
A 1 158 ARG 158 158 158 ARG ARG A . n 
A 1 159 LEU 159 159 159 LEU LEU A . n 
A 1 160 HIS 160 160 160 HIS HIS A . n 
A 1 161 LEU 161 161 161 LEU LEU A . n 
A 1 162 ASN 162 162 162 ASN ASN A . n 
A 1 163 ALA 163 163 163 ALA ALA A . n 
A 1 164 GLU 164 164 164 GLU GLU A . n 
A 1 165 LEU 165 165 165 LEU LEU A . n 
A 1 166 SER 166 166 ?   ?   ?   A . n 
A 1 167 GLY 167 167 ?   ?   ?   A . n 
A 1 168 PRO 168 168 ?   ?   ?   A . n 
A 1 169 SER 169 169 ?   ?   ?   A . n 
A 1 170 SER 170 170 ?   ?   ?   A . n 
A 1 171 GLY 171 171 ?   ?   ?   A . n 
# 
loop_
_pdbx_nonpoly_scheme.asym_id 
_pdbx_nonpoly_scheme.entity_id 
_pdbx_nonpoly_scheme.mon_id 
_pdbx_nonpoly_scheme.ndb_seq_num 
_pdbx_nonpoly_scheme.pdb_seq_num 
_pdbx_nonpoly_scheme.auth_seq_num 
_pdbx_nonpoly_scheme.pdb_mon_id 
_pdbx_nonpoly_scheme.auth_mon_id 
_pdbx_nonpoly_scheme.pdb_strand_id 
_pdbx_nonpoly_scheme.pdb_ins_code 
B 2 HOH 1  172 2   HOH TIP A . 
B 2 HOH 2  173 4   HOH TIP A . 
B 2 HOH 3  174 8   HOH TIP A . 
B 2 HOH 4  175 9   HOH TIP A . 
B 2 HOH 5  176 10  HOH TIP A . 
B 2 HOH 6  177 11  HOH TIP A . 
B 2 HOH 7  178 12  HOH TIP A . 
B 2 HOH 8  179 13  HOH TIP A . 
B 2 HOH 9  180 14  HOH TIP A . 
B 2 HOH 10 181 15  HOH TIP A . 
B 2 HOH 11 182 16  HOH TIP A . 
B 2 HOH 12 183 17  HOH TIP A . 
B 2 HOH 13 184 18  HOH TIP A . 
B 2 HOH 14 185 19  HOH TIP A . 
B 2 HOH 15 186 20  HOH TIP A . 
B 2 HOH 16 187 21  HOH TIP A . 
B 2 HOH 17 188 22  HOH TIP A . 
B 2 HOH 18 189 23  HOH TIP A . 
B 2 HOH 19 190 24  HOH TIP A . 
B 2 HOH 20 191 26  HOH TIP A . 
B 2 HOH 21 192 27  HOH TIP A . 
B 2 HOH 22 193 28  HOH TIP A . 
B 2 HOH 23 194 29  HOH TIP A . 
B 2 HOH 24 195 30  HOH TIP A . 
B 2 HOH 25 196 31  HOH TIP A . 
B 2 HOH 26 197 32  HOH TIP A . 
B 2 HOH 27 198 33  HOH TIP A . 
B 2 HOH 28 199 34  HOH TIP A . 
B 2 HOH 29 200 35  HOH TIP A . 
B 2 HOH 30 201 36  HOH TIP A . 
B 2 HOH 31 202 37  HOH TIP A . 
B 2 HOH 32 203 39  HOH TIP A . 
B 2 HOH 33 204 42  HOH TIP A . 
B 2 HOH 34 205 44  HOH TIP A . 
B 2 HOH 35 206 45  HOH TIP A . 
B 2 HOH 36 207 46  HOH TIP A . 
B 2 HOH 37 208 49  HOH TIP A . 
B 2 HOH 38 209 50  HOH TIP A . 
B 2 HOH 39 210 51  HOH TIP A . 
B 2 HOH 40 211 52  HOH TIP A . 
B 2 HOH 41 212 54  HOH TIP A . 
B 2 HOH 42 213 55  HOH TIP A . 
B 2 HOH 43 214 56  HOH TIP A . 
B 2 HOH 44 215 58  HOH TIP A . 
B 2 HOH 45 216 59  HOH TIP A . 
B 2 HOH 46 217 60  HOH TIP A . 
B 2 HOH 47 218 62  HOH TIP A . 
B 2 HOH 48 219 63  HOH TIP A . 
B 2 HOH 49 220 64  HOH TIP A . 
B 2 HOH 50 221 65  HOH TIP A . 
B 2 HOH 51 222 66  HOH TIP A . 
B 2 HOH 52 223 67  HOH TIP A . 
B 2 HOH 53 224 68  HOH TIP A . 
B 2 HOH 54 225 69  HOH TIP A . 
B 2 HOH 55 226 70  HOH TIP A . 
B 2 HOH 56 227 71  HOH TIP A . 
B 2 HOH 57 228 72  HOH TIP A . 
B 2 HOH 58 229 74  HOH TIP A . 
B 2 HOH 59 230 75  HOH TIP A . 
B 2 HOH 60 231 76  HOH TIP A . 
B 2 HOH 61 232 79  HOH TIP A . 
B 2 HOH 62 233 80  HOH TIP A . 
B 2 HOH 63 234 81  HOH TIP A . 
B 2 HOH 64 235 83  HOH TIP A . 
B 2 HOH 65 236 84  HOH TIP A . 
B 2 HOH 66 237 85  HOH TIP A . 
B 2 HOH 67 238 88  HOH TIP A . 
B 2 HOH 68 239 89  HOH TIP A . 
B 2 HOH 69 240 90  HOH TIP A . 
B 2 HOH 70 241 91  HOH TIP A . 
B 2 HOH 71 242 92  HOH TIP A . 
B 2 HOH 72 243 93  HOH TIP A . 
B 2 HOH 73 244 95  HOH TIP A . 
B 2 HOH 74 245 96  HOH TIP A . 
B 2 HOH 75 246 98  HOH TIP A . 
B 2 HOH 76 247 99  HOH TIP A . 
B 2 HOH 77 248 101 HOH TIP A . 
B 2 HOH 78 249 103 HOH TIP A . 
B 2 HOH 79 250 104 HOH TIP A . 
B 2 HOH 80 251 105 HOH TIP A . 
B 2 HOH 81 252 106 HOH TIP A . 
B 2 HOH 82 253 107 HOH TIP A . 
B 2 HOH 83 254 108 HOH TIP A . 
B 2 HOH 84 255 109 HOH TIP A . 
B 2 HOH 85 256 110 HOH TIP A . 
B 2 HOH 86 257 111 HOH TIP A . 
B 2 HOH 87 258 113 HOH TIP A . 
B 2 HOH 88 259 114 HOH TIP A . 
B 2 HOH 89 260 115 HOH TIP A . 
B 2 HOH 90 261 116 HOH TIP A . 
B 2 HOH 91 262 117 HOH TIP A . 
# 
loop_
_software.name 
_software.classification 
_software.version 
_software.citation_id 
_software.pdbx_ordinal 
CNS      refinement       1.1 ? 1 
HKL-2000 'data reduction' .   ? 2 
HKL-2000 'data scaling'   .   ? 3 
SOLVE    phasing          .   ? 4 
# 
_cell.entry_id           2YYO 
_cell.length_a           52.107 
_cell.length_b           52.107 
_cell.length_c           108.583 
_cell.angle_alpha        90.00 
_cell.angle_beta         90.00 
_cell.angle_gamma        90.00 
_cell.Z_PDB              8 
_cell.pdbx_unique_axis   ? 
_cell.length_a_esd       ? 
_cell.length_b_esd       ? 
_cell.length_c_esd       ? 
_cell.angle_alpha_esd    ? 
_cell.angle_beta_esd     ? 
_cell.angle_gamma_esd    ? 
# 
_symmetry.entry_id                         2YYO 
_symmetry.space_group_name_H-M             'P 43 21 2' 
_symmetry.pdbx_full_space_group_name_H-M   ? 
_symmetry.cell_setting                     ? 
_symmetry.Int_Tables_number                96 
_symmetry.space_group_name_Hall            ? 
# 
_exptl.entry_id          2YYO 
_exptl.method            'X-RAY DIFFRACTION' 
_exptl.crystals_number   1 
# 
_exptl_crystal.id                    1 
_exptl_crystal.density_meas          ? 
_exptl_crystal.density_Matthews      2.02 
_exptl_crystal.density_percent_sol   39.02 
_exptl_crystal.description           'The file contains Friedel pairs.' 
_exptl_crystal.F_000                 ? 
_exptl_crystal.preparation           ? 
# 
_exptl_crystal_grow.crystal_id      1 
_exptl_crystal_grow.method          'VAPOR DIFFUSION, SITTING DROP' 
_exptl_crystal_grow.temp            293 
_exptl_crystal_grow.temp_details    ? 
_exptl_crystal_grow.pH              8.0 
_exptl_crystal_grow.pdbx_details    '0.1M Tris, 1.6M Ammonium Sulfate, pH 8.0, VAPOR DIFFUSION, SITTING DROP, temperature 293K' 
_exptl_crystal_grow.pdbx_pH_range   . 
# 
_diffrn.id                     1 
_diffrn.ambient_temp           100 
_diffrn.ambient_temp_details   ? 
_diffrn.crystal_id             1 
# 
_diffrn_detector.diffrn_id              1 
_diffrn_detector.detector               CCD 
_diffrn_detector.type                   'MARMOSAIC 300 mm CCD' 
_diffrn_detector.pdbx_collection_date   2006-11-15 
_diffrn_detector.details                mirrors 
# 
_diffrn_radiation.diffrn_id                        1 
_diffrn_radiation.wavelength_id                    1 
_diffrn_radiation.pdbx_monochromatic_or_laue_m_l   M 
_diffrn_radiation.monochromator                    'Si II' 
_diffrn_radiation.pdbx_diffrn_protocol             MAD 
_diffrn_radiation.pdbx_scattering_type             x-ray 
# 
loop_
_diffrn_radiation_wavelength.id 
_diffrn_radiation_wavelength.wavelength 
_diffrn_radiation_wavelength.wt 
1 0.9789 1.0 
2 0.9793 1.0 
3 0.971  1.0 
# 
_diffrn_source.diffrn_id                   1 
_diffrn_source.source                      SYNCHROTRON 
_diffrn_source.type                        'APS BEAMLINE 22-ID' 
_diffrn_source.pdbx_synchrotron_site       APS 
_diffrn_source.pdbx_synchrotron_beamline   22-ID 
_diffrn_source.pdbx_wavelength             ? 
_diffrn_source.pdbx_wavelength_list        '0.9789, 0.9793, 0.971' 
# 
_reflns.entry_id                     2YYO 
_reflns.observed_criterion_sigma_I   -3 
_reflns.observed_criterion_sigma_F   ? 
_reflns.d_resolution_low             50 
_reflns.d_resolution_high            2.0 
_reflns.number_obs                   18943 
_reflns.number_all                   ? 
_reflns.percent_possible_obs         100 
_reflns.pdbx_Rmerge_I_obs            ? 
_reflns.pdbx_Rsym_value              0.098 
_reflns.pdbx_netI_over_sigmaI        78.6 
_reflns.B_iso_Wilson_estimate        12.0 
_reflns.pdbx_redundancy              24.5 
_reflns.R_free_details               ? 
_reflns.limit_h_max                  ? 
_reflns.limit_h_min                  ? 
_reflns.limit_k_max                  ? 
_reflns.limit_k_min                  ? 
_reflns.limit_l_max                  ? 
_reflns.limit_l_min                  ? 
_reflns.observed_criterion_F_max     ? 
_reflns.observed_criterion_F_min     ? 
_reflns.pdbx_chi_squared             ? 
_reflns.pdbx_scaling_rejects         ? 
_reflns.pdbx_diffrn_id               1 
_reflns.pdbx_ordinal                 1 
# 
_reflns_shell.d_res_high             2.0 
_reflns_shell.d_res_low              2.11 
_reflns_shell.percent_possible_all   100 
_reflns_shell.Rmerge_I_obs           ? 
_reflns_shell.pdbx_Rsym_value        0.348 
_reflns_shell.meanI_over_sigI_obs    20.4 
_reflns_shell.pdbx_redundancy        ? 
_reflns_shell.percent_possible_obs   ? 
_reflns_shell.number_unique_all      ? 
_reflns_shell.number_measured_all    ? 
_reflns_shell.number_measured_obs    ? 
_reflns_shell.number_unique_obs      ? 
_reflns_shell.pdbx_chi_squared       ? 
_reflns_shell.pdbx_diffrn_id         ? 
_reflns_shell.pdbx_ordinal           1 
# 
_refine.entry_id                                 2YYO 
_refine.ls_number_reflns_obs                     18943 
_refine.ls_number_reflns_all                     ? 
_refine.pdbx_ls_sigma_I                          ? 
_refine.pdbx_ls_sigma_F                          0.0 
_refine.pdbx_data_cutoff_high_absF               213101.66 
_refine.pdbx_data_cutoff_low_absF                0.000000 
_refine.pdbx_data_cutoff_high_rms_absF           ? 
_refine.ls_d_res_low                             26.05 
_refine.ls_d_res_high                            2.00 
_refine.ls_percent_reflns_obs                    98.1 
_refine.ls_R_factor_obs                          0.218 
_refine.ls_R_factor_all                          ? 
_refine.ls_R_factor_R_work                       0.218 
_refine.ls_R_factor_R_free                       0.261 
_refine.ls_R_factor_R_free_error                 0.008 
_refine.ls_R_factor_R_free_error_details         ? 
_refine.ls_percent_reflns_R_free                 5.0 
_refine.ls_number_reflns_R_free                  943 
_refine.ls_number_parameters                     ? 
_refine.ls_number_restraints                     ? 
_refine.occupancy_min                            ? 
_refine.occupancy_max                            ? 
_refine.correlation_coeff_Fo_to_Fc               ? 
_refine.correlation_coeff_Fo_to_Fc_free          ? 
_refine.B_iso_mean                               27.9 
_refine.aniso_B[1][1]                            3.24 
_refine.aniso_B[2][2]                            3.24 
_refine.aniso_B[3][3]                            -6.48 
_refine.aniso_B[1][2]                            0.00 
_refine.aniso_B[1][3]                            0.00 
_refine.aniso_B[2][3]                            0.00 
_refine.solvent_model_details                    'FLAT MODEL' 
_refine.solvent_model_param_ksol                 0.339151 
_refine.solvent_model_param_bsol                 40.1519 
_refine.pdbx_solvent_vdw_probe_radii             ? 
_refine.pdbx_solvent_ion_probe_radii             ? 
_refine.pdbx_solvent_shrinkage_radii             ? 
_refine.pdbx_ls_cross_valid_method               THROUGHOUT 
_refine.details                                  'The file contains Friedel pairs.' 
_refine.pdbx_starting_model                      ? 
_refine.pdbx_method_to_determine_struct          MAD 
_refine.pdbx_isotropic_thermal_model             RESTRAINED 
_refine.pdbx_stereochemistry_target_values       ? 
_refine.pdbx_stereochem_target_val_spec_case     ? 
_refine.pdbx_R_Free_selection_details            RANDOM 
_refine.pdbx_overall_ESU_R                       ? 
_refine.pdbx_overall_ESU_R_Free                  ? 
_refine.overall_SU_ML                            ? 
_refine.overall_SU_B                             ? 
_refine.ls_redundancy_reflns_obs                 ? 
_refine.B_iso_min                                ? 
_refine.B_iso_max                                ? 
_refine.overall_SU_R_Cruickshank_DPI             ? 
_refine.overall_SU_R_free                        ? 
_refine.ls_wR_factor_R_free                      ? 
_refine.ls_wR_factor_R_work                      ? 
_refine.overall_FOM_free_R_set                   ? 
_refine.overall_FOM_work_R_set                   ? 
_refine.pdbx_overall_phase_error                 ? 
_refine.pdbx_refine_id                           'X-RAY DIFFRACTION' 
_refine.pdbx_diffrn_id                           1 
_refine.pdbx_TLS_residual_ADP_flag               ? 
_refine.pdbx_overall_SU_R_free_Cruickshank_DPI   ? 
_refine.pdbx_overall_SU_R_Blow_DPI               ? 
_refine.pdbx_overall_SU_R_free_Blow_DPI          ? 
# 
_refine_analyze.entry_id                        2YYO 
_refine_analyze.Luzzati_coordinate_error_obs    0.24 
_refine_analyze.Luzzati_sigma_a_obs             0.12 
_refine_analyze.Luzzati_d_res_low_obs           5.00 
_refine_analyze.Luzzati_coordinate_error_free   0.31 
_refine_analyze.Luzzati_sigma_a_free            0.21 
_refine_analyze.Luzzati_d_res_low_free          ? 
_refine_analyze.number_disordered_residues      ? 
_refine_analyze.occupancy_sum_hydrogen          ? 
_refine_analyze.occupancy_sum_non_hydrogen      ? 
_refine_analyze.pdbx_Luzzati_d_res_high_obs     ? 
_refine_analyze.pdbx_refine_id                  'X-RAY DIFFRACTION' 
# 
_refine_hist.pdbx_refine_id                   'X-RAY DIFFRACTION' 
_refine_hist.cycle_id                         LAST 
_refine_hist.pdbx_number_atoms_protein        1214 
_refine_hist.pdbx_number_atoms_nucleic_acid   0 
_refine_hist.pdbx_number_atoms_ligand         0 
_refine_hist.number_atoms_solvent             91 
_refine_hist.number_atoms_total               1305 
_refine_hist.d_res_high                       2.00 
_refine_hist.d_res_low                        26.05 
# 
loop_
_refine_ls_restr.type 
_refine_ls_restr.dev_ideal 
_refine_ls_restr.dev_ideal_target 
_refine_ls_restr.weight 
_refine_ls_restr.number 
_refine_ls_restr.pdbx_refine_id 
_refine_ls_restr.pdbx_restraint_function 
c_bond_d                0.006 ? ? ? 'X-RAY DIFFRACTION' ? 
c_bond_d_na             ?     ? ? ? 'X-RAY DIFFRACTION' ? 
c_bond_d_prot           ?     ? ? ? 'X-RAY DIFFRACTION' ? 
c_angle_d               ?     ? ? ? 'X-RAY DIFFRACTION' ? 
c_angle_d_na            ?     ? ? ? 'X-RAY DIFFRACTION' ? 
c_angle_d_prot          ?     ? ? ? 'X-RAY DIFFRACTION' ? 
c_angle_deg             1.2   ? ? ? 'X-RAY DIFFRACTION' ? 
c_angle_deg_na          ?     ? ? ? 'X-RAY DIFFRACTION' ? 
c_angle_deg_prot        ?     ? ? ? 'X-RAY DIFFRACTION' ? 
c_dihedral_angle_d      26.4  ? ? ? 'X-RAY DIFFRACTION' ? 
c_dihedral_angle_d_na   ?     ? ? ? 'X-RAY DIFFRACTION' ? 
c_dihedral_angle_d_prot ?     ? ? ? 'X-RAY DIFFRACTION' ? 
c_improper_angle_d      0.78  ? ? ? 'X-RAY DIFFRACTION' ? 
c_improper_angle_d_na   ?     ? ? ? 'X-RAY DIFFRACTION' ? 
c_improper_angle_d_prot ?     ? ? ? 'X-RAY DIFFRACTION' ? 
c_mcbond_it             ?     ? ? ? 'X-RAY DIFFRACTION' ? 
c_mcangle_it            ?     ? ? ? 'X-RAY DIFFRACTION' ? 
c_scbond_it             ?     ? ? ? 'X-RAY DIFFRACTION' ? 
c_scangle_it            ?     ? ? ? 'X-RAY DIFFRACTION' ? 
# 
_refine_ls_shell.pdbx_total_number_of_bins_used   6 
_refine_ls_shell.d_res_high                       2.00 
_refine_ls_shell.d_res_low                        2.13 
_refine_ls_shell.number_reflns_R_work             2982 
_refine_ls_shell.R_factor_R_work                  0.225 
_refine_ls_shell.percent_reflns_obs               97.1 
_refine_ls_shell.R_factor_R_free                  0.314 
_refine_ls_shell.R_factor_R_free_error            0.026 
_refine_ls_shell.percent_reflns_R_free            4.6 
_refine_ls_shell.number_reflns_R_free             144 
_refine_ls_shell.number_reflns_all                ? 
_refine_ls_shell.R_factor_all                     ? 
_refine_ls_shell.number_reflns_obs                ? 
_refine_ls_shell.redundancy_reflns_obs            ? 
_refine_ls_shell.pdbx_refine_id                   'X-RAY DIFFRACTION' 
# 
loop_
_pdbx_xplor_file.serial_no 
_pdbx_xplor_file.param_file 
_pdbx_xplor_file.topol_file 
_pdbx_xplor_file.pdbx_refine_id 
1 protein_rep.param protein.top 'X-RAY DIFFRACTION' 
2 water_rep.param   water.top   'X-RAY DIFFRACTION' 
# 
_struct.entry_id                  2YYO 
_struct.title                     'Crystal structure of human SPRY domain' 
_struct.pdbx_model_details        ? 
_struct.pdbx_CASP_flag            ? 
_struct.pdbx_model_type_details   ? 
# 
_struct_keywords.entry_id        2YYO 
_struct_keywords.pdbx_keywords   'STRUCTURAL GENOMICS, UNKNOWN FUNCTION' 
_struct_keywords.text            
;SPRY domain, NPPSFA, National Project on Protein Structural and Functional Analyses, RIKEN Structural Genomics/Proteomics Initiative, RSGI, STRUCTURAL GENOMICS, UNKNOWN FUNCTION
;
# 
loop_
_struct_asym.id 
_struct_asym.pdbx_blank_PDB_chainid_flag 
_struct_asym.pdbx_modified 
_struct_asym.entity_id 
_struct_asym.details 
A N N 1 ? 
B N N 2 ? 
# 
_struct_ref.id                         1 
_struct_ref.db_name                    UNP 
_struct_ref.db_code                    SPRY3_HUMAN 
_struct_ref.pdbx_db_accession          Q8NCJ5 
_struct_ref.entity_id                  1 
_struct_ref.pdbx_seq_one_letter_code   
;FKHILVDGDTLSYHGNSGEVGCYVASRPLTKDSNYFEVSIVDSGVRGTIAVGLVPQYYSLDHQPGWLPDSVAYHADDGKL
YNGRAKGRQFGSKCNSGDRIGCGIEPVSFDVQTAQIFFTKNGKRVGSTIMPMSPDGLFPAVGMHSLGEEVRLHLNAEL
;
_struct_ref.pdbx_align_begin           46 
_struct_ref.pdbx_db_isoform            ? 
# 
_struct_ref_seq.align_id                      1 
_struct_ref_seq.ref_id                        1 
_struct_ref_seq.pdbx_PDB_id_code              2YYO 
_struct_ref_seq.pdbx_strand_id                A 
_struct_ref_seq.seq_align_beg                 8 
_struct_ref_seq.pdbx_seq_align_beg_ins_code   ? 
_struct_ref_seq.seq_align_end                 165 
_struct_ref_seq.pdbx_seq_align_end_ins_code   ? 
_struct_ref_seq.pdbx_db_accession             Q8NCJ5 
_struct_ref_seq.db_align_beg                  46 
_struct_ref_seq.pdbx_db_align_beg_ins_code    ? 
_struct_ref_seq.db_align_end                  203 
_struct_ref_seq.pdbx_db_align_end_ins_code    ? 
_struct_ref_seq.pdbx_auth_seq_align_beg       8 
_struct_ref_seq.pdbx_auth_seq_align_end       165 
# 
loop_
_struct_ref_seq_dif.align_id 
_struct_ref_seq_dif.pdbx_pdb_id_code 
_struct_ref_seq_dif.mon_id 
_struct_ref_seq_dif.pdbx_pdb_strand_id 
_struct_ref_seq_dif.seq_num 
_struct_ref_seq_dif.pdbx_pdb_ins_code 
_struct_ref_seq_dif.pdbx_seq_db_name 
_struct_ref_seq_dif.pdbx_seq_db_accession_code 
_struct_ref_seq_dif.db_mon_id 
_struct_ref_seq_dif.pdbx_seq_db_seq_num 
_struct_ref_seq_dif.details 
_struct_ref_seq_dif.pdbx_auth_seq_num 
_struct_ref_seq_dif.pdbx_ordinal 
1 2YYO GLY A 1   ? UNP Q8NCJ5 ? ? 'expression tag' 1   1  
1 2YYO SER A 2   ? UNP Q8NCJ5 ? ? 'expression tag' 2   2  
1 2YYO SER A 3   ? UNP Q8NCJ5 ? ? 'expression tag' 3   3  
1 2YYO GLY A 4   ? UNP Q8NCJ5 ? ? 'expression tag' 4   4  
1 2YYO SER A 5   ? UNP Q8NCJ5 ? ? 'expression tag' 5   5  
1 2YYO SER A 6   ? UNP Q8NCJ5 ? ? 'expression tag' 6   6  
1 2YYO GLY A 7   ? UNP Q8NCJ5 ? ? 'expression tag' 7   7  
1 2YYO SER A 166 ? UNP Q8NCJ5 ? ? 'expression tag' 166 8  
1 2YYO GLY A 167 ? UNP Q8NCJ5 ? ? 'expression tag' 167 9  
1 2YYO PRO A 168 ? UNP Q8NCJ5 ? ? 'expression tag' 168 10 
1 2YYO SER A 169 ? UNP Q8NCJ5 ? ? 'expression tag' 169 11 
1 2YYO SER A 170 ? UNP Q8NCJ5 ? ? 'expression tag' 170 12 
1 2YYO GLY A 171 ? UNP Q8NCJ5 ? ? 'expression tag' 171 13 
# 
loop_
_pdbx_struct_assembly.id 
_pdbx_struct_assembly.details 
_pdbx_struct_assembly.method_details 
_pdbx_struct_assembly.oligomeric_details 
_pdbx_struct_assembly.oligomeric_count 
1 author_defined_assembly   ?    dimeric   2 
2 software_defined_assembly PISA monomeric 1 
# 
loop_
_pdbx_struct_assembly_gen.assembly_id 
_pdbx_struct_assembly_gen.oper_expression 
_pdbx_struct_assembly_gen.asym_id_list 
1 1,2 A,B 
2 1   A,B 
# 
loop_
_pdbx_struct_oper_list.id 
_pdbx_struct_oper_list.type 
_pdbx_struct_oper_list.name 
_pdbx_struct_oper_list.symmetry_operation 
_pdbx_struct_oper_list.matrix[1][1] 
_pdbx_struct_oper_list.matrix[1][2] 
_pdbx_struct_oper_list.matrix[1][3] 
_pdbx_struct_oper_list.vector[1] 
_pdbx_struct_oper_list.matrix[2][1] 
_pdbx_struct_oper_list.matrix[2][2] 
_pdbx_struct_oper_list.matrix[2][3] 
_pdbx_struct_oper_list.vector[2] 
_pdbx_struct_oper_list.matrix[3][1] 
_pdbx_struct_oper_list.matrix[3][2] 
_pdbx_struct_oper_list.matrix[3][3] 
_pdbx_struct_oper_list.vector[3] 
1 'identity operation'         1_555 x,y,z              1.0000000000 0.0000000000 0.0000000000 0.0000000000   0.0000000000  1.0000000000 0.0000000000  0.0000000000  0.0000000000  0.0000000000 1.0000000000 0.0000000000  
2 'crystal symmetry operation' 4_555 y+1/2,-x+1/2,z+1/4 0.3139083292 0.9104127239 0.2694628600 -26.7401770671 -0.2455878009 0.3520073674 -0.9032039888 -6.9399996797 -0.9171413157 0.2173464639 0.3340843033 13.9210575934 
# 
_struct_conf.conf_type_id            HELX_P 
_struct_conf.id                      HELX_P1 
_struct_conf.pdbx_PDB_helix_id       1 
_struct_conf.beg_label_comp_id       PRO 
_struct_conf.beg_label_asym_id       A 
_struct_conf.beg_label_seq_id        113 
_struct_conf.pdbx_beg_PDB_ins_code   ? 
_struct_conf.end_label_comp_id       ASP 
_struct_conf.end_label_asym_id       A 
_struct_conf.end_label_seq_id        117 
_struct_conf.pdbx_end_PDB_ins_code   ? 
_struct_conf.beg_auth_comp_id        PRO 
_struct_conf.beg_auth_asym_id        A 
_struct_conf.beg_auth_seq_id         113 
_struct_conf.end_auth_comp_id        ASP 
_struct_conf.end_auth_asym_id        A 
_struct_conf.end_auth_seq_id         117 
_struct_conf.pdbx_PDB_helix_class    5 
_struct_conf.details                 ? 
_struct_conf.pdbx_PDB_helix_length   5 
# 
_struct_conf_type.id          HELX_P 
_struct_conf_type.criteria    ? 
_struct_conf_type.reference   ? 
# 
loop_
_struct_conn.id 
_struct_conn.conn_type_id 
_struct_conn.pdbx_leaving_atom_flag 
_struct_conn.pdbx_PDB_id 
_struct_conn.ptnr1_label_asym_id 
_struct_conn.ptnr1_label_comp_id 
_struct_conn.ptnr1_label_seq_id 
_struct_conn.ptnr1_label_atom_id 
_struct_conn.pdbx_ptnr1_label_alt_id 
_struct_conn.pdbx_ptnr1_PDB_ins_code 
_struct_conn.pdbx_ptnr1_standard_comp_id 
_struct_conn.ptnr1_symmetry 
_struct_conn.ptnr2_label_asym_id 
_struct_conn.ptnr2_label_comp_id 
_struct_conn.ptnr2_label_seq_id 
_struct_conn.ptnr2_label_atom_id 
_struct_conn.pdbx_ptnr2_label_alt_id 
_struct_conn.pdbx_ptnr2_PDB_ins_code 
_struct_conn.ptnr1_auth_asym_id 
_struct_conn.ptnr1_auth_comp_id 
_struct_conn.ptnr1_auth_seq_id 
_struct_conn.ptnr2_auth_asym_id 
_struct_conn.ptnr2_auth_comp_id 
_struct_conn.ptnr2_auth_seq_id 
_struct_conn.ptnr2_symmetry 
_struct_conn.pdbx_ptnr3_label_atom_id 
_struct_conn.pdbx_ptnr3_label_seq_id 
_struct_conn.pdbx_ptnr3_label_comp_id 
_struct_conn.pdbx_ptnr3_label_asym_id 
_struct_conn.pdbx_ptnr3_label_alt_id 
_struct_conn.pdbx_ptnr3_PDB_ins_code 
_struct_conn.details 
_struct_conn.pdbx_dist_value 
_struct_conn.pdbx_value_order 
_struct_conn.pdbx_role 
covale1 covale both ? A ILE 136 C ? ? ? 1_555 A MSE 137 N ? ? A ILE 136 A MSE 137 1_555 ? ? ? ? ? ? ? 1.329 ? ? 
covale2 covale both ? A MSE 137 C ? ? ? 1_555 A PRO 138 N ? ? A MSE 137 A PRO 138 1_555 ? ? ? ? ? ? ? 1.344 ? ? 
covale3 covale both ? A PRO 138 C ? ? ? 1_555 A MSE 139 N ? ? A PRO 138 A MSE 139 1_555 ? ? ? ? ? ? ? 1.327 ? ? 
covale4 covale both ? A MSE 139 C ? ? ? 1_555 A SER 140 N ? ? A MSE 139 A SER 140 1_555 ? ? ? ? ? ? ? 1.327 ? ? 
covale5 covale both ? A GLY 149 C ? ? ? 1_555 A MSE 150 N ? ? A GLY 149 A MSE 150 1_555 ? ? ? ? ? ? ? 1.328 ? ? 
covale6 covale both ? A MSE 150 C ? ? ? 1_555 A HIS 151 N ? ? A MSE 150 A HIS 151 1_555 ? ? ? ? ? ? ? 1.328 ? ? 
# 
_struct_conn_type.id          covale 
_struct_conn_type.criteria    ? 
_struct_conn_type.reference   ? 
# 
loop_
_pdbx_modification_feature.ordinal 
_pdbx_modification_feature.label_comp_id 
_pdbx_modification_feature.label_asym_id 
_pdbx_modification_feature.label_seq_id 
_pdbx_modification_feature.label_alt_id 
_pdbx_modification_feature.modified_residue_label_comp_id 
_pdbx_modification_feature.modified_residue_label_asym_id 
_pdbx_modification_feature.modified_residue_label_seq_id 
_pdbx_modification_feature.modified_residue_label_alt_id 
_pdbx_modification_feature.auth_comp_id 
_pdbx_modification_feature.auth_asym_id 
_pdbx_modification_feature.auth_seq_id 
_pdbx_modification_feature.PDB_ins_code 
_pdbx_modification_feature.symmetry 
_pdbx_modification_feature.modified_residue_auth_comp_id 
_pdbx_modification_feature.modified_residue_auth_asym_id 
_pdbx_modification_feature.modified_residue_auth_seq_id 
_pdbx_modification_feature.modified_residue_PDB_ins_code 
_pdbx_modification_feature.modified_residue_symmetry 
_pdbx_modification_feature.comp_id_linking_atom 
_pdbx_modification_feature.modified_residue_id_linking_atom 
_pdbx_modification_feature.modified_residue_id 
_pdbx_modification_feature.ref_pcm_id 
_pdbx_modification_feature.ref_comp_id 
_pdbx_modification_feature.type 
_pdbx_modification_feature.category 
1 MSE A 137 ? . . . . MSE A 137 ? 1_555 . . . . . . . MET 1 MSE Selenomethionine 'Named protein modification' 
2 MSE A 139 ? . . . . MSE A 139 ? 1_555 . . . . . . . MET 1 MSE Selenomethionine 'Named protein modification' 
3 MSE A 150 ? . . . . MSE A 150 ? 1_555 . . . . . . . MET 1 MSE Selenomethionine 'Named protein modification' 
# 
loop_
_struct_sheet.id 
_struct_sheet.type 
_struct_sheet.number_strands 
_struct_sheet.details 
A ? 6 ? 
B ? 7 ? 
# 
loop_
_struct_sheet_order.sheet_id 
_struct_sheet_order.range_id_1 
_struct_sheet_order.range_id_2 
_struct_sheet_order.offset 
_struct_sheet_order.sense 
A 1 2 ? anti-parallel 
A 2 3 ? anti-parallel 
A 3 4 ? anti-parallel 
A 4 5 ? anti-parallel 
A 5 6 ? anti-parallel 
B 1 2 ? anti-parallel 
B 2 3 ? anti-parallel 
B 3 4 ? anti-parallel 
B 4 5 ? anti-parallel 
B 5 6 ? anti-parallel 
B 6 7 ? anti-parallel 
# 
loop_
_struct_sheet_range.sheet_id 
_struct_sheet_range.id 
_struct_sheet_range.beg_label_comp_id 
_struct_sheet_range.beg_label_asym_id 
_struct_sheet_range.beg_label_seq_id 
_struct_sheet_range.pdbx_beg_PDB_ins_code 
_struct_sheet_range.end_label_comp_id 
_struct_sheet_range.end_label_asym_id 
_struct_sheet_range.end_label_seq_id 
_struct_sheet_range.pdbx_end_PDB_ins_code 
_struct_sheet_range.beg_auth_comp_id 
_struct_sheet_range.beg_auth_asym_id 
_struct_sheet_range.beg_auth_seq_id 
_struct_sheet_range.end_auth_comp_id 
_struct_sheet_range.end_auth_asym_id 
_struct_sheet_range.end_auth_seq_id 
A 1 GLY A 7   ? LYS A 9   ? GLY A 7   LYS A 9   
A 2 GLY A 28  ? VAL A 31  ? GLY A 28  VAL A 31  
A 3 PHE A 145 ? MSE A 150 ? PHE A 145 MSE A 150 
A 4 ALA A 57  ? VAL A 61  ? ALA A 57  VAL A 61  
A 5 VAL A 78  ? HIS A 81  ? VAL A 78  HIS A 81  
A 6 LEU A 87  ? TYR A 88  ? LEU A 87  TYR A 88  
B 1 ILE A 11  ? ASP A 14  ? ILE A 11  ASP A 14  
B 2 THR A 17  ? TYR A 20  ? THR A 17  TYR A 20  
B 3 GLU A 155 ? HIS A 160 ? GLU A 155 HIS A 160 
B 4 TYR A 42  ? SER A 50  ? TYR A 42  SER A 50  
B 5 ARG A 106 ? ILE A 111 ? ARG A 106 ILE A 111 
B 6 ALA A 121 ? LYS A 127 ? ALA A 121 LYS A 127 
B 7 LYS A 130 ? MSE A 137 ? LYS A 130 MSE A 137 
# 
loop_
_pdbx_struct_sheet_hbond.sheet_id 
_pdbx_struct_sheet_hbond.range_id_1 
_pdbx_struct_sheet_hbond.range_id_2 
_pdbx_struct_sheet_hbond.range_1_label_atom_id 
_pdbx_struct_sheet_hbond.range_1_label_comp_id 
_pdbx_struct_sheet_hbond.range_1_label_asym_id 
_pdbx_struct_sheet_hbond.range_1_label_seq_id 
_pdbx_struct_sheet_hbond.range_1_PDB_ins_code 
_pdbx_struct_sheet_hbond.range_1_auth_atom_id 
_pdbx_struct_sheet_hbond.range_1_auth_comp_id 
_pdbx_struct_sheet_hbond.range_1_auth_asym_id 
_pdbx_struct_sheet_hbond.range_1_auth_seq_id 
_pdbx_struct_sheet_hbond.range_2_label_atom_id 
_pdbx_struct_sheet_hbond.range_2_label_comp_id 
_pdbx_struct_sheet_hbond.range_2_label_asym_id 
_pdbx_struct_sheet_hbond.range_2_label_seq_id 
_pdbx_struct_sheet_hbond.range_2_PDB_ins_code 
_pdbx_struct_sheet_hbond.range_2_auth_atom_id 
_pdbx_struct_sheet_hbond.range_2_auth_comp_id 
_pdbx_struct_sheet_hbond.range_2_auth_asym_id 
_pdbx_struct_sheet_hbond.range_2_auth_seq_id 
A 1 2 N GLY A 7   ? N GLY A 7   O VAL A 31  ? O VAL A 31  
A 2 3 N GLY A 28  ? N GLY A 28  O MSE A 150 ? O MSE A 150 
A 3 4 O PHE A 145 ? O PHE A 145 N VAL A 61  ? N VAL A 61  
A 4 5 N VAL A 58  ? N VAL A 58  O TYR A 80  ? O TYR A 80  
A 5 6 N ALA A 79  ? N ALA A 79  O TYR A 88  ? O TYR A 88  
B 1 2 N LEU A 12  ? N LEU A 12  O SER A 19  ? O SER A 19  
B 2 3 N LEU A 18  ? N LEU A 18  O VAL A 157 ? O VAL A 157 
B 3 4 O HIS A 160 ? O HIS A 160 N GLU A 44  ? N GLU A 44  
B 4 5 N VAL A 45  ? N VAL A 45  O ILE A 107 ? O ILE A 107 
B 5 6 N GLY A 110 ? N GLY A 110 O PHE A 124 ? O PHE A 124 
B 6 7 N PHE A 125 ? N PHE A 125 O VAL A 132 ? O VAL A 132 
# 
_pdbx_entry_details.entry_id                   2YYO 
_pdbx_entry_details.compound_details           ? 
_pdbx_entry_details.source_details             ? 
_pdbx_entry_details.nonpolymer_details         ? 
_pdbx_entry_details.sequence_details           ? 
_pdbx_entry_details.has_ligand_of_interest     ? 
_pdbx_entry_details.has_protein_modification   Y 
# 
loop_
_pdbx_validate_torsion.id 
_pdbx_validate_torsion.PDB_model_num 
_pdbx_validate_torsion.auth_comp_id 
_pdbx_validate_torsion.auth_asym_id 
_pdbx_validate_torsion.auth_seq_id 
_pdbx_validate_torsion.PDB_ins_code 
_pdbx_validate_torsion.label_alt_id 
_pdbx_validate_torsion.phi 
_pdbx_validate_torsion.psi 
1  1 HIS A 21  ? ? -152.96 68.32   
2  1 SER A 24  ? ? 27.64   97.66   
3  1 PHE A 97  ? ? -144.32 -73.43  
4  1 PHE A 116 ? ? -64.40  16.74   
5  1 VAL A 118 ? ? 40.70   173.50  
6  1 THR A 120 ? ? 174.28  141.66  
7  1 PRO A 141 ? ? -78.21  -164.28 
8  1 ASP A 142 ? ? 57.78   0.70    
9  1 HIS A 151 ? ? -151.76 1.69    
10 1 HIS A 160 ? ? -119.88 79.11   
# 
_pdbx_SG_project.id                    1 
_pdbx_SG_project.project_name          'NPPSFA, National Project on Protein Structural and Functional Analyses' 
_pdbx_SG_project.full_name_of_center   'RIKEN Structural Genomics/Proteomics Initiative' 
_pdbx_SG_project.initial_of_center     RSGI 
# 
loop_
_pdbx_struct_mod_residue.id 
_pdbx_struct_mod_residue.label_asym_id 
_pdbx_struct_mod_residue.label_comp_id 
_pdbx_struct_mod_residue.label_seq_id 
_pdbx_struct_mod_residue.auth_asym_id 
_pdbx_struct_mod_residue.auth_comp_id 
_pdbx_struct_mod_residue.auth_seq_id 
_pdbx_struct_mod_residue.PDB_ins_code 
_pdbx_struct_mod_residue.parent_comp_id 
_pdbx_struct_mod_residue.details 
1 A MSE 137 A MSE 137 ? MET SELENOMETHIONINE 
2 A MSE 139 A MSE 139 ? MET SELENOMETHIONINE 
3 A MSE 150 A MSE 150 ? MET SELENOMETHIONINE 
# 
_pdbx_struct_special_symmetry.id              1 
_pdbx_struct_special_symmetry.PDB_model_num   1 
_pdbx_struct_special_symmetry.auth_asym_id    A 
_pdbx_struct_special_symmetry.auth_comp_id    HOH 
_pdbx_struct_special_symmetry.auth_seq_id     250 
_pdbx_struct_special_symmetry.PDB_ins_code    ? 
_pdbx_struct_special_symmetry.label_asym_id   B 
_pdbx_struct_special_symmetry.label_comp_id   HOH 
_pdbx_struct_special_symmetry.label_seq_id    . 
# 
loop_
_pdbx_unobs_or_zero_occ_residues.id 
_pdbx_unobs_or_zero_occ_residues.PDB_model_num 
_pdbx_unobs_or_zero_occ_residues.polymer_flag 
_pdbx_unobs_or_zero_occ_residues.occupancy_flag 
_pdbx_unobs_or_zero_occ_residues.auth_asym_id 
_pdbx_unobs_or_zero_occ_residues.auth_comp_id 
_pdbx_unobs_or_zero_occ_residues.auth_seq_id 
_pdbx_unobs_or_zero_occ_residues.PDB_ins_code 
_pdbx_unobs_or_zero_occ_residues.label_asym_id 
_pdbx_unobs_or_zero_occ_residues.label_comp_id 
_pdbx_unobs_or_zero_occ_residues.label_seq_id 
1  1 Y 1 A GLY 1   ? A GLY 1   
2  1 Y 1 A SER 2   ? A SER 2   
3  1 Y 1 A SER 3   ? A SER 3   
4  1 Y 1 A GLY 4   ? A GLY 4   
5  1 Y 1 A SER 5   ? A SER 5   
6  1 Y 1 A SER 166 ? A SER 166 
7  1 Y 1 A GLY 167 ? A GLY 167 
8  1 Y 1 A PRO 168 ? A PRO 168 
9  1 Y 1 A SER 169 ? A SER 169 
10 1 Y 1 A SER 170 ? A SER 170 
11 1 Y 1 A GLY 171 ? A GLY 171 
# 
loop_
_chem_comp_atom.comp_id 
_chem_comp_atom.atom_id 
_chem_comp_atom.type_symbol 
_chem_comp_atom.pdbx_aromatic_flag 
_chem_comp_atom.pdbx_stereo_config 
_chem_comp_atom.pdbx_ordinal 
ALA N    N  N N 1   
ALA CA   C  N S 2   
ALA C    C  N N 3   
ALA O    O  N N 4   
ALA CB   C  N N 5   
ALA OXT  O  N N 6   
ALA H    H  N N 7   
ALA H2   H  N N 8   
ALA HA   H  N N 9   
ALA HB1  H  N N 10  
ALA HB2  H  N N 11  
ALA HB3  H  N N 12  
ALA HXT  H  N N 13  
ARG N    N  N N 14  
ARG CA   C  N S 15  
ARG C    C  N N 16  
ARG O    O  N N 17  
ARG CB   C  N N 18  
ARG CG   C  N N 19  
ARG CD   C  N N 20  
ARG NE   N  N N 21  
ARG CZ   C  N N 22  
ARG NH1  N  N N 23  
ARG NH2  N  N N 24  
ARG OXT  O  N N 25  
ARG H    H  N N 26  
ARG H2   H  N N 27  
ARG HA   H  N N 28  
ARG HB2  H  N N 29  
ARG HB3  H  N N 30  
ARG HG2  H  N N 31  
ARG HG3  H  N N 32  
ARG HD2  H  N N 33  
ARG HD3  H  N N 34  
ARG HE   H  N N 35  
ARG HH11 H  N N 36  
ARG HH12 H  N N 37  
ARG HH21 H  N N 38  
ARG HH22 H  N N 39  
ARG HXT  H  N N 40  
ASN N    N  N N 41  
ASN CA   C  N S 42  
ASN C    C  N N 43  
ASN O    O  N N 44  
ASN CB   C  N N 45  
ASN CG   C  N N 46  
ASN OD1  O  N N 47  
ASN ND2  N  N N 48  
ASN OXT  O  N N 49  
ASN H    H  N N 50  
ASN H2   H  N N 51  
ASN HA   H  N N 52  
ASN HB2  H  N N 53  
ASN HB3  H  N N 54  
ASN HD21 H  N N 55  
ASN HD22 H  N N 56  
ASN HXT  H  N N 57  
ASP N    N  N N 58  
ASP CA   C  N S 59  
ASP C    C  N N 60  
ASP O    O  N N 61  
ASP CB   C  N N 62  
ASP CG   C  N N 63  
ASP OD1  O  N N 64  
ASP OD2  O  N N 65  
ASP OXT  O  N N 66  
ASP H    H  N N 67  
ASP H2   H  N N 68  
ASP HA   H  N N 69  
ASP HB2  H  N N 70  
ASP HB3  H  N N 71  
ASP HD2  H  N N 72  
ASP HXT  H  N N 73  
CYS N    N  N N 74  
CYS CA   C  N R 75  
CYS C    C  N N 76  
CYS O    O  N N 77  
CYS CB   C  N N 78  
CYS SG   S  N N 79  
CYS OXT  O  N N 80  
CYS H    H  N N 81  
CYS H2   H  N N 82  
CYS HA   H  N N 83  
CYS HB2  H  N N 84  
CYS HB3  H  N N 85  
CYS HG   H  N N 86  
CYS HXT  H  N N 87  
GLN N    N  N N 88  
GLN CA   C  N S 89  
GLN C    C  N N 90  
GLN O    O  N N 91  
GLN CB   C  N N 92  
GLN CG   C  N N 93  
GLN CD   C  N N 94  
GLN OE1  O  N N 95  
GLN NE2  N  N N 96  
GLN OXT  O  N N 97  
GLN H    H  N N 98  
GLN H2   H  N N 99  
GLN HA   H  N N 100 
GLN HB2  H  N N 101 
GLN HB3  H  N N 102 
GLN HG2  H  N N 103 
GLN HG3  H  N N 104 
GLN HE21 H  N N 105 
GLN HE22 H  N N 106 
GLN HXT  H  N N 107 
GLU N    N  N N 108 
GLU CA   C  N S 109 
GLU C    C  N N 110 
GLU O    O  N N 111 
GLU CB   C  N N 112 
GLU CG   C  N N 113 
GLU CD   C  N N 114 
GLU OE1  O  N N 115 
GLU OE2  O  N N 116 
GLU OXT  O  N N 117 
GLU H    H  N N 118 
GLU H2   H  N N 119 
GLU HA   H  N N 120 
GLU HB2  H  N N 121 
GLU HB3  H  N N 122 
GLU HG2  H  N N 123 
GLU HG3  H  N N 124 
GLU HE2  H  N N 125 
GLU HXT  H  N N 126 
GLY N    N  N N 127 
GLY CA   C  N N 128 
GLY C    C  N N 129 
GLY O    O  N N 130 
GLY OXT  O  N N 131 
GLY H    H  N N 132 
GLY H2   H  N N 133 
GLY HA2  H  N N 134 
GLY HA3  H  N N 135 
GLY HXT  H  N N 136 
HIS N    N  N N 137 
HIS CA   C  N S 138 
HIS C    C  N N 139 
HIS O    O  N N 140 
HIS CB   C  N N 141 
HIS CG   C  Y N 142 
HIS ND1  N  Y N 143 
HIS CD2  C  Y N 144 
HIS CE1  C  Y N 145 
HIS NE2  N  Y N 146 
HIS OXT  O  N N 147 
HIS H    H  N N 148 
HIS H2   H  N N 149 
HIS HA   H  N N 150 
HIS HB2  H  N N 151 
HIS HB3  H  N N 152 
HIS HD1  H  N N 153 
HIS HD2  H  N N 154 
HIS HE1  H  N N 155 
HIS HE2  H  N N 156 
HIS HXT  H  N N 157 
HOH O    O  N N 158 
HOH H1   H  N N 159 
HOH H2   H  N N 160 
ILE N    N  N N 161 
ILE CA   C  N S 162 
ILE C    C  N N 163 
ILE O    O  N N 164 
ILE CB   C  N S 165 
ILE CG1  C  N N 166 
ILE CG2  C  N N 167 
ILE CD1  C  N N 168 
ILE OXT  O  N N 169 
ILE H    H  N N 170 
ILE H2   H  N N 171 
ILE HA   H  N N 172 
ILE HB   H  N N 173 
ILE HG12 H  N N 174 
ILE HG13 H  N N 175 
ILE HG21 H  N N 176 
ILE HG22 H  N N 177 
ILE HG23 H  N N 178 
ILE HD11 H  N N 179 
ILE HD12 H  N N 180 
ILE HD13 H  N N 181 
ILE HXT  H  N N 182 
LEU N    N  N N 183 
LEU CA   C  N S 184 
LEU C    C  N N 185 
LEU O    O  N N 186 
LEU CB   C  N N 187 
LEU CG   C  N N 188 
LEU CD1  C  N N 189 
LEU CD2  C  N N 190 
LEU OXT  O  N N 191 
LEU H    H  N N 192 
LEU H2   H  N N 193 
LEU HA   H  N N 194 
LEU HB2  H  N N 195 
LEU HB3  H  N N 196 
LEU HG   H  N N 197 
LEU HD11 H  N N 198 
LEU HD12 H  N N 199 
LEU HD13 H  N N 200 
LEU HD21 H  N N 201 
LEU HD22 H  N N 202 
LEU HD23 H  N N 203 
LEU HXT  H  N N 204 
LYS N    N  N N 205 
LYS CA   C  N S 206 
LYS C    C  N N 207 
LYS O    O  N N 208 
LYS CB   C  N N 209 
LYS CG   C  N N 210 
LYS CD   C  N N 211 
LYS CE   C  N N 212 
LYS NZ   N  N N 213 
LYS OXT  O  N N 214 
LYS H    H  N N 215 
LYS H2   H  N N 216 
LYS HA   H  N N 217 
LYS HB2  H  N N 218 
LYS HB3  H  N N 219 
LYS HG2  H  N N 220 
LYS HG3  H  N N 221 
LYS HD2  H  N N 222 
LYS HD3  H  N N 223 
LYS HE2  H  N N 224 
LYS HE3  H  N N 225 
LYS HZ1  H  N N 226 
LYS HZ2  H  N N 227 
LYS HZ3  H  N N 228 
LYS HXT  H  N N 229 
MSE N    N  N N 230 
MSE CA   C  N S 231 
MSE C    C  N N 232 
MSE O    O  N N 233 
MSE OXT  O  N N 234 
MSE CB   C  N N 235 
MSE CG   C  N N 236 
MSE SE   SE N N 237 
MSE CE   C  N N 238 
MSE H    H  N N 239 
MSE H2   H  N N 240 
MSE HA   H  N N 241 
MSE HXT  H  N N 242 
MSE HB2  H  N N 243 
MSE HB3  H  N N 244 
MSE HG2  H  N N 245 
MSE HG3  H  N N 246 
MSE HE1  H  N N 247 
MSE HE2  H  N N 248 
MSE HE3  H  N N 249 
PHE N    N  N N 250 
PHE CA   C  N S 251 
PHE C    C  N N 252 
PHE O    O  N N 253 
PHE CB   C  N N 254 
PHE CG   C  Y N 255 
PHE CD1  C  Y N 256 
PHE CD2  C  Y N 257 
PHE CE1  C  Y N 258 
PHE CE2  C  Y N 259 
PHE CZ   C  Y N 260 
PHE OXT  O  N N 261 
PHE H    H  N N 262 
PHE H2   H  N N 263 
PHE HA   H  N N 264 
PHE HB2  H  N N 265 
PHE HB3  H  N N 266 
PHE HD1  H  N N 267 
PHE HD2  H  N N 268 
PHE HE1  H  N N 269 
PHE HE2  H  N N 270 
PHE HZ   H  N N 271 
PHE HXT  H  N N 272 
PRO N    N  N N 273 
PRO CA   C  N S 274 
PRO C    C  N N 275 
PRO O    O  N N 276 
PRO CB   C  N N 277 
PRO CG   C  N N 278 
PRO CD   C  N N 279 
PRO OXT  O  N N 280 
PRO H    H  N N 281 
PRO HA   H  N N 282 
PRO HB2  H  N N 283 
PRO HB3  H  N N 284 
PRO HG2  H  N N 285 
PRO HG3  H  N N 286 
PRO HD2  H  N N 287 
PRO HD3  H  N N 288 
PRO HXT  H  N N 289 
SER N    N  N N 290 
SER CA   C  N S 291 
SER C    C  N N 292 
SER O    O  N N 293 
SER CB   C  N N 294 
SER OG   O  N N 295 
SER OXT  O  N N 296 
SER H    H  N N 297 
SER H2   H  N N 298 
SER HA   H  N N 299 
SER HB2  H  N N 300 
SER HB3  H  N N 301 
SER HG   H  N N 302 
SER HXT  H  N N 303 
THR N    N  N N 304 
THR CA   C  N S 305 
THR C    C  N N 306 
THR O    O  N N 307 
THR CB   C  N R 308 
THR OG1  O  N N 309 
THR CG2  C  N N 310 
THR OXT  O  N N 311 
THR H    H  N N 312 
THR H2   H  N N 313 
THR HA   H  N N 314 
THR HB   H  N N 315 
THR HG1  H  N N 316 
THR HG21 H  N N 317 
THR HG22 H  N N 318 
THR HG23 H  N N 319 
THR HXT  H  N N 320 
TRP N    N  N N 321 
TRP CA   C  N S 322 
TRP C    C  N N 323 
TRP O    O  N N 324 
TRP CB   C  N N 325 
TRP CG   C  Y N 326 
TRP CD1  C  Y N 327 
TRP CD2  C  Y N 328 
TRP NE1  N  Y N 329 
TRP CE2  C  Y N 330 
TRP CE3  C  Y N 331 
TRP CZ2  C  Y N 332 
TRP CZ3  C  Y N 333 
TRP CH2  C  Y N 334 
TRP OXT  O  N N 335 
TRP H    H  N N 336 
TRP H2   H  N N 337 
TRP HA   H  N N 338 
TRP HB2  H  N N 339 
TRP HB3  H  N N 340 
TRP HD1  H  N N 341 
TRP HE1  H  N N 342 
TRP HE3  H  N N 343 
TRP HZ2  H  N N 344 
TRP HZ3  H  N N 345 
TRP HH2  H  N N 346 
TRP HXT  H  N N 347 
TYR N    N  N N 348 
TYR CA   C  N S 349 
TYR C    C  N N 350 
TYR O    O  N N 351 
TYR CB   C  N N 352 
TYR CG   C  Y N 353 
TYR CD1  C  Y N 354 
TYR CD2  C  Y N 355 
TYR CE1  C  Y N 356 
TYR CE2  C  Y N 357 
TYR CZ   C  Y N 358 
TYR OH   O  N N 359 
TYR OXT  O  N N 360 
TYR H    H  N N 361 
TYR H2   H  N N 362 
TYR HA   H  N N 363 
TYR HB2  H  N N 364 
TYR HB3  H  N N 365 
TYR HD1  H  N N 366 
TYR HD2  H  N N 367 
TYR HE1  H  N N 368 
TYR HE2  H  N N 369 
TYR HH   H  N N 370 
TYR HXT  H  N N 371 
VAL N    N  N N 372 
VAL CA   C  N S 373 
VAL C    C  N N 374 
VAL O    O  N N 375 
VAL CB   C  N N 376 
VAL CG1  C  N N 377 
VAL CG2  C  N N 378 
VAL OXT  O  N N 379 
VAL H    H  N N 380 
VAL H2   H  N N 381 
VAL HA   H  N N 382 
VAL HB   H  N N 383 
VAL HG11 H  N N 384 
VAL HG12 H  N N 385 
VAL HG13 H  N N 386 
VAL HG21 H  N N 387 
VAL HG22 H  N N 388 
VAL HG23 H  N N 389 
VAL HXT  H  N N 390 
# 
loop_
_chem_comp_bond.comp_id 
_chem_comp_bond.atom_id_1 
_chem_comp_bond.atom_id_2 
_chem_comp_bond.value_order 
_chem_comp_bond.pdbx_aromatic_flag 
_chem_comp_bond.pdbx_stereo_config 
_chem_comp_bond.pdbx_ordinal 
ALA N   CA   sing N N 1   
ALA N   H    sing N N 2   
ALA N   H2   sing N N 3   
ALA CA  C    sing N N 4   
ALA CA  CB   sing N N 5   
ALA CA  HA   sing N N 6   
ALA C   O    doub N N 7   
ALA C   OXT  sing N N 8   
ALA CB  HB1  sing N N 9   
ALA CB  HB2  sing N N 10  
ALA CB  HB3  sing N N 11  
ALA OXT HXT  sing N N 12  
ARG N   CA   sing N N 13  
ARG N   H    sing N N 14  
ARG N   H2   sing N N 15  
ARG CA  C    sing N N 16  
ARG CA  CB   sing N N 17  
ARG CA  HA   sing N N 18  
ARG C   O    doub N N 19  
ARG C   OXT  sing N N 20  
ARG CB  CG   sing N N 21  
ARG CB  HB2  sing N N 22  
ARG CB  HB3  sing N N 23  
ARG CG  CD   sing N N 24  
ARG CG  HG2  sing N N 25  
ARG CG  HG3  sing N N 26  
ARG CD  NE   sing N N 27  
ARG CD  HD2  sing N N 28  
ARG CD  HD3  sing N N 29  
ARG NE  CZ   sing N N 30  
ARG NE  HE   sing N N 31  
ARG CZ  NH1  sing N N 32  
ARG CZ  NH2  doub N N 33  
ARG NH1 HH11 sing N N 34  
ARG NH1 HH12 sing N N 35  
ARG NH2 HH21 sing N N 36  
ARG NH2 HH22 sing N N 37  
ARG OXT HXT  sing N N 38  
ASN N   CA   sing N N 39  
ASN N   H    sing N N 40  
ASN N   H2   sing N N 41  
ASN CA  C    sing N N 42  
ASN CA  CB   sing N N 43  
ASN CA  HA   sing N N 44  
ASN C   O    doub N N 45  
ASN C   OXT  sing N N 46  
ASN CB  CG   sing N N 47  
ASN CB  HB2  sing N N 48  
ASN CB  HB3  sing N N 49  
ASN CG  OD1  doub N N 50  
ASN CG  ND2  sing N N 51  
ASN ND2 HD21 sing N N 52  
ASN ND2 HD22 sing N N 53  
ASN OXT HXT  sing N N 54  
ASP N   CA   sing N N 55  
ASP N   H    sing N N 56  
ASP N   H2   sing N N 57  
ASP CA  C    sing N N 58  
ASP CA  CB   sing N N 59  
ASP CA  HA   sing N N 60  
ASP C   O    doub N N 61  
ASP C   OXT  sing N N 62  
ASP CB  CG   sing N N 63  
ASP CB  HB2  sing N N 64  
ASP CB  HB3  sing N N 65  
ASP CG  OD1  doub N N 66  
ASP CG  OD2  sing N N 67  
ASP OD2 HD2  sing N N 68  
ASP OXT HXT  sing N N 69  
CYS N   CA   sing N N 70  
CYS N   H    sing N N 71  
CYS N   H2   sing N N 72  
CYS CA  C    sing N N 73  
CYS CA  CB   sing N N 74  
CYS CA  HA   sing N N 75  
CYS C   O    doub N N 76  
CYS C   OXT  sing N N 77  
CYS CB  SG   sing N N 78  
CYS CB  HB2  sing N N 79  
CYS CB  HB3  sing N N 80  
CYS SG  HG   sing N N 81  
CYS OXT HXT  sing N N 82  
GLN N   CA   sing N N 83  
GLN N   H    sing N N 84  
GLN N   H2   sing N N 85  
GLN CA  C    sing N N 86  
GLN CA  CB   sing N N 87  
GLN CA  HA   sing N N 88  
GLN C   O    doub N N 89  
GLN C   OXT  sing N N 90  
GLN CB  CG   sing N N 91  
GLN CB  HB2  sing N N 92  
GLN CB  HB3  sing N N 93  
GLN CG  CD   sing N N 94  
GLN CG  HG2  sing N N 95  
GLN CG  HG3  sing N N 96  
GLN CD  OE1  doub N N 97  
GLN CD  NE2  sing N N 98  
GLN NE2 HE21 sing N N 99  
GLN NE2 HE22 sing N N 100 
GLN OXT HXT  sing N N 101 
GLU N   CA   sing N N 102 
GLU N   H    sing N N 103 
GLU N   H2   sing N N 104 
GLU CA  C    sing N N 105 
GLU CA  CB   sing N N 106 
GLU CA  HA   sing N N 107 
GLU C   O    doub N N 108 
GLU C   OXT  sing N N 109 
GLU CB  CG   sing N N 110 
GLU CB  HB2  sing N N 111 
GLU CB  HB3  sing N N 112 
GLU CG  CD   sing N N 113 
GLU CG  HG2  sing N N 114 
GLU CG  HG3  sing N N 115 
GLU CD  OE1  doub N N 116 
GLU CD  OE2  sing N N 117 
GLU OE2 HE2  sing N N 118 
GLU OXT HXT  sing N N 119 
GLY N   CA   sing N N 120 
GLY N   H    sing N N 121 
GLY N   H2   sing N N 122 
GLY CA  C    sing N N 123 
GLY CA  HA2  sing N N 124 
GLY CA  HA3  sing N N 125 
GLY C   O    doub N N 126 
GLY C   OXT  sing N N 127 
GLY OXT HXT  sing N N 128 
HIS N   CA   sing N N 129 
HIS N   H    sing N N 130 
HIS N   H2   sing N N 131 
HIS CA  C    sing N N 132 
HIS CA  CB   sing N N 133 
HIS CA  HA   sing N N 134 
HIS C   O    doub N N 135 
HIS C   OXT  sing N N 136 
HIS CB  CG   sing N N 137 
HIS CB  HB2  sing N N 138 
HIS CB  HB3  sing N N 139 
HIS CG  ND1  sing Y N 140 
HIS CG  CD2  doub Y N 141 
HIS ND1 CE1  doub Y N 142 
HIS ND1 HD1  sing N N 143 
HIS CD2 NE2  sing Y N 144 
HIS CD2 HD2  sing N N 145 
HIS CE1 NE2  sing Y N 146 
HIS CE1 HE1  sing N N 147 
HIS NE2 HE2  sing N N 148 
HIS OXT HXT  sing N N 149 
HOH O   H1   sing N N 150 
HOH O   H2   sing N N 151 
ILE N   CA   sing N N 152 
ILE N   H    sing N N 153 
ILE N   H2   sing N N 154 
ILE CA  C    sing N N 155 
ILE CA  CB   sing N N 156 
ILE CA  HA   sing N N 157 
ILE C   O    doub N N 158 
ILE C   OXT  sing N N 159 
ILE CB  CG1  sing N N 160 
ILE CB  CG2  sing N N 161 
ILE CB  HB   sing N N 162 
ILE CG1 CD1  sing N N 163 
ILE CG1 HG12 sing N N 164 
ILE CG1 HG13 sing N N 165 
ILE CG2 HG21 sing N N 166 
ILE CG2 HG22 sing N N 167 
ILE CG2 HG23 sing N N 168 
ILE CD1 HD11 sing N N 169 
ILE CD1 HD12 sing N N 170 
ILE CD1 HD13 sing N N 171 
ILE OXT HXT  sing N N 172 
LEU N   CA   sing N N 173 
LEU N   H    sing N N 174 
LEU N   H2   sing N N 175 
LEU CA  C    sing N N 176 
LEU CA  CB   sing N N 177 
LEU CA  HA   sing N N 178 
LEU C   O    doub N N 179 
LEU C   OXT  sing N N 180 
LEU CB  CG   sing N N 181 
LEU CB  HB2  sing N N 182 
LEU CB  HB3  sing N N 183 
LEU CG  CD1  sing N N 184 
LEU CG  CD2  sing N N 185 
LEU CG  HG   sing N N 186 
LEU CD1 HD11 sing N N 187 
LEU CD1 HD12 sing N N 188 
LEU CD1 HD13 sing N N 189 
LEU CD2 HD21 sing N N 190 
LEU CD2 HD22 sing N N 191 
LEU CD2 HD23 sing N N 192 
LEU OXT HXT  sing N N 193 
LYS N   CA   sing N N 194 
LYS N   H    sing N N 195 
LYS N   H2   sing N N 196 
LYS CA  C    sing N N 197 
LYS CA  CB   sing N N 198 
LYS CA  HA   sing N N 199 
LYS C   O    doub N N 200 
LYS C   OXT  sing N N 201 
LYS CB  CG   sing N N 202 
LYS CB  HB2  sing N N 203 
LYS CB  HB3  sing N N 204 
LYS CG  CD   sing N N 205 
LYS CG  HG2  sing N N 206 
LYS CG  HG3  sing N N 207 
LYS CD  CE   sing N N 208 
LYS CD  HD2  sing N N 209 
LYS CD  HD3  sing N N 210 
LYS CE  NZ   sing N N 211 
LYS CE  HE2  sing N N 212 
LYS CE  HE3  sing N N 213 
LYS NZ  HZ1  sing N N 214 
LYS NZ  HZ2  sing N N 215 
LYS NZ  HZ3  sing N N 216 
LYS OXT HXT  sing N N 217 
MSE N   CA   sing N N 218 
MSE N   H    sing N N 219 
MSE N   H2   sing N N 220 
MSE CA  C    sing N N 221 
MSE CA  CB   sing N N 222 
MSE CA  HA   sing N N 223 
MSE C   O    doub N N 224 
MSE C   OXT  sing N N 225 
MSE OXT HXT  sing N N 226 
MSE CB  CG   sing N N 227 
MSE CB  HB2  sing N N 228 
MSE CB  HB3  sing N N 229 
MSE CG  SE   sing N N 230 
MSE CG  HG2  sing N N 231 
MSE CG  HG3  sing N N 232 
MSE SE  CE   sing N N 233 
MSE CE  HE1  sing N N 234 
MSE CE  HE2  sing N N 235 
MSE CE  HE3  sing N N 236 
PHE N   CA   sing N N 237 
PHE N   H    sing N N 238 
PHE N   H2   sing N N 239 
PHE CA  C    sing N N 240 
PHE CA  CB   sing N N 241 
PHE CA  HA   sing N N 242 
PHE C   O    doub N N 243 
PHE C   OXT  sing N N 244 
PHE CB  CG   sing N N 245 
PHE CB  HB2  sing N N 246 
PHE CB  HB3  sing N N 247 
PHE CG  CD1  doub Y N 248 
PHE CG  CD2  sing Y N 249 
PHE CD1 CE1  sing Y N 250 
PHE CD1 HD1  sing N N 251 
PHE CD2 CE2  doub Y N 252 
PHE CD2 HD2  sing N N 253 
PHE CE1 CZ   doub Y N 254 
PHE CE1 HE1  sing N N 255 
PHE CE2 CZ   sing Y N 256 
PHE CE2 HE2  sing N N 257 
PHE CZ  HZ   sing N N 258 
PHE OXT HXT  sing N N 259 
PRO N   CA   sing N N 260 
PRO N   CD   sing N N 261 
PRO N   H    sing N N 262 
PRO CA  C    sing N N 263 
PRO CA  CB   sing N N 264 
PRO CA  HA   sing N N 265 
PRO C   O    doub N N 266 
PRO C   OXT  sing N N 267 
PRO CB  CG   sing N N 268 
PRO CB  HB2  sing N N 269 
PRO CB  HB3  sing N N 270 
PRO CG  CD   sing N N 271 
PRO CG  HG2  sing N N 272 
PRO CG  HG3  sing N N 273 
PRO CD  HD2  sing N N 274 
PRO CD  HD3  sing N N 275 
PRO OXT HXT  sing N N 276 
SER N   CA   sing N N 277 
SER N   H    sing N N 278 
SER N   H2   sing N N 279 
SER CA  C    sing N N 280 
SER CA  CB   sing N N 281 
SER CA  HA   sing N N 282 
SER C   O    doub N N 283 
SER C   OXT  sing N N 284 
SER CB  OG   sing N N 285 
SER CB  HB2  sing N N 286 
SER CB  HB3  sing N N 287 
SER OG  HG   sing N N 288 
SER OXT HXT  sing N N 289 
THR N   CA   sing N N 290 
THR N   H    sing N N 291 
THR N   H2   sing N N 292 
THR CA  C    sing N N 293 
THR CA  CB   sing N N 294 
THR CA  HA   sing N N 295 
THR C   O    doub N N 296 
THR C   OXT  sing N N 297 
THR CB  OG1  sing N N 298 
THR CB  CG2  sing N N 299 
THR CB  HB   sing N N 300 
THR OG1 HG1  sing N N 301 
THR CG2 HG21 sing N N 302 
THR CG2 HG22 sing N N 303 
THR CG2 HG23 sing N N 304 
THR OXT HXT  sing N N 305 
TRP N   CA   sing N N 306 
TRP N   H    sing N N 307 
TRP N   H2   sing N N 308 
TRP CA  C    sing N N 309 
TRP CA  CB   sing N N 310 
TRP CA  HA   sing N N 311 
TRP C   O    doub N N 312 
TRP C   OXT  sing N N 313 
TRP CB  CG   sing N N 314 
TRP CB  HB2  sing N N 315 
TRP CB  HB3  sing N N 316 
TRP CG  CD1  doub Y N 317 
TRP CG  CD2  sing Y N 318 
TRP CD1 NE1  sing Y N 319 
TRP CD1 HD1  sing N N 320 
TRP CD2 CE2  doub Y N 321 
TRP CD2 CE3  sing Y N 322 
TRP NE1 CE2  sing Y N 323 
TRP NE1 HE1  sing N N 324 
TRP CE2 CZ2  sing Y N 325 
TRP CE3 CZ3  doub Y N 326 
TRP CE3 HE3  sing N N 327 
TRP CZ2 CH2  doub Y N 328 
TRP CZ2 HZ2  sing N N 329 
TRP CZ3 CH2  sing Y N 330 
TRP CZ3 HZ3  sing N N 331 
TRP CH2 HH2  sing N N 332 
TRP OXT HXT  sing N N 333 
TYR N   CA   sing N N 334 
TYR N   H    sing N N 335 
TYR N   H2   sing N N 336 
TYR CA  C    sing N N 337 
TYR CA  CB   sing N N 338 
TYR CA  HA   sing N N 339 
TYR C   O    doub N N 340 
TYR C   OXT  sing N N 341 
TYR CB  CG   sing N N 342 
TYR CB  HB2  sing N N 343 
TYR CB  HB3  sing N N 344 
TYR CG  CD1  doub Y N 345 
TYR CG  CD2  sing Y N 346 
TYR CD1 CE1  sing Y N 347 
TYR CD1 HD1  sing N N 348 
TYR CD2 CE2  doub Y N 349 
TYR CD2 HD2  sing N N 350 
TYR CE1 CZ   doub Y N 351 
TYR CE1 HE1  sing N N 352 
TYR CE2 CZ   sing Y N 353 
TYR CE2 HE2  sing N N 354 
TYR CZ  OH   sing N N 355 
TYR OH  HH   sing N N 356 
TYR OXT HXT  sing N N 357 
VAL N   CA   sing N N 358 
VAL N   H    sing N N 359 
VAL N   H2   sing N N 360 
VAL CA  C    sing N N 361 
VAL CA  CB   sing N N 362 
VAL CA  HA   sing N N 363 
VAL C   O    doub N N 364 
VAL C   OXT  sing N N 365 
VAL CB  CG1  sing N N 366 
VAL CB  CG2  sing N N 367 
VAL CB  HB   sing N N 368 
VAL CG1 HG11 sing N N 369 
VAL CG1 HG12 sing N N 370 
VAL CG1 HG13 sing N N 371 
VAL CG2 HG21 sing N N 372 
VAL CG2 HG22 sing N N 373 
VAL CG2 HG23 sing N N 374 
VAL OXT HXT  sing N N 375 
# 
_atom_sites.entry_id                    2YYO 
_atom_sites.fract_transf_matrix[1][1]   -0.01221136 
_atom_sites.fract_transf_matrix[1][2]   0.01448987 
_atom_sites.fract_transf_matrix[1][3]   0.00303658 
_atom_sites.fract_transf_matrix[2][1]   -0.01017676 
_atom_sites.fract_transf_matrix[2][2]   -0.00535685 
_atom_sites.fract_transf_matrix[2][3]   -0.01536334 
_atom_sites.fract_transf_matrix[3][1]   -0.00516013 
_atom_sites.fract_transf_matrix[3][2]   -0.00546431 
_atom_sites.fract_transf_matrix[3][3]   0.00532338 
_atom_sites.fract_transf_vector[1]      0.318154 
_atom_sites.fract_transf_vector[2]      0.086408 
_atom_sites.fract_transf_vector[3]      0.157210 
# 
loop_
_atom_type.symbol 
C  
N  
O  
S  
SE 
# 
loop_
_atom_site.group_PDB 
_atom_site.id 
_atom_site.type_symbol 
_atom_site.label_atom_id 
_atom_site.label_alt_id 
_atom_site.label_comp_id 
_atom_site.label_asym_id 
_atom_site.label_entity_id 
_atom_site.label_seq_id 
_atom_site.pdbx_PDB_ins_code 
_atom_site.Cartn_x 
_atom_site.Cartn_y 
_atom_site.Cartn_z 
_atom_site.occupancy 
_atom_site.B_iso_or_equiv 
_atom_site.pdbx_formal_charge 
_atom_site.auth_seq_id 
_atom_site.auth_comp_id 
_atom_site.auth_asym_id 
_atom_site.auth_atom_id 
_atom_site.pdbx_PDB_model_num 
ATOM   1    N  N   . SER A 1 6   ? -9.285  -5.060  10.199  1.00 34.58 ? 6   SER A N   1 
ATOM   2    C  CA  . SER A 1 6   ? -9.782  -3.650  10.190  1.00 32.55 ? 6   SER A CA  1 
ATOM   3    C  C   . SER A 1 6   ? -10.965 -3.536  9.239   1.00 30.41 ? 6   SER A C   1 
ATOM   4    O  O   . SER A 1 6   ? -12.056 -3.125  9.641   1.00 30.51 ? 6   SER A O   1 
ATOM   5    C  CB  . SER A 1 6   ? -8.666  -2.693  9.753   1.00 33.85 ? 6   SER A CB  1 
ATOM   6    O  OG  . SER A 1 6   ? -9.119  -1.348  9.726   1.00 31.03 ? 6   SER A OG  1 
ATOM   7    N  N   . GLY A 1 7   ? -10.749 -3.903  7.977   1.00 26.89 ? 7   GLY A N   1 
ATOM   8    C  CA  . GLY A 1 7   ? -11.826 -3.839  7.008   1.00 22.98 ? 7   GLY A CA  1 
ATOM   9    C  C   . GLY A 1 7   ? -11.416 -3.809  5.547   1.00 21.15 ? 7   GLY A C   1 
ATOM   10   O  O   . GLY A 1 7   ? -10.316 -3.383  5.197   1.00 20.58 ? 7   GLY A O   1 
ATOM   11   N  N   . PHE A 1 8   ? -12.308 -4.287  4.689   1.00 18.49 ? 8   PHE A N   1 
ATOM   12   C  CA  . PHE A 1 8   ? -12.067 -4.280  3.257   1.00 18.96 ? 8   PHE A CA  1 
ATOM   13   C  C   . PHE A 1 8   ? -13.375 -4.377  2.486   1.00 18.46 ? 8   PHE A C   1 
ATOM   14   O  O   . PHE A 1 8   ? -14.359 -4.954  2.964   1.00 19.93 ? 8   PHE A O   1 
ATOM   15   C  CB  . PHE A 1 8   ? -11.109 -5.416  2.834   1.00 19.79 ? 8   PHE A CB  1 
ATOM   16   C  CG  . PHE A 1 8   ? -11.452 -6.772  3.404   1.00 20.41 ? 8   PHE A CG  1 
ATOM   17   C  CD1 . PHE A 1 8   ? -11.053 -7.119  4.692   1.00 21.78 ? 8   PHE A CD1 1 
ATOM   18   C  CD2 . PHE A 1 8   ? -12.144 -7.706  2.646   1.00 21.42 ? 8   PHE A CD2 1 
ATOM   19   C  CE1 . PHE A 1 8   ? -11.337 -8.378  5.212   1.00 24.00 ? 8   PHE A CE1 1 
ATOM   20   C  CE2 . PHE A 1 8   ? -12.433 -8.966  3.156   1.00 21.45 ? 8   PHE A CE2 1 
ATOM   21   C  CZ  . PHE A 1 8   ? -12.028 -9.305  4.442   1.00 20.54 ? 8   PHE A CZ  1 
ATOM   22   N  N   . LYS A 1 9   ? -13.383 -3.778  1.303   1.00 18.03 ? 9   LYS A N   1 
ATOM   23   C  CA  . LYS A 1 9   ? -14.544 -3.783  0.422   1.00 17.69 ? 9   LYS A CA  1 
ATOM   24   C  C   . LYS A 1 9   ? -14.074 -4.136  -0.978  1.00 18.92 ? 9   LYS A C   1 
ATOM   25   O  O   . LYS A 1 9   ? -12.994 -3.715  -1.398  1.00 17.58 ? 9   LYS A O   1 
ATOM   26   C  CB  . LYS A 1 9   ? -15.201 -2.396  0.379   1.00 19.11 ? 9   LYS A CB  1 
ATOM   27   C  CG  . LYS A 1 9   ? -15.985 -2.012  1.614   1.00 20.48 ? 9   LYS A CG  1 
ATOM   28   C  CD  . LYS A 1 9   ? -16.603 -0.616  1.474   1.00 20.12 ? 9   LYS A CD  1 
ATOM   29   C  CE  . LYS A 1 9   ? -17.622 -0.542  0.344   1.00 22.77 ? 9   LYS A CE  1 
ATOM   30   N  NZ  . LYS A 1 9   ? -18.322 0.779   0.346   1.00 19.66 ? 9   LYS A NZ  1 
ATOM   31   N  N   . HIS A 1 10  ? -14.893 -4.897  -1.696  1.00 19.05 ? 10  HIS A N   1 
ATOM   32   C  CA  . HIS A 1 10  ? -14.592 -5.297  -3.063  1.00 22.41 ? 10  HIS A CA  1 
ATOM   33   C  C   . HIS A 1 10  ? -13.289 -6.073  -3.222  1.00 22.32 ? 10  HIS A C   1 
ATOM   34   O  O   . HIS A 1 10  ? -12.668 -6.049  -4.286  1.00 21.29 ? 10  HIS A O   1 
ATOM   35   C  CB  . HIS A 1 10  ? -14.588 -4.070  -3.974  1.00 22.50 ? 10  HIS A CB  1 
ATOM   36   C  CG  . HIS A 1 10  ? -15.913 -3.380  -4.043  1.00 25.82 ? 10  HIS A CG  1 
ATOM   37   N  ND1 . HIS A 1 10  ? -17.085 -4.052  -4.319  1.00 27.82 ? 10  HIS A ND1 1 
ATOM   38   C  CD2 . HIS A 1 10  ? -16.259 -2.085  -3.849  1.00 27.91 ? 10  HIS A CD2 1 
ATOM   39   C  CE1 . HIS A 1 10  ? -18.096 -3.201  -4.291  1.00 28.39 ? 10  HIS A CE1 1 
ATOM   40   N  NE2 . HIS A 1 10  ? -17.621 -2.001  -4.008  1.00 27.11 ? 10  HIS A NE2 1 
ATOM   41   N  N   . ILE A 1 11  ? -12.895 -6.767  -2.158  1.00 23.70 ? 11  ILE A N   1 
ATOM   42   C  CA  . ILE A 1 11  ? -11.689 -7.583  -2.155  1.00 23.79 ? 11  ILE A CA  1 
ATOM   43   C  C   . ILE A 1 11  ? -11.983 -8.894  -1.428  1.00 26.08 ? 11  ILE A C   1 
ATOM   44   O  O   . ILE A 1 11  ? -12.485 -8.882  -0.305  1.00 26.79 ? 11  ILE A O   1 
ATOM   45   C  CB  . ILE A 1 11  ? -10.524 -6.882  -1.422  1.00 22.78 ? 11  ILE A CB  1 
ATOM   46   C  CG1 . ILE A 1 11  ? -10.046 -5.673  -2.223  1.00 24.41 ? 11  ILE A CG1 1 
ATOM   47   C  CG2 . ILE A 1 11  ? -9.379  -7.858  -1.202  1.00 22.97 ? 11  ILE A CG2 1 
ATOM   48   C  CD1 . ILE A 1 11  ? -8.944  -4.895  -1.548  1.00 22.27 ? 11  ILE A CD1 1 
ATOM   49   N  N   . LEU A 1 12  ? -11.692 -10.021 -2.072  1.00 26.93 ? 12  LEU A N   1 
ATOM   50   C  CA  . LEU A 1 12  ? -11.904 -11.316 -1.432  1.00 27.49 ? 12  LEU A CA  1 
ATOM   51   C  C   . LEU A 1 12  ? -10.611 -11.689 -0.717  1.00 27.97 ? 12  LEU A C   1 
ATOM   52   O  O   . LEU A 1 12  ? -9.521  -11.593 -1.289  1.00 25.25 ? 12  LEU A O   1 
ATOM   53   C  CB  . LEU A 1 12  ? -12.254 -12.394 -2.459  1.00 30.00 ? 12  LEU A CB  1 
ATOM   54   C  CG  . LEU A 1 12  ? -13.560 -12.226 -3.239  1.00 31.21 ? 12  LEU A CG  1 
ATOM   55   C  CD1 . LEU A 1 12  ? -13.795 -13.462 -4.094  1.00 32.70 ? 12  LEU A CD1 1 
ATOM   56   C  CD2 . LEU A 1 12  ? -14.722 -12.019 -2.273  1.00 31.48 ? 12  LEU A CD2 1 
ATOM   57   N  N   . VAL A 1 13  ? -10.727 -12.099 0.538   1.00 25.95 ? 13  VAL A N   1 
ATOM   58   C  CA  . VAL A 1 13  ? -9.548  -12.464 1.298   1.00 27.31 ? 13  VAL A CA  1 
ATOM   59   C  C   . VAL A 1 13  ? -9.567  -13.939 1.647   1.00 27.99 ? 13  VAL A C   1 
ATOM   60   O  O   . VAL A 1 13  ? -10.433 -14.403 2.380   1.00 28.90 ? 13  VAL A O   1 
ATOM   61   C  CB  . VAL A 1 13  ? -9.436  -11.636 2.599   1.00 26.24 ? 13  VAL A CB  1 
ATOM   62   C  CG1 . VAL A 1 13  ? -8.235  -12.107 3.416   1.00 26.04 ? 13  VAL A CG1 1 
ATOM   63   C  CG2 . VAL A 1 13  ? -9.292  -10.154 2.263   1.00 26.66 ? 13  VAL A CG2 1 
ATOM   64   N  N   . ASP A 1 14  ? -8.603  -14.666 1.099   1.00 28.86 ? 14  ASP A N   1 
ATOM   65   C  CA  . ASP A 1 14  ? -8.462  -16.091 1.347   1.00 30.35 ? 14  ASP A CA  1 
ATOM   66   C  C   . ASP A 1 14  ? -7.057  -16.248 1.916   1.00 29.02 ? 14  ASP A C   1 
ATOM   67   O  O   . ASP A 1 14  ? -6.093  -16.420 1.172   1.00 28.51 ? 14  ASP A O   1 
ATOM   68   C  CB  . ASP A 1 14  ? -8.582  -16.875 0.037   1.00 33.19 ? 14  ASP A CB  1 
ATOM   69   C  CG  . ASP A 1 14  ? -8.705  -18.367 0.262   1.00 36.46 ? 14  ASP A CG  1 
ATOM   70   O  OD1 . ASP A 1 14  ? -8.156  -18.859 1.268   1.00 37.08 ? 14  ASP A OD1 1 
ATOM   71   O  OD2 . ASP A 1 14  ? -9.343  -19.047 -0.574  1.00 39.03 ? 14  ASP A OD2 1 
ATOM   72   N  N   . GLY A 1 15  ? -6.942  -16.172 3.236   1.00 28.43 ? 15  GLY A N   1 
ATOM   73   C  CA  . GLY A 1 15  ? -5.634  -16.284 3.853   1.00 28.91 ? 15  GLY A CA  1 
ATOM   74   C  C   . GLY A 1 15  ? -4.839  -15.020 3.569   1.00 28.89 ? 15  GLY A C   1 
ATOM   75   O  O   . GLY A 1 15  ? -5.305  -13.918 3.867   1.00 27.24 ? 15  GLY A O   1 
ATOM   76   N  N   . ASP A 1 16  ? -3.651  -15.167 2.983   1.00 27.45 ? 16  ASP A N   1 
ATOM   77   C  CA  . ASP A 1 16  ? -2.808  -14.015 2.666   1.00 26.83 ? 16  ASP A CA  1 
ATOM   78   C  C   . ASP A 1 16  ? -3.047  -13.501 1.251   1.00 24.77 ? 16  ASP A C   1 
ATOM   79   O  O   . ASP A 1 16  ? -2.423  -12.526 0.815   1.00 21.76 ? 16  ASP A O   1 
ATOM   80   C  CB  . ASP A 1 16  ? -1.328  -14.376 2.830   1.00 30.41 ? 16  ASP A CB  1 
ATOM   81   C  CG  . ASP A 1 16  ? -0.950  -14.653 4.275   1.00 35.38 ? 16  ASP A CG  1 
ATOM   82   O  OD1 . ASP A 1 16  ? -1.027  -13.721 5.106   1.00 37.96 ? 16  ASP A OD1 1 
ATOM   83   O  OD2 . ASP A 1 16  ? -0.573  -15.803 4.579   1.00 39.08 ? 16  ASP A OD2 1 
ATOM   84   N  N   . THR A 1 17  ? -3.954  -14.160 0.538   1.00 23.11 ? 17  THR A N   1 
ATOM   85   C  CA  . THR A 1 17  ? -4.284  -13.792 -0.830  1.00 21.44 ? 17  THR A CA  1 
ATOM   86   C  C   . THR A 1 17  ? -5.477  -12.836 -0.889  1.00 20.90 ? 17  THR A C   1 
ATOM   87   O  O   . THR A 1 17  ? -6.533  -13.122 -0.341  1.00 20.24 ? 17  THR A O   1 
ATOM   88   C  CB  . THR A 1 17  ? -4.615  -15.048 -1.663  1.00 23.22 ? 17  THR A CB  1 
ATOM   89   O  OG1 . THR A 1 17  ? -3.514  -15.965 -1.607  1.00 24.54 ? 17  THR A OG1 1 
ATOM   90   C  CG2 . THR A 1 17  ? -4.887  -14.673 -3.117  1.00 23.50 ? 17  THR A CG2 1 
ATOM   91   N  N   . LEU A 1 18  ? -5.288  -11.701 -1.558  1.00 19.50 ? 18  LEU A N   1 
ATOM   92   C  CA  . LEU A 1 18  ? -6.332  -10.695 -1.737  1.00 18.28 ? 18  LEU A CA  1 
ATOM   93   C  C   . LEU A 1 18  ? -6.646  -10.589 -3.226  1.00 18.53 ? 18  LEU A C   1 
ATOM   94   O  O   . LEU A 1 18  ? -5.750  -10.349 -4.037  1.00 19.26 ? 18  LEU A O   1 
ATOM   95   C  CB  . LEU A 1 18  ? -5.858  -9.331  -1.237  1.00 19.79 ? 18  LEU A CB  1 
ATOM   96   C  CG  . LEU A 1 18  ? -5.850  -8.995  0.257   1.00 21.92 ? 18  LEU A CG  1 
ATOM   97   C  CD1 . LEU A 1 18  ? -5.261  -10.117 1.084   1.00 22.90 ? 18  LEU A CD1 1 
ATOM   98   C  CD2 . LEU A 1 18  ? -5.059  -7.711  0.439   1.00 22.37 ? 18  LEU A CD2 1 
ATOM   99   N  N   . SER A 1 19  ? -7.915  -10.754 -3.584  1.00 18.18 ? 19  SER A N   1 
ATOM   100  C  CA  . SER A 1 19  ? -8.324  -10.690 -4.984  1.00 20.35 ? 19  SER A CA  1 
ATOM   101  C  C   . SER A 1 19  ? -9.421  -9.650  -5.201  1.00 21.12 ? 19  SER A C   1 
ATOM   102  O  O   . SER A 1 19  ? -10.396 -9.601  -4.449  1.00 19.24 ? 19  SER A O   1 
ATOM   103  C  CB  . SER A 1 19  ? -8.840  -12.058 -5.428  1.00 21.85 ? 19  SER A CB  1 
ATOM   104  O  OG  . SER A 1 19  ? -7.961  -13.092 -5.020  1.00 28.33 ? 19  SER A OG  1 
ATOM   105  N  N   . TYR A 1 20  ? -9.267  -8.825  -6.232  1.00 21.24 ? 20  TYR A N   1 
ATOM   106  C  CA  . TYR A 1 20  ? -10.270 -7.809  -6.529  1.00 22.07 ? 20  TYR A CA  1 
ATOM   107  C  C   . TYR A 1 20  ? -11.578 -8.530  -6.803  1.00 24.31 ? 20  TYR A C   1 
ATOM   108  O  O   . TYR A 1 20  ? -11.591 -9.608  -7.398  1.00 20.33 ? 20  TYR A O   1 
ATOM   109  C  CB  . TYR A 1 20  ? -9.875  -6.984  -7.758  1.00 21.76 ? 20  TYR A CB  1 
ATOM   110  C  CG  . TYR A 1 20  ? -10.898 -5.938  -8.152  1.00 21.63 ? 20  TYR A CG  1 
ATOM   111  C  CD1 . TYR A 1 20  ? -11.082 -4.784  -7.386  1.00 20.33 ? 20  TYR A CD1 1 
ATOM   112  C  CD2 . TYR A 1 20  ? -11.698 -6.109  -9.286  1.00 21.23 ? 20  TYR A CD2 1 
ATOM   113  C  CE1 . TYR A 1 20  ? -12.037 -3.826  -7.739  1.00 22.48 ? 20  TYR A CE1 1 
ATOM   114  C  CE2 . TYR A 1 20  ? -12.653 -5.163  -9.649  1.00 22.75 ? 20  TYR A CE2 1 
ATOM   115  C  CZ  . TYR A 1 20  ? -12.818 -4.025  -8.872  1.00 22.96 ? 20  TYR A CZ  1 
ATOM   116  O  OH  . TYR A 1 20  ? -13.770 -3.099  -9.224  1.00 22.79 ? 20  TYR A OH  1 
ATOM   117  N  N   . HIS A 1 21  ? -12.679 -7.931  -6.364  1.00 27.49 ? 21  HIS A N   1 
ATOM   118  C  CA  . HIS A 1 21  ? -13.985 -8.529  -6.559  1.00 32.16 ? 21  HIS A CA  1 
ATOM   119  C  C   . HIS A 1 21  ? -15.031 -7.426  -6.598  1.00 34.30 ? 21  HIS A C   1 
ATOM   120  O  O   . HIS A 1 21  ? -15.848 -7.294  -5.691  1.00 36.90 ? 21  HIS A O   1 
ATOM   121  C  CB  . HIS A 1 21  ? -14.271 -9.515  -5.421  1.00 33.99 ? 21  HIS A CB  1 
ATOM   122  C  CG  . HIS A 1 21  ? -15.542 -10.284 -5.588  1.00 37.15 ? 21  HIS A CG  1 
ATOM   123  N  ND1 . HIS A 1 21  ? -16.778 -9.759  -5.273  1.00 38.56 ? 21  HIS A ND1 1 
ATOM   124  C  CD2 . HIS A 1 21  ? -15.773 -11.532 -6.057  1.00 38.26 ? 21  HIS A CD2 1 
ATOM   125  C  CE1 . HIS A 1 21  ? -17.714 -10.652 -5.540  1.00 40.11 ? 21  HIS A CE1 1 
ATOM   126  N  NE2 . HIS A 1 21  ? -17.131 -11.737 -6.018  1.00 40.28 ? 21  HIS A NE2 1 
ATOM   127  N  N   . GLY A 1 22  ? -14.984 -6.624  -7.655  1.00 35.28 ? 22  GLY A N   1 
ATOM   128  C  CA  . GLY A 1 22  ? -15.924 -5.532  -7.799  1.00 37.76 ? 22  GLY A CA  1 
ATOM   129  C  C   . GLY A 1 22  ? -16.458 -5.441  -9.212  1.00 38.14 ? 22  GLY A C   1 
ATOM   130  O  O   . GLY A 1 22  ? -15.943 -6.087  -10.122 1.00 36.55 ? 22  GLY A O   1 
ATOM   131  N  N   . ASN A 1 23  ? -17.498 -4.636  -9.396  1.00 41.09 ? 23  ASN A N   1 
ATOM   132  C  CA  . ASN A 1 23  ? -18.101 -4.467  -10.708 1.00 43.92 ? 23  ASN A CA  1 
ATOM   133  C  C   . ASN A 1 23  ? -18.028 -3.034  -11.211 1.00 44.34 ? 23  ASN A C   1 
ATOM   134  O  O   . ASN A 1 23  ? -18.211 -2.078  -10.454 1.00 45.63 ? 23  ASN A O   1 
ATOM   135  C  CB  . ASN A 1 23  ? -19.563 -4.920  -10.684 1.00 46.27 ? 23  ASN A CB  1 
ATOM   136  C  CG  . ASN A 1 23  ? -19.709 -6.429  -10.755 1.00 48.13 ? 23  ASN A CG  1 
ATOM   137  O  OD1 . ASN A 1 23  ? -19.301 -7.059  -11.733 1.00 49.94 ? 23  ASN A OD1 1 
ATOM   138  N  ND2 . ASN A 1 23  ? -20.297 -7.018  -9.718  1.00 48.51 ? 23  ASN A ND2 1 
ATOM   139  N  N   . SER A 1 24  ? -17.751 -2.907  -12.503 1.00 44.39 ? 24  SER A N   1 
ATOM   140  C  CA  . SER A 1 24  ? -17.661 -1.619  -13.180 1.00 43.55 ? 24  SER A CA  1 
ATOM   141  C  C   . SER A 1 24  ? -17.252 -0.424  -12.317 1.00 41.09 ? 24  SER A C   1 
ATOM   142  O  O   . SER A 1 24  ? -18.083 0.165   -11.621 1.00 42.02 ? 24  SER A O   1 
ATOM   143  C  CB  . SER A 1 24  ? -18.998 -1.313  -13.868 1.00 45.77 ? 24  SER A CB  1 
ATOM   144  O  OG  . SER A 1 24  ? -18.943 -0.100  -14.603 1.00 47.63 ? 24  SER A OG  1 
ATOM   145  N  N   . GLY A 1 25  ? -15.965 -0.087  -12.367 1.00 38.14 ? 25  GLY A N   1 
ATOM   146  C  CA  . GLY A 1 25  ? -15.442 1.064   -11.645 1.00 34.52 ? 25  GLY A CA  1 
ATOM   147  C  C   . GLY A 1 25  ? -15.386 1.084   -10.130 1.00 32.09 ? 25  GLY A C   1 
ATOM   148  O  O   . GLY A 1 25  ? -15.115 2.132   -9.545  1.00 31.32 ? 25  GLY A O   1 
ATOM   149  N  N   . GLU A 1 26  ? -15.630 -0.046  -9.480  1.00 29.26 ? 26  GLU A N   1 
ATOM   150  C  CA  . GLU A 1 26  ? -15.583 -0.072  -8.023  1.00 26.34 ? 26  GLU A CA  1 
ATOM   151  C  C   . GLU A 1 26  ? -14.150 -0.231  -7.519  1.00 24.71 ? 26  GLU A C   1 
ATOM   152  O  O   . GLU A 1 26  ? -13.409 -1.094  -7.990  1.00 22.35 ? 26  GLU A O   1 
ATOM   153  C  CB  . GLU A 1 26  ? -16.461 -1.202  -7.492  1.00 28.59 ? 26  GLU A CB  1 
ATOM   154  C  CG  . GLU A 1 26  ? -17.950 -0.908  -7.613  1.00 32.08 ? 26  GLU A CG  1 
ATOM   155  C  CD  . GLU A 1 26  ? -18.812 -2.118  -7.328  1.00 34.05 ? 26  GLU A CD  1 
ATOM   156  O  OE1 . GLU A 1 26  ? -20.040 -1.947  -7.178  1.00 35.00 ? 26  GLU A OE1 1 
ATOM   157  O  OE2 . GLU A 1 26  ? -18.264 -3.238  -7.261  1.00 34.23 ? 26  GLU A OE2 1 
ATOM   158  N  N   . VAL A 1 27  ? -13.758 0.622   -6.577  1.00 23.29 ? 27  VAL A N   1 
ATOM   159  C  CA  . VAL A 1 27  ? -12.417 0.563   -6.001  1.00 21.43 ? 27  VAL A CA  1 
ATOM   160  C  C   . VAL A 1 27  ? -12.434 -0.378  -4.801  1.00 22.13 ? 27  VAL A C   1 
ATOM   161  O  O   . VAL A 1 27  ? -13.323 -0.294  -3.954  1.00 21.42 ? 27  VAL A O   1 
ATOM   162  C  CB  . VAL A 1 27  ? -11.943 1.948   -5.504  1.00 23.68 ? 27  VAL A CB  1 
ATOM   163  C  CG1 . VAL A 1 27  ? -10.595 1.814   -4.788  1.00 21.53 ? 27  VAL A CG1 1 
ATOM   164  C  CG2 . VAL A 1 27  ? -11.834 2.921   -6.673  1.00 24.31 ? 27  VAL A CG2 1 
ATOM   165  N  N   . GLY A 1 28  ? -11.460 -1.280  -4.739  1.00 20.65 ? 28  GLY A N   1 
ATOM   166  C  CA  . GLY A 1 28  ? -11.380 -2.201  -3.620  1.00 21.44 ? 28  GLY A CA  1 
ATOM   167  C  C   . GLY A 1 28  ? -10.273 -1.743  -2.682  1.00 20.92 ? 28  GLY A C   1 
ATOM   168  O  O   . GLY A 1 28  ? -9.198  -1.354  -3.133  1.00 20.08 ? 28  GLY A O   1 
ATOM   169  N  N   . CYS A 1 29  ? -10.526 -1.775  -1.379  1.00 21.18 ? 29  CYS A N   1 
ATOM   170  C  CA  . CYS A 1 29  ? -9.518  -1.348  -0.422  1.00 21.35 ? 29  CYS A CA  1 
ATOM   171  C  C   . CYS A 1 29  ? -9.463  -2.297  0.770   1.00 22.11 ? 29  CYS A C   1 
ATOM   172  O  O   . CYS A 1 29  ? -10.487 -2.791  1.234   1.00 21.03 ? 29  CYS A O   1 
ATOM   173  C  CB  . CYS A 1 29  ? -9.808  0.080   0.054   1.00 23.48 ? 29  CYS A CB  1 
ATOM   174  S  SG  . CYS A 1 29  ? -8.540  0.769   1.159   1.00 26.55 ? 29  CYS A SG  1 
ATOM   175  N  N   . TYR A 1 30  ? -8.250  -2.547  1.252   1.00 21.40 ? 30  TYR A N   1 
ATOM   176  C  CA  . TYR A 1 30  ? -8.018  -3.436  2.384   1.00 20.22 ? 30  TYR A CA  1 
ATOM   177  C  C   . TYR A 1 30  ? -7.116  -2.718  3.381   1.00 21.35 ? 30  TYR A C   1 
ATOM   178  O  O   . TYR A 1 30  ? -6.087  -2.159  2.997   1.00 20.92 ? 30  TYR A O   1 
ATOM   179  C  CB  . TYR A 1 30  ? -7.333  -4.723  1.899   1.00 22.90 ? 30  TYR A CB  1 
ATOM   180  C  CG  . TYR A 1 30  ? -6.821  -5.620  3.009   1.00 23.41 ? 30  TYR A CG  1 
ATOM   181  C  CD1 . TYR A 1 30  ? -7.579  -6.687  3.482   1.00 25.44 ? 30  TYR A CD1 1 
ATOM   182  C  CD2 . TYR A 1 30  ? -5.590  -5.370  3.616   1.00 25.31 ? 30  TYR A CD2 1 
ATOM   183  C  CE1 . TYR A 1 30  ? -7.122  -7.485  4.544   1.00 26.99 ? 30  TYR A CE1 1 
ATOM   184  C  CE2 . TYR A 1 30  ? -5.127  -6.151  4.668   1.00 26.39 ? 30  TYR A CE2 1 
ATOM   185  C  CZ  . TYR A 1 30  ? -5.895  -7.204  5.129   1.00 27.80 ? 30  TYR A CZ  1 
ATOM   186  O  OH  . TYR A 1 30  ? -5.436  -7.962  6.184   1.00 30.30 ? 30  TYR A OH  1 
ATOM   187  N  N   . VAL A 1 31  ? -7.504  -2.711  4.654   1.00 19.46 ? 31  VAL A N   1 
ATOM   188  C  CA  . VAL A 1 31  ? -6.692  -2.074  5.683   1.00 19.38 ? 31  VAL A CA  1 
ATOM   189  C  C   . VAL A 1 31  ? -6.408  -3.110  6.763   1.00 21.10 ? 31  VAL A C   1 
ATOM   190  O  O   . VAL A 1 31  ? -7.327  -3.748  7.285   1.00 21.68 ? 31  VAL A O   1 
ATOM   191  C  CB  . VAL A 1 31  ? -7.401  -0.845  6.309   1.00 19.07 ? 31  VAL A CB  1 
ATOM   192  C  CG1 . VAL A 1 31  ? -6.501  -0.193  7.360   1.00 18.94 ? 31  VAL A CG1 1 
ATOM   193  C  CG2 . VAL A 1 31  ? -7.731  0.170   5.226   1.00 19.98 ? 31  VAL A CG2 1 
ATOM   194  N  N   . ALA A 1 32  ? -5.131  -3.292  7.072   1.00 20.86 ? 32  ALA A N   1 
ATOM   195  C  CA  . ALA A 1 32  ? -4.706  -4.260  8.077   1.00 24.55 ? 32  ALA A CA  1 
ATOM   196  C  C   . ALA A 1 32  ? -5.202  -3.896  9.472   1.00 25.28 ? 32  ALA A C   1 
ATOM   197  O  O   . ALA A 1 32  ? -5.534  -2.741  9.745   1.00 25.99 ? 32  ALA A O   1 
ATOM   198  C  CB  . ALA A 1 32  ? -3.189  -4.373  8.077   1.00 23.60 ? 32  ALA A CB  1 
ATOM   199  N  N   . SER A 1 33  ? -5.231  -4.891  10.353  1.00 27.84 ? 33  SER A N   1 
ATOM   200  C  CA  . SER A 1 33  ? -5.700  -4.713  11.725  1.00 31.03 ? 33  SER A CA  1 
ATOM   201  C  C   . SER A 1 33  ? -4.759  -3.906  12.621  1.00 30.15 ? 33  SER A C   1 
ATOM   202  O  O   . SER A 1 33  ? -5.202  -3.061  13.395  1.00 31.33 ? 33  SER A O   1 
ATOM   203  C  CB  . SER A 1 33  ? -5.938  -6.084  12.374  1.00 31.32 ? 33  SER A CB  1 
ATOM   204  O  OG  . SER A 1 33  ? -6.777  -6.899  11.573  1.00 37.66 ? 33  SER A OG  1 
ATOM   205  N  N   . ARG A 1 34  ? -3.460  -4.172  12.519  1.00 30.48 ? 34  ARG A N   1 
ATOM   206  C  CA  . ARG A 1 34  ? -2.481  -3.489  13.356  1.00 28.93 ? 34  ARG A CA  1 
ATOM   207  C  C   . ARG A 1 34  ? -1.562  -2.538  12.597  1.00 27.75 ? 34  ARG A C   1 
ATOM   208  O  O   . ARG A 1 34  ? -1.225  -2.772  11.439  1.00 26.61 ? 34  ARG A O   1 
ATOM   209  C  CB  . ARG A 1 34  ? -1.638  -4.527  14.104  1.00 32.03 ? 34  ARG A CB  1 
ATOM   210  C  CG  . ARG A 1 34  ? -2.441  -5.441  15.030  1.00 36.20 ? 34  ARG A CG  1 
ATOM   211  C  CD  . ARG A 1 34  ? -2.198  -5.101  16.496  1.00 40.24 ? 34  ARG A CD  1 
ATOM   212  N  NE  . ARG A 1 34  ? -2.460  -3.693  16.784  1.00 44.23 ? 34  ARG A NE  1 
ATOM   213  C  CZ  . ARG A 1 34  ? -2.227  -3.111  17.957  1.00 45.78 ? 34  ARG A CZ  1 
ATOM   214  N  NH1 . ARG A 1 34  ? -2.498  -1.823  18.122  1.00 45.96 ? 34  ARG A NH1 1 
ATOM   215  N  NH2 . ARG A 1 34  ? -1.722  -3.811  18.965  1.00 45.88 ? 34  ARG A NH2 1 
ATOM   216  N  N   . PRO A 1 35  ? -1.138  -1.450  13.254  1.00 26.64 ? 35  PRO A N   1 
ATOM   217  C  CA  . PRO A 1 35  ? -0.251  -0.464  12.637  1.00 26.49 ? 35  PRO A CA  1 
ATOM   218  C  C   . PRO A 1 35  ? 1.173   -0.996  12.669  1.00 25.67 ? 35  PRO A C   1 
ATOM   219  O  O   . PRO A 1 35  ? 1.457   -1.956  13.382  1.00 24.14 ? 35  PRO A O   1 
ATOM   220  C  CB  . PRO A 1 35  ? -0.427  0.747   13.537  1.00 26.47 ? 35  PRO A CB  1 
ATOM   221  C  CG  . PRO A 1 35  ? -0.513  0.105   14.890  1.00 27.55 ? 35  PRO A CG  1 
ATOM   222  C  CD  . PRO A 1 35  ? -1.435  -1.083  14.652  1.00 27.35 ? 35  PRO A CD  1 
ATOM   223  N  N   . LEU A 1 36  ? 2.067   -0.393  11.893  1.00 25.07 ? 36  LEU A N   1 
ATOM   224  C  CA  . LEU A 1 36  ? 3.459   -0.830  11.899  1.00 24.45 ? 36  LEU A CA  1 
ATOM   225  C  C   . LEU A 1 36  ? 4.080   -0.420  13.237  1.00 24.76 ? 36  LEU A C   1 
ATOM   226  O  O   . LEU A 1 36  ? 3.618   0.522   13.883  1.00 20.70 ? 36  LEU A O   1 
ATOM   227  C  CB  . LEU A 1 36  ? 4.238   -0.180  10.752  1.00 23.55 ? 36  LEU A CB  1 
ATOM   228  C  CG  . LEU A 1 36  ? 3.806   -0.534  9.327   1.00 23.53 ? 36  LEU A CG  1 
ATOM   229  C  CD1 . LEU A 1 36  ? 4.687   0.219   8.333   1.00 21.99 ? 36  LEU A CD1 1 
ATOM   230  C  CD2 . LEU A 1 36  ? 3.925   -2.036  9.099   1.00 21.65 ? 36  LEU A CD2 1 
ATOM   231  N  N   . THR A 1 37  ? 5.123   -1.128  13.652  1.00 26.41 ? 37  THR A N   1 
ATOM   232  C  CA  . THR A 1 37  ? 5.796   -0.810  14.906  1.00 30.52 ? 37  THR A CA  1 
ATOM   233  C  C   . THR A 1 37  ? 7.295   -0.713  14.659  1.00 33.27 ? 37  THR A C   1 
ATOM   234  O  O   . THR A 1 37  ? 7.762   -0.955  13.545  1.00 33.97 ? 37  THR A O   1 
ATOM   235  C  CB  . THR A 1 37  ? 5.548   -1.891  15.965  1.00 28.15 ? 37  THR A CB  1 
ATOM   236  O  OG1 . THR A 1 37  ? 6.067   -3.139  15.497  1.00 30.66 ? 37  THR A OG1 1 
ATOM   237  C  CG2 . THR A 1 37  ? 4.064   -2.036  16.242  1.00 28.04 ? 37  THR A CG2 1 
ATOM   238  N  N   . LYS A 1 38  ? 8.049   -0.359  15.695  1.00 35.40 ? 38  LYS A N   1 
ATOM   239  C  CA  . LYS A 1 38  ? 9.492   -0.242  15.555  1.00 38.24 ? 38  LYS A CA  1 
ATOM   240  C  C   . LYS A 1 38  ? 10.050  -1.587  15.109  1.00 38.46 ? 38  LYS A C   1 
ATOM   241  O  O   . LYS A 1 38  ? 10.900  -1.651  14.222  1.00 39.06 ? 38  LYS A O   1 
ATOM   242  C  CB  . LYS A 1 38  ? 10.125  0.180   16.883  1.00 40.47 ? 38  LYS A CB  1 
ATOM   243  C  CG  . LYS A 1 38  ? 11.604  0.513   16.784  1.00 43.99 ? 38  LYS A CG  1 
ATOM   244  C  CD  . LYS A 1 38  ? 12.168  0.914   18.140  1.00 45.96 ? 38  LYS A CD  1 
ATOM   245  C  CE  . LYS A 1 38  ? 13.639  1.294   18.038  1.00 48.64 ? 38  LYS A CE  1 
ATOM   246  N  NZ  . LYS A 1 38  ? 14.482  0.154   17.578  1.00 49.64 ? 38  LYS A NZ  1 
ATOM   247  N  N   . ASP A 1 39  ? 9.557   -2.663  15.716  1.00 39.36 ? 39  ASP A N   1 
ATOM   248  C  CA  . ASP A 1 39  ? 10.013  -4.003  15.359  1.00 39.66 ? 39  ASP A CA  1 
ATOM   249  C  C   . ASP A 1 39  ? 9.462   -4.440  14.004  1.00 38.21 ? 39  ASP A C   1 
ATOM   250  O  O   . ASP A 1 39  ? 10.226  -4.716  13.079  1.00 39.33 ? 39  ASP A O   1 
ATOM   251  C  CB  . ASP A 1 39  ? 9.606   -5.015  16.436  1.00 42.56 ? 39  ASP A CB  1 
ATOM   252  C  CG  . ASP A 1 39  ? 10.406  -4.860  17.719  1.00 45.38 ? 39  ASP A CG  1 
ATOM   253  O  OD1 . ASP A 1 39  ? 11.652  -4.788  17.642  1.00 47.09 ? 39  ASP A OD1 1 
ATOM   254  O  OD2 . ASP A 1 39  ? 9.792   -4.821  18.805  1.00 46.91 ? 39  ASP A OD2 1 
ATOM   255  N  N   . SER A 1 40  ? 8.138   -4.505  13.893  1.00 35.54 ? 40  SER A N   1 
ATOM   256  C  CA  . SER A 1 40  ? 7.479   -4.899  12.649  1.00 33.67 ? 40  SER A CA  1 
ATOM   257  C  C   . SER A 1 40  ? 7.161   -3.607  11.899  1.00 30.94 ? 40  SER A C   1 
ATOM   258  O  O   . SER A 1 40  ? 6.022   -3.134  11.882  1.00 28.94 ? 40  SER A O   1 
ATOM   259  C  CB  . SER A 1 40  ? 6.193   -5.667  12.963  1.00 35.13 ? 40  SER A CB  1 
ATOM   260  O  OG  . SER A 1 40  ? 5.644   -6.228  11.784  1.00 39.92 ? 40  SER A OG  1 
ATOM   261  N  N   . ASN A 1 41  ? 8.188   -3.052  11.270  1.00 27.58 ? 41  ASN A N   1 
ATOM   262  C  CA  . ASN A 1 41  ? 8.088   -1.778  10.570  1.00 26.20 ? 41  ASN A CA  1 
ATOM   263  C  C   . ASN A 1 41  ? 8.079   -1.873  9.055   1.00 24.51 ? 41  ASN A C   1 
ATOM   264  O  O   . ASN A 1 41  ? 8.269   -0.864  8.379   1.00 23.35 ? 41  ASN A O   1 
ATOM   265  C  CB  . ASN A 1 41  ? 9.281   -0.919  10.969  1.00 25.74 ? 41  ASN A CB  1 
ATOM   266  C  CG  . ASN A 1 41  ? 10.561  -1.374  10.296  1.00 27.99 ? 41  ASN A CG  1 
ATOM   267  O  OD1 . ASN A 1 41  ? 10.848  -2.570  10.224  1.00 28.63 ? 41  ASN A OD1 1 
ATOM   268  N  ND2 . ASN A 1 41  ? 11.337  -0.421  9.795   1.00 28.75 ? 41  ASN A ND2 1 
ATOM   269  N  N   . TYR A 1 42  ? 7.855   -3.063  8.518   1.00 23.75 ? 42  TYR A N   1 
ATOM   270  C  CA  . TYR A 1 42  ? 7.899   -3.232  7.072   1.00 23.48 ? 42  TYR A CA  1 
ATOM   271  C  C   . TYR A 1 42  ? 7.015   -4.379  6.591   1.00 24.07 ? 42  TYR A C   1 
ATOM   272  O  O   . TYR A 1 42  ? 6.881   -5.393  7.271   1.00 24.36 ? 42  TYR A O   1 
ATOM   273  C  CB  . TYR A 1 42  ? 9.353   -3.487  6.679   1.00 22.84 ? 42  TYR A CB  1 
ATOM   274  C  CG  . TYR A 1 42  ? 9.618   -3.771  5.220   1.00 22.29 ? 42  TYR A CG  1 
ATOM   275  C  CD1 . TYR A 1 42  ? 9.580   -2.752  4.268   1.00 22.30 ? 42  TYR A CD1 1 
ATOM   276  C  CD2 . TYR A 1 42  ? 9.963   -5.055  4.800   1.00 22.27 ? 42  TYR A CD2 1 
ATOM   277  C  CE1 . TYR A 1 42  ? 9.889   -3.001  2.940   1.00 19.91 ? 42  TYR A CE1 1 
ATOM   278  C  CE2 . TYR A 1 42  ? 10.273  -5.315  3.473   1.00 22.58 ? 42  TYR A CE2 1 
ATOM   279  C  CZ  . TYR A 1 42  ? 10.236  -4.286  2.549   1.00 21.01 ? 42  TYR A CZ  1 
ATOM   280  O  OH  . TYR A 1 42  ? 10.579  -4.544  1.242   1.00 19.93 ? 42  TYR A OH  1 
ATOM   281  N  N   . PHE A 1 43  ? 6.406   -4.212  5.422   1.00 20.52 ? 43  PHE A N   1 
ATOM   282  C  CA  . PHE A 1 43  ? 5.573   -5.265  4.859   1.00 19.67 ? 43  PHE A CA  1 
ATOM   283  C  C   . PHE A 1 43  ? 5.706   -5.227  3.348   1.00 18.80 ? 43  PHE A C   1 
ATOM   284  O  O   . PHE A 1 43  ? 6.055   -4.195  2.780   1.00 20.96 ? 43  PHE A O   1 
ATOM   285  C  CB  . PHE A 1 43  ? 4.103   -5.093  5.274   1.00 19.50 ? 43  PHE A CB  1 
ATOM   286  C  CG  . PHE A 1 43  ? 3.368   -4.006  4.530   1.00 19.20 ? 43  PHE A CG  1 
ATOM   287  C  CD1 . PHE A 1 43  ? 2.538   -4.319  3.454   1.00 19.72 ? 43  PHE A CD1 1 
ATOM   288  C  CD2 . PHE A 1 43  ? 3.489   -2.677  4.915   1.00 18.11 ? 43  PHE A CD2 1 
ATOM   289  C  CE1 . PHE A 1 43  ? 1.834   -3.316  2.775   1.00 15.92 ? 43  PHE A CE1 1 
ATOM   290  C  CE2 . PHE A 1 43  ? 2.790   -1.666  4.241   1.00 18.01 ? 43  PHE A CE2 1 
ATOM   291  C  CZ  . PHE A 1 43  ? 1.961   -1.989  3.170   1.00 16.05 ? 43  PHE A CZ  1 
ATOM   292  N  N   . GLU A 1 44  ? 5.447   -6.358  2.705   1.00 18.94 ? 44  GLU A N   1 
ATOM   293  C  CA  . GLU A 1 44  ? 5.534   -6.443  1.253   1.00 19.10 ? 44  GLU A CA  1 
ATOM   294  C  C   . GLU A 1 44  ? 4.281   -7.063  0.669   1.00 18.55 ? 44  GLU A C   1 
ATOM   295  O  O   . GLU A 1 44  ? 3.578   -7.834  1.328   1.00 17.60 ? 44  GLU A O   1 
ATOM   296  C  CB  . GLU A 1 44  ? 6.744   -7.285  0.821   1.00 20.49 ? 44  GLU A CB  1 
ATOM   297  C  CG  . GLU A 1 44  ? 8.092   -6.685  1.166   1.00 24.40 ? 44  GLU A CG  1 
ATOM   298  C  CD  . GLU A 1 44  ? 9.239   -7.383  0.451   1.00 25.68 ? 44  GLU A CD  1 
ATOM   299  O  OE1 . GLU A 1 44  ? 9.211   -8.626  0.351   1.00 26.61 ? 44  GLU A OE1 1 
ATOM   300  O  OE2 . GLU A 1 44  ? 10.173  -6.692  -0.003  1.00 26.22 ? 44  GLU A OE2 1 
ATOM   301  N  N   . VAL A 1 45  ? 4.013   -6.718  -0.581  1.00 17.43 ? 45  VAL A N   1 
ATOM   302  C  CA  . VAL A 1 45  ? 2.863   -7.244  -1.288  1.00 17.26 ? 45  VAL A CA  1 
ATOM   303  C  C   . VAL A 1 45  ? 3.359   -7.804  -2.610  1.00 17.35 ? 45  VAL A C   1 
ATOM   304  O  O   . VAL A 1 45  ? 4.041   -7.110  -3.370  1.00 15.90 ? 45  VAL A O   1 
ATOM   305  C  CB  . VAL A 1 45  ? 1.820   -6.140  -1.551  1.00 16.67 ? 45  VAL A CB  1 
ATOM   306  C  CG1 . VAL A 1 45  ? 0.647   -6.701  -2.356  1.00 17.65 ? 45  VAL A CG1 1 
ATOM   307  C  CG2 . VAL A 1 45  ? 1.348   -5.578  -0.239  1.00 17.19 ? 45  VAL A CG2 1 
ATOM   308  N  N   . SER A 1 46  ? 3.046   -9.068  -2.871  1.00 15.80 ? 46  SER A N   1 
ATOM   309  C  CA  . SER A 1 46  ? 3.474   -9.689  -4.109  1.00 17.57 ? 46  SER A CA  1 
ATOM   310  C  C   . SER A 1 46  ? 2.331   -9.701  -5.099  1.00 17.17 ? 46  SER A C   1 
ATOM   311  O  O   . SER A 1 46  ? 1.231   -10.141 -4.779  1.00 16.95 ? 46  SER A O   1 
ATOM   312  C  CB  . SER A 1 46  ? 3.942   -11.117 -3.851  1.00 18.71 ? 46  SER A CB  1 
ATOM   313  O  OG  . SER A 1 46  ? 5.082   -11.108 -3.011  1.00 22.41 ? 46  SER A OG  1 
ATOM   314  N  N   . ILE A 1 47  ? 2.593   -9.213  -6.303  1.00 17.26 ? 47  ILE A N   1 
ATOM   315  C  CA  . ILE A 1 47  ? 1.573   -9.185  -7.337  1.00 17.08 ? 47  ILE A CA  1 
ATOM   316  C  C   . ILE A 1 47  ? 1.503   -10.547 -8.001  1.00 18.85 ? 47  ILE A C   1 
ATOM   317  O  O   . ILE A 1 47  ? 2.461   -10.990 -8.637  1.00 17.39 ? 47  ILE A O   1 
ATOM   318  C  CB  . ILE A 1 47  ? 1.884   -8.127  -8.417  1.00 17.43 ? 47  ILE A CB  1 
ATOM   319  C  CG1 . ILE A 1 47  ? 2.007   -6.745  -7.776  1.00 15.88 ? 47  ILE A CG1 1 
ATOM   320  C  CG2 . ILE A 1 47  ? 0.785   -8.140  -9.483  1.00 17.68 ? 47  ILE A CG2 1 
ATOM   321  C  CD1 . ILE A 1 47  ? 2.369   -5.623  -8.765  1.00 17.71 ? 47  ILE A CD1 1 
ATOM   322  N  N   . VAL A 1 48  ? 0.367   -11.215 -7.840  1.00 16.80 ? 48  VAL A N   1 
ATOM   323  C  CA  . VAL A 1 48  ? 0.164   -12.516 -8.442  1.00 18.56 ? 48  VAL A CA  1 
ATOM   324  C  C   . VAL A 1 48  ? -0.375  -12.303 -9.857  1.00 19.18 ? 48  VAL A C   1 
ATOM   325  O  O   . VAL A 1 48  ? 0.005   -13.004 -10.796 1.00 19.74 ? 48  VAL A O   1 
ATOM   326  C  CB  . VAL A 1 48  ? -0.846  -13.359 -7.616  1.00 18.94 ? 48  VAL A CB  1 
ATOM   327  C  CG1 . VAL A 1 48  ? -1.102  -14.684 -8.300  1.00 19.69 ? 48  VAL A CG1 1 
ATOM   328  C  CG2 . VAL A 1 48  ? -0.302  -13.587 -6.193  1.00 16.31 ? 48  VAL A CG2 1 
ATOM   329  N  N   . ASP A 1 49  ? -1.241  -11.307 -10.004 1.00 18.04 ? 49  ASP A N   1 
ATOM   330  C  CA  . ASP A 1 49  ? -1.852  -10.996 -11.292 1.00 19.27 ? 49  ASP A CA  1 
ATOM   331  C  C   . ASP A 1 49  ? -2.199  -9.508  -11.303 1.00 18.72 ? 49  ASP A C   1 
ATOM   332  O  O   . ASP A 1 49  ? -2.888  -9.023  -10.405 1.00 17.14 ? 49  ASP A O   1 
ATOM   333  C  CB  . ASP A 1 49  ? -3.133  -11.824 -11.466 1.00 20.90 ? 49  ASP A CB  1 
ATOM   334  C  CG  . ASP A 1 49  ? -3.639  -11.837 -12.896 1.00 22.71 ? 49  ASP A CG  1 
ATOM   335  O  OD1 . ASP A 1 49  ? -3.400  -10.860 -13.631 1.00 26.46 ? 49  ASP A OD1 1 
ATOM   336  O  OD2 . ASP A 1 49  ? -4.295  -12.826 -13.283 1.00 24.75 ? 49  ASP A OD2 1 
ATOM   337  N  N   . SER A 1 50  ? -1.727  -8.787  -12.312 1.00 18.44 ? 50  SER A N   1 
ATOM   338  C  CA  . SER A 1 50  ? -2.005  -7.360  -12.404 1.00 19.14 ? 50  SER A CA  1 
ATOM   339  C  C   . SER A 1 50  ? -3.400  -7.085  -12.970 1.00 19.45 ? 50  SER A C   1 
ATOM   340  O  O   . SER A 1 50  ? -3.849  -5.944  -13.003 1.00 17.88 ? 50  SER A O   1 
ATOM   341  C  CB  . SER A 1 50  ? -0.951  -6.675  -13.277 1.00 22.54 ? 50  SER A CB  1 
ATOM   342  O  OG  . SER A 1 50  ? -1.040  -7.128  -14.615 1.00 23.29 ? 50  SER A OG  1 
ATOM   343  N  N   . GLY A 1 51  ? -4.080  -8.133  -13.423 1.00 20.16 ? 51  GLY A N   1 
ATOM   344  C  CA  . GLY A 1 51  ? -5.421  -7.955  -13.962 1.00 20.44 ? 51  GLY A CA  1 
ATOM   345  C  C   . GLY A 1 51  ? -5.489  -7.133  -15.235 1.00 21.15 ? 51  GLY A C   1 
ATOM   346  O  O   . GLY A 1 51  ? -4.512  -7.040  -15.973 1.00 21.93 ? 51  GLY A O   1 
ATOM   347  N  N   . VAL A 1 52  ? -6.645  -6.524  -15.485 1.00 20.72 ? 52  VAL A N   1 
ATOM   348  C  CA  . VAL A 1 52  ? -6.856  -5.718  -16.686 1.00 22.04 ? 52  VAL A CA  1 
ATOM   349  C  C   . VAL A 1 52  ? -6.099  -4.389  -16.717 1.00 22.78 ? 52  VAL A C   1 
ATOM   350  O  O   . VAL A 1 52  ? -5.589  -3.987  -17.767 1.00 21.71 ? 52  VAL A O   1 
ATOM   351  C  CB  . VAL A 1 52  ? -8.368  -5.428  -16.890 1.00 23.14 ? 52  VAL A CB  1 
ATOM   352  C  CG1 . VAL A 1 52  ? -8.574  -4.467  -18.065 1.00 25.37 ? 52  VAL A CG1 1 
ATOM   353  C  CG2 . VAL A 1 52  ? -9.109  -6.729  -17.145 1.00 25.36 ? 52  VAL A CG2 1 
ATOM   354  N  N   . ARG A 1 53  ? -6.016  -3.708  -15.575 1.00 22.06 ? 53  ARG A N   1 
ATOM   355  C  CA  . ARG A 1 53  ? -5.345  -2.414  -15.526 1.00 23.09 ? 53  ARG A CA  1 
ATOM   356  C  C   . ARG A 1 53  ? -4.126  -2.313  -14.605 1.00 22.46 ? 53  ARG A C   1 
ATOM   357  O  O   . ARG A 1 53  ? -3.427  -1.295  -14.616 1.00 20.37 ? 53  ARG A O   1 
ATOM   358  C  CB  . ARG A 1 53  ? -6.348  -1.324  -15.136 1.00 26.09 ? 53  ARG A CB  1 
ATOM   359  C  CG  . ARG A 1 53  ? -7.472  -1.097  -16.141 1.00 29.63 ? 53  ARG A CG  1 
ATOM   360  C  CD  . ARG A 1 53  ? -8.389  0.016   -15.651 1.00 32.99 ? 53  ARG A CD  1 
ATOM   361  N  NE  . ARG A 1 53  ? -7.647  1.255   -15.416 1.00 37.35 ? 53  ARG A NE  1 
ATOM   362  C  CZ  . ARG A 1 53  ? -8.098  2.278   -14.695 1.00 39.42 ? 53  ARG A CZ  1 
ATOM   363  N  NH1 . ARG A 1 53  ? -9.296  2.220   -14.126 1.00 41.47 ? 53  ARG A NH1 1 
ATOM   364  N  NH2 . ARG A 1 53  ? -7.349  3.361   -14.539 1.00 41.55 ? 53  ARG A NH2 1 
ATOM   365  N  N   . GLY A 1 54  ? -3.874  -3.352  -13.812 1.00 19.85 ? 54  GLY A N   1 
ATOM   366  C  CA  . GLY A 1 54  ? -2.736  -3.324  -12.907 1.00 19.27 ? 54  GLY A CA  1 
ATOM   367  C  C   . GLY A 1 54  ? -2.774  -2.157  -11.936 1.00 17.97 ? 54  GLY A C   1 
ATOM   368  O  O   . GLY A 1 54  ? -1.735  -1.651  -11.513 1.00 16.63 ? 54  GLY A O   1 
ATOM   369  N  N   . THR A 1 55  ? -3.982  -1.737  -11.575 1.00 17.71 ? 55  THR A N   1 
ATOM   370  C  CA  . THR A 1 55  ? -4.175  -0.619  -10.658 1.00 17.18 ? 55  THR A CA  1 
ATOM   371  C  C   . THR A 1 55  ? -4.172  -1.069  -9.205  1.00 17.95 ? 55  THR A C   1 
ATOM   372  O  O   . THR A 1 55  ? -5.168  -0.959  -8.493  1.00 17.57 ? 55  THR A O   1 
ATOM   373  C  CB  . THR A 1 55  ? -5.497  0.129   -10.976 1.00 18.37 ? 55  THR A CB  1 
ATOM   374  O  OG1 . THR A 1 55  ? -6.527  -0.819  -11.279 1.00 18.28 ? 55  THR A OG1 1 
ATOM   375  C  CG2 . THR A 1 55  ? -5.310  1.053   -12.167 1.00 19.93 ? 55  THR A CG2 1 
ATOM   376  N  N   . ILE A 1 56  ? -3.029  -1.591  -8.783  1.00 17.37 ? 56  ILE A N   1 
ATOM   377  C  CA  . ILE A 1 56  ? -2.825  -2.059  -7.421  1.00 18.27 ? 56  ILE A CA  1 
ATOM   378  C  C   . ILE A 1 56  ? -2.015  -0.988  -6.704  1.00 16.34 ? 56  ILE A C   1 
ATOM   379  O  O   . ILE A 1 56  ? -1.020  -0.503  -7.241  1.00 17.26 ? 56  ILE A O   1 
ATOM   380  C  CB  . ILE A 1 56  ? -2.035  -3.380  -7.424  1.00 17.20 ? 56  ILE A CB  1 
ATOM   381  C  CG1 . ILE A 1 56  ? -2.868  -4.466  -8.112  1.00 20.23 ? 56  ILE A CG1 1 
ATOM   382  C  CG2 . ILE A 1 56  ? -1.666  -3.782  -6.009  1.00 17.20 ? 56  ILE A CG2 1 
ATOM   383  C  CD1 . ILE A 1 56  ? -2.081  -5.718  -8.463  1.00 21.50 ? 56  ILE A CD1 1 
ATOM   384  N  N   . ALA A 1 57  ? -2.445  -0.617  -5.502  1.00 15.61 ? 57  ALA A N   1 
ATOM   385  C  CA  . ALA A 1 57  ? -1.754  0.405   -4.717  1.00 15.18 ? 57  ALA A CA  1 
ATOM   386  C  C   . ALA A 1 57  ? -1.349  -0.181  -3.363  1.00 15.02 ? 57  ALA A C   1 
ATOM   387  O  O   . ALA A 1 57  ? -2.131  -0.894  -2.733  1.00 15.15 ? 57  ALA A O   1 
ATOM   388  C  CB  . ALA A 1 57  ? -2.663  1.612   -4.516  1.00 14.13 ? 57  ALA A CB  1 
ATOM   389  N  N   . VAL A 1 58  ? -0.132  0.123   -2.925  1.00 13.21 ? 58  VAL A N   1 
ATOM   390  C  CA  . VAL A 1 58  ? 0.384   -0.396  -1.658  1.00 14.30 ? 58  VAL A CA  1 
ATOM   391  C  C   . VAL A 1 58  ? 0.928   0.740   -0.801  1.00 13.56 ? 58  VAL A C   1 
ATOM   392  O  O   . VAL A 1 58  ? 1.766   1.517   -1.251  1.00 15.63 ? 58  VAL A O   1 
ATOM   393  C  CB  . VAL A 1 58  ? 1.517   -1.422  -1.919  1.00 12.77 ? 58  VAL A CB  1 
ATOM   394  C  CG1 . VAL A 1 58  ? 2.017   -2.004  -0.609  1.00 10.98 ? 58  VAL A CG1 1 
ATOM   395  C  CG2 . VAL A 1 58  ? 1.005   -2.526  -2.831  1.00 12.50 ? 58  VAL A CG2 1 
ATOM   396  N  N   . GLY A 1 59  ? 0.457   0.841   0.437   1.00 14.07 ? 59  GLY A N   1 
ATOM   397  C  CA  . GLY A 1 59  ? 0.941   1.915   1.288   1.00 13.81 ? 59  GLY A CA  1 
ATOM   398  C  C   . GLY A 1 59  ? 0.445   1.879   2.721   1.00 15.03 ? 59  GLY A C   1 
ATOM   399  O  O   . GLY A 1 59  ? 0.073   0.823   3.249   1.00 12.73 ? 59  GLY A O   1 
ATOM   400  N  N   . LEU A 1 60  ? 0.443   3.054   3.345   1.00 14.59 ? 60  LEU A N   1 
ATOM   401  C  CA  . LEU A 1 60  ? 0.012   3.206   4.722   1.00 15.00 ? 60  LEU A CA  1 
ATOM   402  C  C   . LEU A 1 60  ? -1.131  4.208   4.802   1.00 16.56 ? 60  LEU A C   1 
ATOM   403  O  O   . LEU A 1 60  ? -1.137  5.215   4.100   1.00 17.55 ? 60  LEU A O   1 
ATOM   404  C  CB  . LEU A 1 60  ? 1.189   3.686   5.580   1.00 14.13 ? 60  LEU A CB  1 
ATOM   405  C  CG  . LEU A 1 60  ? 2.392   2.738   5.640   1.00 15.14 ? 60  LEU A CG  1 
ATOM   406  C  CD1 . LEU A 1 60  ? 3.618   3.464   6.232   1.00 14.46 ? 60  LEU A CD1 1 
ATOM   407  C  CD2 . LEU A 1 60  ? 2.022   1.516   6.472   1.00 15.69 ? 60  LEU A CD2 1 
ATOM   408  N  N   . VAL A 1 61  ? -2.105  3.920   5.657   1.00 17.81 ? 61  VAL A N   1 
ATOM   409  C  CA  . VAL A 1 61  ? -3.246  4.803   5.831   1.00 17.95 ? 61  VAL A CA  1 
ATOM   410  C  C   . VAL A 1 61  ? -3.547  4.959   7.314   1.00 19.24 ? 61  VAL A C   1 
ATOM   411  O  O   . VAL A 1 61  ? -3.172  4.109   8.127   1.00 20.21 ? 61  VAL A O   1 
ATOM   412  C  CB  . VAL A 1 61  ? -4.510  4.241   5.145   1.00 15.88 ? 61  VAL A CB  1 
ATOM   413  C  CG1 . VAL A 1 61  ? -4.249  4.029   3.666   1.00 18.55 ? 61  VAL A CG1 1 
ATOM   414  C  CG2 . VAL A 1 61  ? -4.920  2.930   5.805   1.00 18.13 ? 61  VAL A CG2 1 
ATOM   415  N  N   . PRO A 1 62  ? -4.226  6.051   7.688   1.00 20.69 ? 62  PRO A N   1 
ATOM   416  C  CA  . PRO A 1 62  ? -4.554  6.255   9.101   1.00 22.12 ? 62  PRO A CA  1 
ATOM   417  C  C   . PRO A 1 62  ? -5.756  5.384   9.429   1.00 24.03 ? 62  PRO A C   1 
ATOM   418  O  O   . PRO A 1 62  ? -6.337  4.769   8.534   1.00 21.95 ? 62  PRO A O   1 
ATOM   419  C  CB  . PRO A 1 62  ? -4.866  7.748   9.172   1.00 21.24 ? 62  PRO A CB  1 
ATOM   420  C  CG  . PRO A 1 62  ? -5.485  8.025   7.816   1.00 22.24 ? 62  PRO A CG  1 
ATOM   421  C  CD  . PRO A 1 62  ? -4.586  7.231   6.875   1.00 21.15 ? 62  PRO A CD  1 
ATOM   422  N  N   . GLN A 1 63  ? -6.126  5.304   10.699  1.00 25.30 ? 63  GLN A N   1 
ATOM   423  C  CA  . GLN A 1 63  ? -7.282  4.495   11.056  1.00 29.96 ? 63  GLN A CA  1 
ATOM   424  C  C   . GLN A 1 63  ? -8.510  5.193   10.478  1.00 28.68 ? 63  GLN A C   1 
ATOM   425  O  O   . GLN A 1 63  ? -8.504  6.409   10.287  1.00 31.49 ? 63  GLN A O   1 
ATOM   426  C  CB  . GLN A 1 63  ? -7.409  4.372   12.578  1.00 31.84 ? 63  GLN A CB  1 
ATOM   427  C  CG  . GLN A 1 63  ? -8.011  5.587   13.252  1.00 35.41 ? 63  GLN A CG  1 
ATOM   428  C  CD  . GLN A 1 63  ? -7.971  5.495   14.768  1.00 37.66 ? 63  GLN A CD  1 
ATOM   429  O  OE1 . GLN A 1 63  ? -8.198  4.429   15.345  1.00 38.12 ? 63  GLN A OE1 1 
ATOM   430  N  NE2 . GLN A 1 63  ? -7.691  6.621   15.420  1.00 35.22 ? 63  GLN A NE2 1 
ATOM   431  N  N   . TYR A 1 64  ? -9.548  4.422   10.180  1.00 29.58 ? 64  TYR A N   1 
ATOM   432  C  CA  . TYR A 1 64  ? -10.783 4.970   9.631   1.00 30.93 ? 64  TYR A CA  1 
ATOM   433  C  C   . TYR A 1 64  ? -10.670 5.453   8.185   1.00 29.12 ? 64  TYR A C   1 
ATOM   434  O  O   . TYR A 1 64  ? -11.524 6.202   7.712   1.00 31.94 ? 64  TYR A O   1 
ATOM   435  C  CB  . TYR A 1 64  ? -11.281 6.116   10.520  1.00 32.77 ? 64  TYR A CB  1 
ATOM   436  C  CG  . TYR A 1 64  ? -11.905 5.661   11.821  1.00 36.21 ? 64  TYR A CG  1 
ATOM   437  C  CD1 . TYR A 1 64  ? -13.176 5.086   11.841  1.00 37.83 ? 64  TYR A CD1 1 
ATOM   438  C  CD2 . TYR A 1 64  ? -11.227 5.802   13.033  1.00 36.90 ? 64  TYR A CD2 1 
ATOM   439  C  CE1 . TYR A 1 64  ? -13.761 4.664   13.036  1.00 39.14 ? 64  TYR A CE1 1 
ATOM   440  C  CE2 . TYR A 1 64  ? -11.802 5.382   14.237  1.00 37.43 ? 64  TYR A CE2 1 
ATOM   441  C  CZ  . TYR A 1 64  ? -13.069 4.814   14.231  1.00 39.58 ? 64  TYR A CZ  1 
ATOM   442  O  OH  . TYR A 1 64  ? -13.649 4.390   15.411  1.00 40.01 ? 64  TYR A OH  1 
ATOM   443  N  N   . TYR A 1 65  ? -9.627  5.024   7.482   1.00 26.51 ? 65  TYR A N   1 
ATOM   444  C  CA  . TYR A 1 65  ? -9.437  5.427   6.090   1.00 23.60 ? 65  TYR A CA  1 
ATOM   445  C  C   . TYR A 1 65  ? -10.596 4.891   5.250   1.00 22.42 ? 65  TYR A C   1 
ATOM   446  O  O   . TYR A 1 65  ? -11.128 3.818   5.536   1.00 22.95 ? 65  TYR A O   1 
ATOM   447  C  CB  . TYR A 1 65  ? -8.108  4.875   5.552   1.00 22.35 ? 65  TYR A CB  1 
ATOM   448  C  CG  . TYR A 1 65  ? -7.685  5.445   4.205   1.00 18.93 ? 65  TYR A CG  1 
ATOM   449  C  CD1 . TYR A 1 65  ? -7.163  6.730   4.103   1.00 19.55 ? 65  TYR A CD1 1 
ATOM   450  C  CD2 . TYR A 1 65  ? -7.805  4.692   3.037   1.00 19.95 ? 65  TYR A CD2 1 
ATOM   451  C  CE1 . TYR A 1 65  ? -6.764  7.257   2.865   1.00 17.37 ? 65  TYR A CE1 1 
ATOM   452  C  CE2 . TYR A 1 65  ? -7.413  5.208   1.797   1.00 19.50 ? 65  TYR A CE2 1 
ATOM   453  C  CZ  . TYR A 1 65  ? -6.892  6.491   1.722   1.00 18.81 ? 65  TYR A CZ  1 
ATOM   454  O  OH  . TYR A 1 65  ? -6.495  7.003   0.504   1.00 18.67 ? 65  TYR A OH  1 
ATOM   455  N  N   . SER A 1 66  ? -10.986 5.634   4.218   1.00 21.01 ? 66  SER A N   1 
ATOM   456  C  CA  . SER A 1 66  ? -12.086 5.218   3.343   1.00 21.28 ? 66  SER A CA  1 
ATOM   457  C  C   . SER A 1 66  ? -11.838 3.865   2.681   1.00 21.20 ? 66  SER A C   1 
ATOM   458  O  O   . SER A 1 66  ? -10.782 3.641   2.088   1.00 21.27 ? 66  SER A O   1 
ATOM   459  C  CB  . SER A 1 66  ? -12.317 6.264   2.253   1.00 21.76 ? 66  SER A CB  1 
ATOM   460  O  OG  . SER A 1 66  ? -13.185 5.762   1.256   1.00 21.36 ? 66  SER A OG  1 
ATOM   461  N  N   . LEU A 1 67  ? -12.820 2.970   2.766   1.00 19.76 ? 67  LEU A N   1 
ATOM   462  C  CA  . LEU A 1 67  ? -12.692 1.645   2.176   1.00 22.34 ? 67  LEU A CA  1 
ATOM   463  C  C   . LEU A 1 67  ? -13.025 1.567   0.677   1.00 24.26 ? 67  LEU A C   1 
ATOM   464  O  O   . LEU A 1 67  ? -13.030 0.478   0.100   1.00 24.93 ? 67  LEU A O   1 
ATOM   465  C  CB  . LEU A 1 67  ? -13.538 0.635   2.964   1.00 24.27 ? 67  LEU A CB  1 
ATOM   466  C  CG  . LEU A 1 67  ? -13.039 0.405   4.400   1.00 23.97 ? 67  LEU A CG  1 
ATOM   467  C  CD1 . LEU A 1 67  ? -13.968 -0.545  5.156   1.00 24.11 ? 67  LEU A CD1 1 
ATOM   468  C  CD2 . LEU A 1 67  ? -11.626 -0.168  4.335   1.00 23.80 ? 67  LEU A CD2 1 
ATOM   469  N  N   . ASP A 1 68  ? -13.309 2.702   0.043   1.00 24.43 ? 68  ASP A N   1 
ATOM   470  C  CA  . ASP A 1 68  ? -13.581 2.694   -1.396  1.00 25.57 ? 68  ASP A CA  1 
ATOM   471  C  C   . ASP A 1 68  ? -12.721 3.690   -2.157  1.00 23.52 ? 68  ASP A C   1 
ATOM   472  O  O   . ASP A 1 68  ? -13.122 4.224   -3.189  1.00 21.54 ? 68  ASP A O   1 
ATOM   473  C  CB  . ASP A 1 68  ? -15.058 2.944   -1.707  1.00 29.98 ? 68  ASP A CB  1 
ATOM   474  C  CG  . ASP A 1 68  ? -15.702 3.881   -0.740  1.00 32.33 ? 68  ASP A CG  1 
ATOM   475  O  OD1 . ASP A 1 68  ? -15.081 4.910   -0.418  1.00 33.39 ? 68  ASP A OD1 1 
ATOM   476  O  OD2 . ASP A 1 68  ? -16.837 3.584   -0.308  1.00 36.37 ? 68  ASP A OD2 1 
ATOM   477  N  N   . HIS A 1 69  ? -11.540 3.958   -1.617  1.00 21.52 ? 69  HIS A N   1 
ATOM   478  C  CA  . HIS A 1 69  ? -10.584 4.839   -2.269  1.00 18.82 ? 69  HIS A CA  1 
ATOM   479  C  C   . HIS A 1 69  ? -9.220  4.196   -2.086  1.00 17.39 ? 69  HIS A C   1 
ATOM   480  O  O   . HIS A 1 69  ? -8.959  3.555   -1.066  1.00 17.68 ? 69  HIS A O   1 
ATOM   481  C  CB  . HIS A 1 69  ? -10.632 6.249   -1.679  1.00 18.18 ? 69  HIS A CB  1 
ATOM   482  C  CG  . HIS A 1 69  ? -11.908 6.965   -1.982  1.00 20.41 ? 69  HIS A CG  1 
ATOM   483  N  ND1 . HIS A 1 69  ? -13.002 6.920   -1.145  1.00 20.99 ? 69  HIS A ND1 1 
ATOM   484  C  CD2 . HIS A 1 69  ? -12.312 7.625   -3.094  1.00 20.30 ? 69  HIS A CD2 1 
ATOM   485  C  CE1 . HIS A 1 69  ? -14.026 7.514   -1.730  1.00 23.21 ? 69  HIS A CE1 1 
ATOM   486  N  NE2 . HIS A 1 69  ? -13.635 7.948   -2.915  1.00 23.50 ? 69  HIS A NE2 1 
ATOM   487  N  N   . GLN A 1 70  ? -8.374  4.334   -3.098  1.00 16.46 ? 70  GLN A N   1 
ATOM   488  C  CA  . GLN A 1 70  ? -7.037  3.756   -3.071  1.00 17.55 ? 70  GLN A CA  1 
ATOM   489  C  C   . GLN A 1 70  ? -6.205  4.444   -2.008  1.00 15.40 ? 70  GLN A C   1 
ATOM   490  O  O   . GLN A 1 70  ? -6.343  5.645   -1.796  1.00 15.05 ? 70  GLN A O   1 
ATOM   491  C  CB  . GLN A 1 70  ? -6.330  3.969   -4.414  1.00 17.57 ? 70  GLN A CB  1 
ATOM   492  C  CG  . GLN A 1 70  ? -6.930  3.271   -5.631  1.00 22.78 ? 70  GLN A CG  1 
ATOM   493  C  CD  . GLN A 1 70  ? -6.411  1.859   -5.804  1.00 22.16 ? 70  GLN A CD  1 
ATOM   494  O  OE1 . GLN A 1 70  ? -6.283  1.362   -6.919  1.00 22.07 ? 70  GLN A OE1 1 
ATOM   495  N  NE2 . GLN A 1 70  ? -6.121  1.201   -4.693  1.00 23.32 ? 70  GLN A NE2 1 
ATOM   496  N  N   . PRO A 1 71  ? -5.348  3.690   -1.305  1.00 17.41 ? 71  PRO A N   1 
ATOM   497  C  CA  . PRO A 1 71  ? -4.533  4.375   -0.301  1.00 16.66 ? 71  PRO A CA  1 
ATOM   498  C  C   . PRO A 1 71  ? -3.664  5.365   -1.073  1.00 16.43 ? 71  PRO A C   1 
ATOM   499  O  O   . PRO A 1 71  ? -3.267  5.094   -2.211  1.00 17.02 ? 71  PRO A O   1 
ATOM   500  C  CB  . PRO A 1 71  ? -3.724  3.237   0.335   1.00 19.54 ? 71  PRO A CB  1 
ATOM   501  C  CG  . PRO A 1 71  ? -3.758  2.143   -0.692  1.00 22.88 ? 71  PRO A CG  1 
ATOM   502  C  CD  . PRO A 1 71  ? -5.173  2.233   -1.218  1.00 18.03 ? 71  PRO A CD  1 
ATOM   503  N  N   . GLY A 1 72  ? -3.388  6.517   -0.477  1.00 15.54 ? 72  GLY A N   1 
ATOM   504  C  CA  . GLY A 1 72  ? -2.593  7.520   -1.169  1.00 14.95 ? 72  GLY A CA  1 
ATOM   505  C  C   . GLY A 1 72  ? -3.461  8.624   -1.767  1.00 15.45 ? 72  GLY A C   1 
ATOM   506  O  O   . GLY A 1 72  ? -3.023  9.773   -1.886  1.00 13.60 ? 72  GLY A O   1 
ATOM   507  N  N   . TRP A 1 73  ? -4.690  8.281   -2.149  1.00 14.20 ? 73  TRP A N   1 
ATOM   508  C  CA  . TRP A 1 73  ? -5.615  9.254   -2.738  1.00 15.58 ? 73  TRP A CA  1 
ATOM   509  C  C   . TRP A 1 73  ? -6.130  10.295  -1.758  1.00 16.30 ? 73  TRP A C   1 
ATOM   510  O  O   . TRP A 1 73  ? -6.356  11.447  -2.131  1.00 18.01 ? 73  TRP A O   1 
ATOM   511  C  CB  . TRP A 1 73  ? -6.836  8.556   -3.340  1.00 13.43 ? 73  TRP A CB  1 
ATOM   512  C  CG  . TRP A 1 73  ? -6.629  7.918   -4.690  1.00 14.10 ? 73  TRP A CG  1 
ATOM   513  C  CD1 . TRP A 1 73  ? -5.500  7.968   -5.474  1.00 14.31 ? 73  TRP A CD1 1 
ATOM   514  C  CD2 . TRP A 1 73  ? -7.608  7.201   -5.444  1.00 11.62 ? 73  TRP A CD2 1 
ATOM   515  N  NE1 . TRP A 1 73  ? -5.728  7.327   -6.667  1.00 13.64 ? 73  TRP A NE1 1 
ATOM   516  C  CE2 . TRP A 1 73  ? -7.013  6.848   -6.677  1.00 15.36 ? 73  TRP A CE2 1 
ATOM   517  C  CE3 . TRP A 1 73  ? -8.937  6.825   -5.198  1.00 14.12 ? 73  TRP A CE3 1 
ATOM   518  C  CZ2 . TRP A 1 73  ? -7.705  6.135   -7.666  1.00 17.41 ? 73  TRP A CZ2 1 
ATOM   519  C  CZ3 . TRP A 1 73  ? -9.628  6.114   -6.187  1.00 11.76 ? 73  TRP A CZ3 1 
ATOM   520  C  CH2 . TRP A 1 73  ? -9.008  5.779   -7.402  1.00 17.26 ? 73  TRP A CH2 1 
ATOM   521  N  N   . LEU A 1 74  ? -6.336  9.893   -0.511  1.00 17.02 ? 74  LEU A N   1 
ATOM   522  C  CA  . LEU A 1 74  ? -6.871  10.812  0.489   1.00 18.41 ? 74  LEU A CA  1 
ATOM   523  C  C   . LEU A 1 74  ? -5.826  11.240  1.521   1.00 20.84 ? 74  LEU A C   1 
ATOM   524  O  O   . LEU A 1 74  ? -4.829  10.549  1.737   1.00 21.31 ? 74  LEU A O   1 
ATOM   525  C  CB  . LEU A 1 74  ? -8.077  10.174  1.184   1.00 17.65 ? 74  LEU A CB  1 
ATOM   526  C  CG  . LEU A 1 74  ? -9.122  9.507   0.272   1.00 20.70 ? 74  LEU A CG  1 
ATOM   527  C  CD1 . LEU A 1 74  ? -10.251 8.969   1.122   1.00 19.55 ? 74  LEU A CD1 1 
ATOM   528  C  CD2 . LEU A 1 74  ? -9.657  10.490  -0.754  1.00 20.35 ? 74  LEU A CD2 1 
ATOM   529  N  N   . PRO A 1 75  ? -6.054  12.387  2.178   1.00 22.21 ? 75  PRO A N   1 
ATOM   530  C  CA  . PRO A 1 75  ? -5.158  12.955  3.191   1.00 23.52 ? 75  PRO A CA  1 
ATOM   531  C  C   . PRO A 1 75  ? -4.572  12.006  4.234   1.00 22.87 ? 75  PRO A C   1 
ATOM   532  O  O   . PRO A 1 75  ? -5.216  11.049  4.664   1.00 24.15 ? 75  PRO A O   1 
ATOM   533  C  CB  . PRO A 1 75  ? -6.018  14.043  3.836   1.00 24.65 ? 75  PRO A CB  1 
ATOM   534  C  CG  . PRO A 1 75  ? -6.870  14.510  2.703   1.00 24.25 ? 75  PRO A CG  1 
ATOM   535  C  CD  . PRO A 1 75  ? -7.283  13.199  2.065   1.00 22.81 ? 75  PRO A CD  1 
ATOM   536  N  N   . ASP A 1 76  ? -3.338  12.309  4.632   1.00 23.65 ? 76  ASP A N   1 
ATOM   537  C  CA  . ASP A 1 76  ? -2.592  11.570  5.647   1.00 21.90 ? 76  ASP A CA  1 
ATOM   538  C  C   . ASP A 1 76  ? -2.318  10.106  5.304   1.00 20.60 ? 76  ASP A C   1 
ATOM   539  O  O   . ASP A 1 76  ? -2.045  9.297   6.188   1.00 17.41 ? 76  ASP A O   1 
ATOM   540  C  CB  . ASP A 1 76  ? -3.316  11.671  6.991   1.00 25.43 ? 76  ASP A CB  1 
ATOM   541  C  CG  . ASP A 1 76  ? -3.733  13.096  7.320   1.00 28.87 ? 76  ASP A CG  1 
ATOM   542  O  OD1 . ASP A 1 76  ? -2.883  14.011  7.225   1.00 28.54 ? 76  ASP A OD1 1 
ATOM   543  O  OD2 . ASP A 1 76  ? -4.916  13.299  7.668   1.00 29.62 ? 76  ASP A OD2 1 
ATOM   544  N  N   . SER A 1 77  ? -2.393  9.774   4.019   1.00 19.17 ? 77  SER A N   1 
ATOM   545  C  CA  . SER A 1 77  ? -2.120  8.416   3.568   1.00 17.87 ? 77  SER A CA  1 
ATOM   546  C  C   . SER A 1 77  ? -1.023  8.521   2.520   1.00 17.02 ? 77  SER A C   1 
ATOM   547  O  O   . SER A 1 77  ? -0.810  9.586   1.957   1.00 16.90 ? 77  SER A O   1 
ATOM   548  C  CB  . SER A 1 77  ? -3.370  7.770   2.956   1.00 18.06 ? 77  SER A CB  1 
ATOM   549  O  OG  . SER A 1 77  ? -3.663  8.291   1.667   1.00 16.96 ? 77  SER A OG  1 
ATOM   550  N  N   . VAL A 1 78  ? -0.318  7.428   2.265   1.00 15.99 ? 78  VAL A N   1 
ATOM   551  C  CA  . VAL A 1 78  ? 0.757   7.459   1.275   1.00 17.01 ? 78  VAL A CA  1 
ATOM   552  C  C   . VAL A 1 78  ? 0.888   6.095   0.624   1.00 16.17 ? 78  VAL A C   1 
ATOM   553  O  O   . VAL A 1 78  ? 0.798   5.065   1.294   1.00 16.10 ? 78  VAL A O   1 
ATOM   554  C  CB  . VAL A 1 78  ? 2.098   7.886   1.932   1.00 19.96 ? 78  VAL A CB  1 
ATOM   555  C  CG1 . VAL A 1 78  ? 2.494   6.891   3.017   1.00 20.93 ? 78  VAL A CG1 1 
ATOM   556  C  CG2 . VAL A 1 78  ? 3.174   8.023   0.872   1.00 19.47 ? 78  VAL A CG2 1 
ATOM   557  N  N   . ALA A 1 79  ? 1.090   6.078   -0.688  1.00 16.50 ? 79  ALA A N   1 
ATOM   558  C  CA  . ALA A 1 79  ? 1.177   4.804   -1.375  1.00 15.06 ? 79  ALA A CA  1 
ATOM   559  C  C   . ALA A 1 79  ? 1.893   4.833   -2.706  1.00 16.16 ? 79  ALA A C   1 
ATOM   560  O  O   . ALA A 1 79  ? 2.007   5.873   -3.363  1.00 15.31 ? 79  ALA A O   1 
ATOM   561  C  CB  . ALA A 1 79  ? -0.224  4.233   -1.563  1.00 15.56 ? 79  ALA A CB  1 
ATOM   562  N  N   . TYR A 1 80  ? 2.364   3.653   -3.093  1.00 15.94 ? 80  TYR A N   1 
ATOM   563  C  CA  . TYR A 1 80  ? 3.071   3.442   -4.343  1.00 18.21 ? 80  TYR A CA  1 
ATOM   564  C  C   . TYR A 1 80  ? 2.080   2.708   -5.241  1.00 16.15 ? 80  TYR A C   1 
ATOM   565  O  O   . TYR A 1 80  ? 1.600   1.642   -4.884  1.00 19.08 ? 80  TYR A O   1 
ATOM   566  C  CB  . TYR A 1 80  ? 4.296   2.567   -4.082  1.00 19.07 ? 80  TYR A CB  1 
ATOM   567  C  CG  . TYR A 1 80  ? 5.155   2.284   -5.287  1.00 24.78 ? 80  TYR A CG  1 
ATOM   568  C  CD1 . TYR A 1 80  ? 6.141   3.176   -5.688  1.00 27.29 ? 80  TYR A CD1 1 
ATOM   569  C  CD2 . TYR A 1 80  ? 5.022   1.092   -5.993  1.00 26.92 ? 80  TYR A CD2 1 
ATOM   570  C  CE1 . TYR A 1 80  ? 6.984   2.885   -6.757  1.00 30.65 ? 80  TYR A CE1 1 
ATOM   571  C  CE2 . TYR A 1 80  ? 5.860   0.791   -7.065  1.00 30.59 ? 80  TYR A CE2 1 
ATOM   572  C  CZ  . TYR A 1 80  ? 6.842   1.691   -7.437  1.00 29.23 ? 80  TYR A CZ  1 
ATOM   573  O  OH  . TYR A 1 80  ? 7.703   1.379   -8.462  1.00 31.86 ? 80  TYR A OH  1 
ATOM   574  N  N   . HIS A 1 81  ? 1.768   3.281   -6.394  1.00 16.56 ? 81  HIS A N   1 
ATOM   575  C  CA  . HIS A 1 81  ? 0.818   2.666   -7.319  1.00 16.15 ? 81  HIS A CA  1 
ATOM   576  C  C   . HIS A 1 81  ? 1.560   1.926   -8.427  1.00 14.93 ? 81  HIS A C   1 
ATOM   577  O  O   . HIS A 1 81  ? 2.407   2.501   -9.114  1.00 16.42 ? 81  HIS A O   1 
ATOM   578  C  CB  . HIS A 1 81  ? -0.095  3.740   -7.913  1.00 15.53 ? 81  HIS A CB  1 
ATOM   579  C  CG  . HIS A 1 81  ? -1.129  4.253   -6.961  1.00 13.43 ? 81  HIS A CG  1 
ATOM   580  N  ND1 . HIS A 1 81  ? -0.893  4.403   -5.610  1.00 16.49 ? 81  HIS A ND1 1 
ATOM   581  C  CD2 . HIS A 1 81  ? -2.400  4.672   -7.169  1.00 12.38 ? 81  HIS A CD2 1 
ATOM   582  C  CE1 . HIS A 1 81  ? -1.974  4.889   -5.027  1.00 12.70 ? 81  HIS A CE1 1 
ATOM   583  N  NE2 . HIS A 1 81  ? -2.903  5.060   -5.951  1.00 16.27 ? 81  HIS A NE2 1 
ATOM   584  N  N   . ALA A 1 82  ? 1.231   0.650   -8.592  1.00 12.94 ? 82  ALA A N   1 
ATOM   585  C  CA  . ALA A 1 82  ? 1.876   -0.209  -9.579  1.00 15.16 ? 82  ALA A CA  1 
ATOM   586  C  C   . ALA A 1 82  ? 1.665   0.157   -11.040 1.00 15.53 ? 82  ALA A C   1 
ATOM   587  O  O   . ALA A 1 82  ? 2.570   -0.009  -11.858 1.00 13.26 ? 82  ALA A O   1 
ATOM   588  C  CB  . ALA A 1 82  ? 1.435   -1.661  -9.363  1.00 14.39 ? 82  ALA A CB  1 
ATOM   589  N  N   . ASP A 1 83  ? 0.478   0.652   -11.373 1.00 16.41 ? 83  ASP A N   1 
ATOM   590  C  CA  . ASP A 1 83  ? 0.168   0.966   -12.761 1.00 19.38 ? 83  ASP A CA  1 
ATOM   591  C  C   . ASP A 1 83  ? 0.957   2.116   -13.358 1.00 19.78 ? 83  ASP A C   1 
ATOM   592  O  O   . ASP A 1 83  ? 1.097   2.195   -14.574 1.00 20.72 ? 83  ASP A O   1 
ATOM   593  C  CB  . ASP A 1 83  ? -1.338  1.224   -12.930 1.00 20.67 ? 83  ASP A CB  1 
ATOM   594  C  CG  . ASP A 1 83  ? -1.812  2.430   -12.160 1.00 22.59 ? 83  ASP A CG  1 
ATOM   595  O  OD1 . ASP A 1 83  ? -1.689  2.432   -10.916 1.00 27.42 ? 83  ASP A OD1 1 
ATOM   596  O  OD2 . ASP A 1 83  ? -2.313  3.376   -12.802 1.00 27.58 ? 83  ASP A OD2 1 
ATOM   597  N  N   . ASP A 1 84  ? 1.482   3.003   -12.516 1.00 19.42 ? 84  ASP A N   1 
ATOM   598  C  CA  . ASP A 1 84  ? 2.256   4.130   -13.023 1.00 20.53 ? 84  ASP A CA  1 
ATOM   599  C  C   . ASP A 1 84  ? 3.564   4.359   -12.263 1.00 19.90 ? 84  ASP A C   1 
ATOM   600  O  O   . ASP A 1 84  ? 4.351   5.233   -12.630 1.00 19.60 ? 84  ASP A O   1 
ATOM   601  C  CB  . ASP A 1 84  ? 1.411   5.418   -13.009 1.00 20.30 ? 84  ASP A CB  1 
ATOM   602  C  CG  . ASP A 1 84  ? 0.822   5.725   -11.642 1.00 21.74 ? 84  ASP A CG  1 
ATOM   603  O  OD1 . ASP A 1 84  ? 1.343   5.210   -10.634 1.00 19.95 ? 84  ASP A OD1 1 
ATOM   604  O  OD2 . ASP A 1 84  ? -0.162  6.503   -11.578 1.00 23.66 ? 84  ASP A OD2 1 
ATOM   605  N  N   . GLY A 1 85  ? 3.783   3.576   -11.211 1.00 18.04 ? 85  GLY A N   1 
ATOM   606  C  CA  . GLY A 1 85  ? 4.996   3.696   -10.418 1.00 18.57 ? 85  GLY A CA  1 
ATOM   607  C  C   . GLY A 1 85  ? 5.058   4.990   -9.637  1.00 18.16 ? 85  GLY A C   1 
ATOM   608  O  O   . GLY A 1 85  ? 6.079   5.329   -9.042  1.00 17.32 ? 85  GLY A O   1 
ATOM   609  N  N   . LYS A 1 86  ? 3.946   5.711   -9.610  1.00 17.04 ? 86  LYS A N   1 
ATOM   610  C  CA  . LYS A 1 86  ? 3.913   6.986   -8.919  1.00 15.51 ? 86  LYS A CA  1 
ATOM   611  C  C   . LYS A 1 86  ? 3.607   6.917   -7.432  1.00 15.14 ? 86  LYS A C   1 
ATOM   612  O  O   . LYS A 1 86  ? 2.957   5.986   -6.953  1.00 14.16 ? 86  LYS A O   1 
ATOM   613  C  CB  . LYS A 1 86  ? 2.910   7.916   -9.614  1.00 15.75 ? 86  LYS A CB  1 
ATOM   614  C  CG  . LYS A 1 86  ? 3.363   8.372   -10.998 1.00 17.63 ? 86  LYS A CG  1 
ATOM   615  C  CD  . LYS A 1 86  ? 2.337   9.286   -11.640 1.00 20.37 ? 86  LYS A CD  1 
ATOM   616  C  CE  . LYS A 1 86  ? 2.849   9.860   -12.956 1.00 22.76 ? 86  LYS A CE  1 
ATOM   617  N  NZ  . LYS A 1 86  ? 1.805   10.712  -13.592 1.00 24.17 ? 86  LYS A NZ  1 
ATOM   618  N  N   . LEU A 1 87  ? 4.095   7.918   -6.708  1.00 14.76 ? 87  LEU A N   1 
ATOM   619  C  CA  . LEU A 1 87  ? 3.865   8.030   -5.273  1.00 15.29 ? 87  LEU A CA  1 
ATOM   620  C  C   . LEU A 1 87  ? 2.674   8.963   -5.068  1.00 14.99 ? 87  LEU A C   1 
ATOM   621  O  O   . LEU A 1 87  ? 2.659   10.071  -5.589  1.00 14.11 ? 87  LEU A O   1 
ATOM   622  C  CB  . LEU A 1 87  ? 5.095   8.625   -4.578  1.00 16.20 ? 87  LEU A CB  1 
ATOM   623  C  CG  . LEU A 1 87  ? 4.899   9.072   -3.125  1.00 18.49 ? 87  LEU A CG  1 
ATOM   624  C  CD1 . LEU A 1 87  ? 4.779   7.859   -2.235  1.00 18.57 ? 87  LEU A CD1 1 
ATOM   625  C  CD2 . LEU A 1 87  ? 6.079   9.947   -2.685  1.00 22.07 ? 87  LEU A CD2 1 
ATOM   626  N  N   . TYR A 1 88  ? 1.676   8.501   -4.326  1.00 15.06 ? 88  TYR A N   1 
ATOM   627  C  CA  . TYR A 1 88  ? 0.489   9.298   -4.043  1.00 17.33 ? 88  TYR A CA  1 
ATOM   628  C  C   . TYR A 1 88  ? 0.471   9.575   -2.552  1.00 18.33 ? 88  TYR A C   1 
ATOM   629  O  O   . TYR A 1 88  ? 0.676   8.664   -1.749  1.00 19.01 ? 88  TYR A O   1 
ATOM   630  C  CB  . TYR A 1 88  ? -0.776  8.530   -4.432  1.00 15.99 ? 88  TYR A CB  1 
ATOM   631  C  CG  . TYR A 1 88  ? -0.985  8.419   -5.926  1.00 16.68 ? 88  TYR A CG  1 
ATOM   632  C  CD1 . TYR A 1 88  ? -1.949  9.191   -6.573  1.00 17.27 ? 88  TYR A CD1 1 
ATOM   633  C  CD2 . TYR A 1 88  ? -0.215  7.550   -6.691  1.00 13.30 ? 88  TYR A CD2 1 
ATOM   634  C  CE1 . TYR A 1 88  ? -2.144  9.096   -7.955  1.00 20.09 ? 88  TYR A CE1 1 
ATOM   635  C  CE2 . TYR A 1 88  ? -0.399  7.448   -8.074  1.00 17.62 ? 88  TYR A CE2 1 
ATOM   636  C  CZ  . TYR A 1 88  ? -1.362  8.221   -8.696  1.00 18.10 ? 88  TYR A CZ  1 
ATOM   637  O  OH  . TYR A 1 88  ? -1.553  8.115   -10.052 1.00 20.21 ? 88  TYR A OH  1 
ATOM   638  N  N   . ASN A 1 89  ? 0.251   10.823  -2.163  1.00 20.24 ? 89  ASN A N   1 
ATOM   639  C  CA  . ASN A 1 89  ? 0.212   11.110  -0.741  1.00 23.84 ? 89  ASN A CA  1 
ATOM   640  C  C   . ASN A 1 89  ? -0.737  12.230  -0.354  1.00 23.89 ? 89  ASN A C   1 
ATOM   641  O  O   . ASN A 1 89  ? -0.325  13.269  0.160   1.00 25.14 ? 89  ASN A O   1 
ATOM   642  C  CB  . ASN A 1 89  ? 1.629   11.371  -0.210  1.00 27.31 ? 89  ASN A CB  1 
ATOM   643  C  CG  . ASN A 1 89  ? 2.203   12.683  -0.674  1.00 32.14 ? 89  ASN A CG  1 
ATOM   644  O  OD1 . ASN A 1 89  ? 2.021   13.091  -1.823  1.00 36.38 ? 89  ASN A OD1 1 
ATOM   645  N  ND2 . ASN A 1 89  ? 2.925   13.353  0.220   1.00 36.83 ? 89  ASN A ND2 1 
ATOM   646  N  N   . GLY A 1 90  ? -2.024  12.002  -0.606  1.00 22.59 ? 90  GLY A N   1 
ATOM   647  C  CA  . GLY A 1 90  ? -3.023  12.982  -0.242  1.00 22.49 ? 90  GLY A CA  1 
ATOM   648  C  C   . GLY A 1 90  ? -4.010  13.398  -1.306  1.00 21.27 ? 90  GLY A C   1 
ATOM   649  O  O   . GLY A 1 90  ? -5.072  13.913  -0.972  1.00 23.49 ? 90  GLY A O   1 
ATOM   650  N  N   . ARG A 1 91  ? -3.675  13.182  -2.576  1.00 20.92 ? 91  ARG A N   1 
ATOM   651  C  CA  . ARG A 1 91  ? -4.548  13.567  -3.690  1.00 21.62 ? 91  ARG A CA  1 
ATOM   652  C  C   . ARG A 1 91  ? -4.447  12.525  -4.797  1.00 19.90 ? 91  ARG A C   1 
ATOM   653  O  O   . ARG A 1 91  ? -3.547  11.685  -4.787  1.00 19.66 ? 91  ARG A O   1 
ATOM   654  C  CB  . ARG A 1 91  ? -4.115  14.926  -4.268  1.00 23.14 ? 91  ARG A CB  1 
ATOM   655  C  CG  . ARG A 1 91  ? -3.359  15.813  -3.302  1.00 27.48 ? 91  ARG A CG  1 
ATOM   656  C  CD  . ARG A 1 91  ? -2.673  16.970  -4.026  1.00 25.39 ? 91  ARG A CD  1 
ATOM   657  N  NE  . ARG A 1 91  ? -3.629  17.812  -4.742  1.00 25.71 ? 91  ARG A NE  1 
ATOM   658  C  CZ  . ARG A 1 91  ? -3.515  18.144  -6.024  1.00 26.52 ? 91  ARG A CZ  1 
ATOM   659  N  NH1 . ARG A 1 91  ? -2.485  17.702  -6.739  1.00 24.00 ? 91  ARG A NH1 1 
ATOM   660  N  NH2 . ARG A 1 91  ? -4.430  18.917  -6.594  1.00 26.60 ? 91  ARG A NH2 1 
ATOM   661  N  N   . ALA A 1 92  ? -5.351  12.602  -5.768  1.00 20.09 ? 92  ALA A N   1 
ATOM   662  C  CA  . ALA A 1 92  ? -5.361  11.645  -6.869  1.00 20.65 ? 92  ALA A CA  1 
ATOM   663  C  C   . ALA A 1 92  ? -4.444  12.019  -8.027  1.00 22.99 ? 92  ALA A C   1 
ATOM   664  O  O   . ALA A 1 92  ? -4.691  11.641  -9.172  1.00 24.01 ? 92  ALA A O   1 
ATOM   665  C  CB  . ALA A 1 92  ? -6.777  11.437  -7.377  1.00 22.93 ? 92  ALA A CB  1 
ATOM   666  N  N   . LYS A 1 93  ? -3.403  12.787  -7.735  1.00 23.74 ? 93  LYS A N   1 
ATOM   667  C  CA  . LYS A 1 93  ? -2.426  13.142  -8.753  1.00 25.95 ? 93  LYS A CA  1 
ATOM   668  C  C   . LYS A 1 93  ? -1.119  12.623  -8.194  1.00 26.78 ? 93  LYS A C   1 
ATOM   669  O  O   . LYS A 1 93  ? -0.662  13.070  -7.138  1.00 26.93 ? 93  LYS A O   1 
ATOM   670  C  CB  . LYS A 1 93  ? -2.338  14.651  -8.970  1.00 28.58 ? 93  LYS A CB  1 
ATOM   671  C  CG  . LYS A 1 93  ? -1.302  15.035  -10.028 1.00 32.45 ? 93  LYS A CG  1 
ATOM   672  C  CD  . LYS A 1 93  ? -1.353  16.517  -10.369 1.00 33.99 ? 93  LYS A CD  1 
ATOM   673  C  CE  . LYS A 1 93  ? -0.355  16.868  -11.458 1.00 36.69 ? 93  LYS A CE  1 
ATOM   674  N  NZ  . LYS A 1 93  ? 1.050   16.631  -11.028 1.00 38.45 ? 93  LYS A NZ  1 
ATOM   675  N  N   . GLY A 1 94  ? -0.537  11.656  -8.888  1.00 26.56 ? 94  GLY A N   1 
ATOM   676  C  CA  . GLY A 1 94  ? 0.702   11.073  -8.421  1.00 28.02 ? 94  GLY A CA  1 
ATOM   677  C  C   . GLY A 1 94  ? 1.937   11.862  -8.795  1.00 29.64 ? 94  GLY A C   1 
ATOM   678  O  O   . GLY A 1 94  ? 1.884   12.822  -9.565  1.00 26.68 ? 94  GLY A O   1 
ATOM   679  N  N   . ARG A 1 95  ? 3.064   11.434  -8.246  1.00 29.43 ? 95  ARG A N   1 
ATOM   680  C  CA  . ARG A 1 95  ? 4.330   12.084  -8.505  1.00 31.40 ? 95  ARG A CA  1 
ATOM   681  C  C   . ARG A 1 95  ? 5.332   11.044  -8.991  1.00 30.22 ? 95  ARG A C   1 
ATOM   682  O  O   . ARG A 1 95  ? 5.460   9.977   -8.383  1.00 29.58 ? 95  ARG A O   1 
ATOM   683  C  CB  . ARG A 1 95  ? 4.826   12.729  -7.219  1.00 33.90 ? 95  ARG A CB  1 
ATOM   684  C  CG  . ARG A 1 95  ? 6.055   13.562  -7.395  1.00 36.22 ? 95  ARG A CG  1 
ATOM   685  C  CD  . ARG A 1 95  ? 6.516   14.079  -6.065  1.00 38.15 ? 95  ARG A CD  1 
ATOM   686  N  NE  . ARG A 1 95  ? 7.636   14.994  -6.215  1.00 35.49 ? 95  ARG A NE  1 
ATOM   687  C  CZ  . ARG A 1 95  ? 8.136   15.705  -5.215  1.00 34.96 ? 95  ARG A CZ  1 
ATOM   688  N  NH1 . ARG A 1 95  ? 7.604   15.596  -4.001  1.00 33.49 ? 95  ARG A NH1 1 
ATOM   689  N  NH2 . ARG A 1 95  ? 9.155   16.523  -5.431  1.00 29.96 ? 95  ARG A NH2 1 
ATOM   690  N  N   . GLN A 1 96  ? 6.034   11.339  -10.086 1.00 29.41 ? 96  GLN A N   1 
ATOM   691  C  CA  . GLN A 1 96  ? 7.022   10.398  -10.617 1.00 27.94 ? 96  GLN A CA  1 
ATOM   692  C  C   . GLN A 1 96  ? 7.832   9.888   -9.439  1.00 26.50 ? 96  GLN A C   1 
ATOM   693  O  O   . GLN A 1 96  ? 8.295   10.670  -8.615  1.00 23.47 ? 96  GLN A O   1 
ATOM   694  C  CB  . GLN A 1 96  ? 7.923   11.078  -11.647 1.00 31.21 ? 96  GLN A CB  1 
ATOM   695  C  CG  . GLN A 1 96  ? 7.219   11.356  -12.968 1.00 36.10 ? 96  GLN A CG  1 
ATOM   696  C  CD  . GLN A 1 96  ? 6.969   10.096  -13.789 1.00 39.06 ? 96  GLN A CD  1 
ATOM   697  O  OE1 . GLN A 1 96  ? 6.334   9.143   -13.324 1.00 38.84 ? 96  GLN A OE1 1 
ATOM   698  N  NE2 . GLN A 1 96  ? 7.468   10.090  -15.024 1.00 40.75 ? 96  GLN A NE2 1 
ATOM   699  N  N   . PHE A 1 97  ? 7.993   8.571   -9.367  1.00 26.20 ? 97  PHE A N   1 
ATOM   700  C  CA  . PHE A 1 97  ? 8.679   7.955   -8.246  1.00 25.11 ? 97  PHE A CA  1 
ATOM   701  C  C   . PHE A 1 97  ? 9.495   6.742   -8.686  1.00 25.01 ? 97  PHE A C   1 
ATOM   702  O  O   . PHE A 1 97  ? 10.724  6.797   -8.730  1.00 27.43 ? 97  PHE A O   1 
ATOM   703  C  CB  . PHE A 1 97  ? 7.625   7.541   -7.215  1.00 25.03 ? 97  PHE A CB  1 
ATOM   704  C  CG  . PHE A 1 97  ? 8.170   7.287   -5.844  1.00 23.47 ? 97  PHE A CG  1 
ATOM   705  C  CD1 . PHE A 1 97  ? 8.825   8.297   -5.141  1.00 22.28 ? 97  PHE A CD1 1 
ATOM   706  C  CD2 . PHE A 1 97  ? 7.992   6.052   -5.234  1.00 22.83 ? 97  PHE A CD2 1 
ATOM   707  C  CE1 . PHE A 1 97  ? 9.292   8.078   -3.851  1.00 24.83 ? 97  PHE A CE1 1 
ATOM   708  C  CE2 . PHE A 1 97  ? 8.459   5.821   -3.939  1.00 25.41 ? 97  PHE A CE2 1 
ATOM   709  C  CZ  . PHE A 1 97  ? 9.108   6.838   -3.247  1.00 22.96 ? 97  PHE A CZ  1 
ATOM   710  N  N   . GLY A 1 98  ? 8.814   5.644   -8.996  1.00 23.08 ? 98  GLY A N   1 
ATOM   711  C  CA  . GLY A 1 98  ? 9.516   4.452   -9.432  1.00 20.27 ? 98  GLY A CA  1 
ATOM   712  C  C   . GLY A 1 98  ? 9.002   3.940   -10.761 1.00 21.71 ? 98  GLY A C   1 
ATOM   713  O  O   . GLY A 1 98  ? 8.315   4.653   -11.482 1.00 19.84 ? 98  GLY A O   1 
ATOM   714  N  N   . SER A 1 99  ? 9.337   2.697   -11.088 1.00 22.30 ? 99  SER A N   1 
ATOM   715  C  CA  . SER A 1 99  ? 8.886   2.095   -12.332 1.00 22.99 ? 99  SER A CA  1 
ATOM   716  C  C   . SER A 1 99  ? 7.588   1.323   -12.099 1.00 22.61 ? 99  SER A C   1 
ATOM   717  O  O   . SER A 1 99  ? 7.277   0.938   -10.967 1.00 19.92 ? 99  SER A O   1 
ATOM   718  C  CB  . SER A 1 99  ? 9.968   1.164   -12.888 1.00 24.12 ? 99  SER A CB  1 
ATOM   719  O  OG  . SER A 1 99  ? 10.459  0.296   -11.884 1.00 28.96 ? 99  SER A OG  1 
ATOM   720  N  N   . LYS A 1 100 ? 6.819   1.113   -13.162 1.00 21.25 ? 100 LYS A N   1 
ATOM   721  C  CA  . LYS A 1 100 ? 5.566   0.390   -13.026 1.00 23.73 ? 100 LYS A CA  1 
ATOM   722  C  C   . LYS A 1 100 ? 5.843   -1.058  -12.637 1.00 22.78 ? 100 LYS A C   1 
ATOM   723  O  O   . LYS A 1 100 ? 6.908   -1.596  -12.935 1.00 21.78 ? 100 LYS A O   1 
ATOM   724  C  CB  . LYS A 1 100 ? 4.758   0.467   -14.329 1.00 26.63 ? 100 LYS A CB  1 
ATOM   725  C  CG  . LYS A 1 100 ? 5.517   0.072   -15.576 1.00 33.77 ? 100 LYS A CG  1 
ATOM   726  C  CD  . LYS A 1 100 ? 4.794   0.535   -16.843 1.00 38.13 ? 100 LYS A CD  1 
ATOM   727  C  CE  . LYS A 1 100 ? 3.442   -0.157  -17.024 1.00 41.02 ? 100 LYS A CE  1 
ATOM   728  N  NZ  . LYS A 1 100 ? 2.773   0.252   -18.300 1.00 42.76 ? 100 LYS A NZ  1 
ATOM   729  N  N   . CYS A 1 101 ? 4.889   -1.676  -11.952 1.00 21.63 ? 101 CYS A N   1 
ATOM   730  C  CA  . CYS A 1 101 ? 5.032   -3.058  -11.510 1.00 20.82 ? 101 CYS A CA  1 
ATOM   731  C  C   . CYS A 1 101 ? 3.962   -3.929  -12.152 1.00 22.35 ? 101 CYS A C   1 
ATOM   732  O  O   . CYS A 1 101 ? 2.854   -3.461  -12.419 1.00 23.43 ? 101 CYS A O   1 
ATOM   733  C  CB  . CYS A 1 101 ? 4.924   -3.132  -9.987  1.00 18.62 ? 101 CYS A CB  1 
ATOM   734  S  SG  . CYS A 1 101 ? 6.202   -2.215  -9.117  1.00 20.64 ? 101 CYS A SG  1 
ATOM   735  N  N   . ASN A 1 102 ? 4.293   -5.195  -12.402 1.00 19.90 ? 102 ASN A N   1 
ATOM   736  C  CA  . ASN A 1 102 ? 3.354   -6.113  -13.033 1.00 19.07 ? 102 ASN A CA  1 
ATOM   737  C  C   . ASN A 1 102 ? 3.392   -7.459  -12.318 1.00 18.26 ? 102 ASN A C   1 
ATOM   738  O  O   . ASN A 1 102 ? 4.066   -7.610  -11.294 1.00 17.44 ? 102 ASN A O   1 
ATOM   739  C  CB  . ASN A 1 102 ? 3.725   -6.304  -14.510 1.00 19.55 ? 102 ASN A CB  1 
ATOM   740  C  CG  . ASN A 1 102 ? 2.517   -6.519  -15.400 1.00 20.82 ? 102 ASN A CG  1 
ATOM   741  O  OD1 . ASN A 1 102 ? 1.580   -7.236  -15.046 1.00 20.44 ? 102 ASN A OD1 1 
ATOM   742  N  ND2 . ASN A 1 102 ? 2.539   -5.901  -16.573 1.00 24.38 ? 102 ASN A ND2 1 
ATOM   743  N  N   . SER A 1 103 ? 2.668   -8.431  -12.865 1.00 17.74 ? 103 SER A N   1 
ATOM   744  C  CA  . SER A 1 103 ? 2.608   -9.769  -12.284 1.00 20.15 ? 103 SER A CA  1 
ATOM   745  C  C   . SER A 1 103 ? 4.021   -10.297 -12.048 1.00 20.90 ? 103 SER A C   1 
ATOM   746  O  O   . SER A 1 103 ? 4.838   -10.313 -12.970 1.00 19.57 ? 103 SER A O   1 
ATOM   747  C  CB  . SER A 1 103 ? 1.860   -10.710 -13.230 1.00 20.88 ? 103 SER A CB  1 
ATOM   748  O  OG  . SER A 1 103 ? 0.578   -10.196 -13.534 1.00 20.58 ? 103 SER A OG  1 
ATOM   749  N  N   . GLY A 1 104 ? 4.307   -10.710 -10.813 1.00 19.53 ? 104 GLY A N   1 
ATOM   750  C  CA  . GLY A 1 104 ? 5.628   -11.229 -10.497 1.00 19.16 ? 104 GLY A CA  1 
ATOM   751  C  C   . GLY A 1 104 ? 6.474   -10.292 -9.660  1.00 18.38 ? 104 GLY A C   1 
ATOM   752  O  O   . GLY A 1 104 ? 7.388   -10.724 -8.955  1.00 17.25 ? 104 GLY A O   1 
ATOM   753  N  N   . ASP A 1 105 ? 6.180   -8.999  -9.746  1.00 17.86 ? 105 ASP A N   1 
ATOM   754  C  CA  . ASP A 1 105 ? 6.912   -8.006  -8.972  1.00 18.39 ? 105 ASP A CA  1 
ATOM   755  C  C   . ASP A 1 105 ? 6.338   -7.921  -7.565  1.00 19.25 ? 105 ASP A C   1 
ATOM   756  O  O   . ASP A 1 105 ? 5.198   -8.324  -7.327  1.00 17.03 ? 105 ASP A O   1 
ATOM   757  C  CB  . ASP A 1 105 ? 6.795   -6.616  -9.605  1.00 18.70 ? 105 ASP A CB  1 
ATOM   758  C  CG  . ASP A 1 105 ? 7.541   -6.496  -10.914 1.00 20.68 ? 105 ASP A CG  1 
ATOM   759  O  OD1 . ASP A 1 105 ? 8.672   -7.022  -11.006 1.00 20.89 ? 105 ASP A OD1 1 
ATOM   760  O  OD2 . ASP A 1 105 ? 7.003   -5.856  -11.845 1.00 21.84 ? 105 ASP A OD2 1 
ATOM   761  N  N   . ARG A 1 106 ? 7.127   -7.394  -6.636  1.00 19.51 ? 106 ARG A N   1 
ATOM   762  C  CA  . ARG A 1 106 ? 6.641   -7.210  -5.277  1.00 18.20 ? 106 ARG A CA  1 
ATOM   763  C  C   . ARG A 1 106 ? 6.948   -5.783  -4.854  1.00 18.16 ? 106 ARG A C   1 
ATOM   764  O  O   . ARG A 1 106 ? 7.956   -5.206  -5.265  1.00 18.38 ? 106 ARG A O   1 
ATOM   765  C  CB  . ARG A 1 106 ? 7.258   -8.224  -4.307  1.00 22.63 ? 106 ARG A CB  1 
ATOM   766  C  CG  . ARG A 1 106 ? 8.711   -8.024  -3.921  1.00 28.01 ? 106 ARG A CG  1 
ATOM   767  C  CD  . ARG A 1 106 ? 9.059   -9.038  -2.824  1.00 33.11 ? 106 ARG A CD  1 
ATOM   768  N  NE  . ARG A 1 106 ? 10.405  -8.879  -2.280  1.00 34.20 ? 106 ARG A NE  1 
ATOM   769  C  CZ  . ARG A 1 106 ? 11.520  -9.163  -2.944  1.00 36.27 ? 106 ARG A CZ  1 
ATOM   770  N  NH1 . ARG A 1 106 ? 11.458  -9.622  -4.187  1.00 34.62 ? 106 ARG A NH1 1 
ATOM   771  N  NH2 . ARG A 1 106 ? 12.698  -9.000  -2.357  1.00 37.52 ? 106 ARG A NH2 1 
ATOM   772  N  N   . ILE A 1 107 ? 6.049   -5.210  -4.061  1.00 16.90 ? 107 ILE A N   1 
ATOM   773  C  CA  . ILE A 1 107 ? 6.175   -3.842  -3.580  1.00 16.98 ? 107 ILE A CA  1 
ATOM   774  C  C   . ILE A 1 107 ? 6.234   -3.873  -2.064  1.00 19.09 ? 107 ILE A C   1 
ATOM   775  O  O   . ILE A 1 107 ? 5.441   -4.559  -1.422  1.00 19.48 ? 107 ILE A O   1 
ATOM   776  C  CB  . ILE A 1 107 ? 4.952   -2.987  -4.025  1.00 18.53 ? 107 ILE A CB  1 
ATOM   777  C  CG1 . ILE A 1 107 ? 4.889   -2.926  -5.554  1.00 18.38 ? 107 ILE A CG1 1 
ATOM   778  C  CG2 . ILE A 1 107 ? 5.040   -1.582  -3.445  1.00 19.31 ? 107 ILE A CG2 1 
ATOM   779  C  CD1 . ILE A 1 107 ? 3.675   -2.170  -6.095  1.00 20.06 ? 107 ILE A CD1 1 
ATOM   780  N  N   . GLY A 1 108 ? 7.192   -3.146  -1.499  1.00 18.79 ? 108 GLY A N   1 
ATOM   781  C  CA  . GLY A 1 108 ? 7.329   -3.092  -0.056  1.00 17.23 ? 108 GLY A CA  1 
ATOM   782  C  C   . GLY A 1 108 ? 7.156   -1.675  0.449   1.00 17.56 ? 108 GLY A C   1 
ATOM   783  O  O   . GLY A 1 108 ? 7.327   -0.710  -0.299  1.00 16.05 ? 108 GLY A O   1 
ATOM   784  N  N   . CYS A 1 109 ? 6.813   -1.550  1.725   1.00 17.79 ? 109 CYS A N   1 
ATOM   785  C  CA  . CYS A 1 109 ? 6.618   -0.251  2.355   1.00 18.43 ? 109 CYS A CA  1 
ATOM   786  C  C   . CYS A 1 109 ? 6.962   -0.357  3.834   1.00 19.29 ? 109 CYS A C   1 
ATOM   787  O  O   . CYS A 1 109 ? 6.517   -1.273  4.519   1.00 17.82 ? 109 CYS A O   1 
ATOM   788  C  CB  . CYS A 1 109 ? 5.164   0.208   2.202   1.00 16.73 ? 109 CYS A CB  1 
ATOM   789  S  SG  . CYS A 1 109 ? 4.796   1.782   3.021   1.00 22.17 ? 109 CYS A SG  1 
ATOM   790  N  N   . GLY A 1 110 ? 7.751   0.584   4.334   1.00 20.70 ? 110 GLY A N   1 
ATOM   791  C  CA  . GLY A 1 110 ? 8.110   0.533   5.736   1.00 22.44 ? 110 GLY A CA  1 
ATOM   792  C  C   . GLY A 1 110 ? 8.377   1.899   6.322   1.00 24.10 ? 110 GLY A C   1 
ATOM   793  O  O   . GLY A 1 110 ? 8.368   2.908   5.615   1.00 23.82 ? 110 GLY A O   1 
ATOM   794  N  N   . ILE A 1 111 ? 8.604   1.928   7.628   1.00 23.46 ? 111 ILE A N   1 
ATOM   795  C  CA  . ILE A 1 111 ? 8.889   3.170   8.323   1.00 25.97 ? 111 ILE A CA  1 
ATOM   796  C  C   . ILE A 1 111 ? 10.284  3.039   8.928   1.00 27.73 ? 111 ILE A C   1 
ATOM   797  O  O   . ILE A 1 111 ? 10.658  1.970   9.412   1.00 26.91 ? 111 ILE A O   1 
ATOM   798  C  CB  . ILE A 1 111 ? 7.864   3.429   9.445   1.00 25.36 ? 111 ILE A CB  1 
ATOM   799  C  CG1 . ILE A 1 111 ? 6.473   3.644   8.837   1.00 24.28 ? 111 ILE A CG1 1 
ATOM   800  C  CG2 . ILE A 1 111 ? 8.282   4.647   10.268  1.00 24.04 ? 111 ILE A CG2 1 
ATOM   801  C  CD1 . ILE A 1 111 ? 5.376   3.782   9.865   1.00 23.37 ? 111 ILE A CD1 1 
ATOM   802  N  N   . GLU A 1 112 ? 11.061  4.114   8.882   1.00 28.46 ? 112 GLU A N   1 
ATOM   803  C  CA  . GLU A 1 112 ? 12.400  4.066   9.446   1.00 31.70 ? 112 GLU A CA  1 
ATOM   804  C  C   . GLU A 1 112 ? 12.260  3.937   10.960  1.00 32.65 ? 112 GLU A C   1 
ATOM   805  O  O   . GLU A 1 112 ? 11.588  4.745   11.607  1.00 30.09 ? 112 GLU A O   1 
ATOM   806  C  CB  . GLU A 1 112 ? 13.181  5.327   9.073   1.00 32.43 ? 112 GLU A CB  1 
ATOM   807  C  CG  . GLU A 1 112 ? 13.372  5.499   7.567   1.00 34.45 ? 112 GLU A CG  1 
ATOM   808  C  CD  . GLU A 1 112 ? 14.364  4.513   6.971   1.00 37.07 ? 112 GLU A CD  1 
ATOM   809  O  OE1 . GLU A 1 112 ? 14.499  3.389   7.500   1.00 39.01 ? 112 GLU A OE1 1 
ATOM   810  O  OE2 . GLU A 1 112 ? 15.003  4.862   5.956   1.00 37.43 ? 112 GLU A OE2 1 
ATOM   811  N  N   . PRO A 1 113 ? 12.880  2.900   11.538  1.00 34.79 ? 113 PRO A N   1 
ATOM   812  C  CA  . PRO A 1 113 ? 12.827  2.653   12.983  1.00 38.21 ? 113 PRO A CA  1 
ATOM   813  C  C   . PRO A 1 113 ? 13.002  3.921   13.816  1.00 39.88 ? 113 PRO A C   1 
ATOM   814  O  O   . PRO A 1 113 ? 12.273  4.149   14.783  1.00 40.15 ? 113 PRO A O   1 
ATOM   815  C  CB  . PRO A 1 113 ? 13.960  1.654   13.195  1.00 37.80 ? 113 PRO A CB  1 
ATOM   816  C  CG  . PRO A 1 113 ? 13.920  0.853   11.919  1.00 37.50 ? 113 PRO A CG  1 
ATOM   817  C  CD  . PRO A 1 113 ? 13.784  1.942   10.874  1.00 35.76 ? 113 PRO A CD  1 
ATOM   818  N  N   . VAL A 1 114 ? 13.964  4.746   13.415  1.00 42.42 ? 114 VAL A N   1 
ATOM   819  C  CA  . VAL A 1 114 ? 14.280  5.991   14.111  1.00 45.04 ? 114 VAL A CA  1 
ATOM   820  C  C   . VAL A 1 114 ? 13.110  6.958   14.237  1.00 45.84 ? 114 VAL A C   1 
ATOM   821  O  O   . VAL A 1 114 ? 13.001  7.675   15.231  1.00 45.35 ? 114 VAL A O   1 
ATOM   822  C  CB  . VAL A 1 114 ? 15.441  6.735   13.415  1.00 46.44 ? 114 VAL A CB  1 
ATOM   823  C  CG1 . VAL A 1 114 ? 15.757  8.021   14.162  1.00 47.44 ? 114 VAL A CG1 1 
ATOM   824  C  CG2 . VAL A 1 114 ? 16.670  5.838   13.355  1.00 47.48 ? 114 VAL A CG2 1 
ATOM   825  N  N   . SER A 1 115 ? 12.235  6.989   13.237  1.00 46.59 ? 115 SER A N   1 
ATOM   826  C  CA  . SER A 1 115 ? 11.099  7.904   13.280  1.00 47.11 ? 115 SER A CA  1 
ATOM   827  C  C   . SER A 1 115 ? 10.056  7.476   14.301  1.00 48.17 ? 115 SER A C   1 
ATOM   828  O  O   . SER A 1 115 ? 9.183   8.262   14.666  1.00 47.91 ? 115 SER A O   1 
ATOM   829  C  CB  . SER A 1 115 ? 10.449  8.024   11.899  1.00 46.91 ? 115 SER A CB  1 
ATOM   830  O  OG  . SER A 1 115 ? 9.931   6.781   11.479  1.00 46.67 ? 115 SER A OG  1 
ATOM   831  N  N   . PHE A 1 116 ? 10.139  6.235   14.772  1.00 49.91 ? 116 PHE A N   1 
ATOM   832  C  CA  . PHE A 1 116 ? 9.171   5.766   15.754  1.00 52.52 ? 116 PHE A CA  1 
ATOM   833  C  C   . PHE A 1 116 ? 9.277   6.538   17.062  1.00 54.75 ? 116 PHE A C   1 
ATOM   834  O  O   . PHE A 1 116 ? 8.772   6.106   18.098  1.00 55.17 ? 116 PHE A O   1 
ATOM   835  C  CB  . PHE A 1 116 ? 9.321   4.262   15.992  1.00 51.15 ? 116 PHE A CB  1 
ATOM   836  C  CG  . PHE A 1 116 ? 8.697   3.425   14.910  1.00 50.47 ? 116 PHE A CG  1 
ATOM   837  C  CD1 . PHE A 1 116 ? 9.483   2.798   13.948  1.00 50.05 ? 116 PHE A CD1 1 
ATOM   838  C  CD2 . PHE A 1 116 ? 7.310   3.306   14.825  1.00 50.01 ? 116 PHE A CD2 1 
ATOM   839  C  CE1 . PHE A 1 116 ? 8.895   2.068   12.912  1.00 49.51 ? 116 PHE A CE1 1 
ATOM   840  C  CE2 . PHE A 1 116 ? 6.716   2.581   13.797  1.00 48.40 ? 116 PHE A CE2 1 
ATOM   841  C  CZ  . PHE A 1 116 ? 7.509   1.962   12.839  1.00 49.49 ? 116 PHE A CZ  1 
ATOM   842  N  N   . ASP A 1 117 ? 9.942   7.687   16.992  1.00 57.17 ? 117 ASP A N   1 
ATOM   843  C  CA  . ASP A 1 117 ? 10.103  8.578   18.130  1.00 59.41 ? 117 ASP A CA  1 
ATOM   844  C  C   . ASP A 1 117 ? 9.132   9.738   17.907  1.00 60.08 ? 117 ASP A C   1 
ATOM   845  O  O   . ASP A 1 117 ? 9.435   10.894  18.203  1.00 61.35 ? 117 ASP A O   1 
ATOM   846  C  CB  . ASP A 1 117 ? 11.542  9.094   18.206  1.00 59.45 ? 117 ASP A CB  1 
ATOM   847  C  CG  . ASP A 1 117 ? 12.555  7.975   18.388  1.00 60.10 ? 117 ASP A CG  1 
ATOM   848  O  OD1 . ASP A 1 117 ? 12.334  7.101   19.253  1.00 59.54 ? 117 ASP A OD1 1 
ATOM   849  O  OD2 . ASP A 1 117 ? 13.577  7.975   17.673  1.00 60.35 ? 117 ASP A OD2 1 
ATOM   850  N  N   . VAL A 1 118 ? 7.965   9.396   17.366  1.00 60.07 ? 118 VAL A N   1 
ATOM   851  C  CA  . VAL A 1 118 ? 6.886   10.333  17.066  1.00 60.13 ? 118 VAL A CA  1 
ATOM   852  C  C   . VAL A 1 118 ? 7.265   11.688  16.477  1.00 59.33 ? 118 VAL A C   1 
ATOM   853  O  O   . VAL A 1 118 ? 8.441   12.031  16.360  1.00 58.71 ? 118 VAL A O   1 
ATOM   854  C  CB  . VAL A 1 118 ? 5.993   10.586  18.317  1.00 60.94 ? 118 VAL A CB  1 
ATOM   855  C  CG1 . VAL A 1 118 ? 5.348   9.297   18.760  1.00 60.56 ? 118 VAL A CG1 1 
ATOM   856  C  CG2 . VAL A 1 118 ? 6.814   11.182  19.453  1.00 61.20 ? 118 VAL A CG2 1 
ATOM   857  N  N   . GLN A 1 119 ? 6.234   12.442  16.099  1.00 58.65 ? 119 GLN A N   1 
ATOM   858  C  CA  . GLN A 1 119 ? 6.375   13.775  15.525  1.00 57.33 ? 119 GLN A CA  1 
ATOM   859  C  C   . GLN A 1 119 ? 6.789   13.780  14.057  1.00 54.99 ? 119 GLN A C   1 
ATOM   860  O  O   . GLN A 1 119 ? 6.975   14.843  13.470  1.00 55.68 ? 119 GLN A O   1 
ATOM   861  C  CB  . GLN A 1 119 ? 7.366   14.602  16.353  1.00 58.99 ? 119 GLN A CB  1 
ATOM   862  C  CG  . GLN A 1 119 ? 7.080   14.551  17.850  1.00 62.01 ? 119 GLN A CG  1 
ATOM   863  C  CD  . GLN A 1 119 ? 5.600   14.717  18.167  1.00 64.05 ? 119 GLN A CD  1 
ATOM   864  O  OE1 . GLN A 1 119 ? 5.012   15.768  17.909  1.00 65.54 ? 119 GLN A OE1 1 
ATOM   865  N  NE2 . GLN A 1 119 ? 4.992   13.673  18.723  1.00 64.31 ? 119 GLN A NE2 1 
ATOM   866  N  N   . THR A 1 120 ? 6.924   12.593  13.469  1.00 51.69 ? 120 THR A N   1 
ATOM   867  C  CA  . THR A 1 120 ? 7.307   12.451  12.060  1.00 47.68 ? 120 THR A CA  1 
ATOM   868  C  C   . THR A 1 120 ? 7.530   11.002  11.657  1.00 43.67 ? 120 THR A C   1 
ATOM   869  O  O   . THR A 1 120 ? 8.090   10.211  12.416  1.00 43.61 ? 120 THR A O   1 
ATOM   870  C  CB  . THR A 1 120 ? 8.598   13.217  11.729  1.00 48.58 ? 120 THR A CB  1 
ATOM   871  O  OG1 . THR A 1 120 ? 9.356   13.408  12.929  1.00 50.93 ? 120 THR A OG1 1 
ATOM   872  C  CG2 . THR A 1 120 ? 8.278   14.553  11.081  1.00 48.40 ? 120 THR A CG2 1 
ATOM   873  N  N   . ALA A 1 121 ? 7.108   10.667  10.445  1.00 39.08 ? 121 ALA A N   1 
ATOM   874  C  CA  . ALA A 1 121 ? 7.253   9.314   9.938   1.00 34.02 ? 121 ALA A CA  1 
ATOM   875  C  C   . ALA A 1 121 ? 8.026   9.285   8.623   1.00 31.34 ? 121 ALA A C   1 
ATOM   876  O  O   . ALA A 1 121 ? 7.560   9.804   7.610   1.00 30.26 ? 121 ALA A O   1 
ATOM   877  C  CB  . ALA A 1 121 ? 5.876   8.693   9.749   1.00 34.99 ? 121 ALA A CB  1 
ATOM   878  N  N   . GLN A 1 122 ? 9.216   8.694   8.649   1.00 27.39 ? 122 GLN A N   1 
ATOM   879  C  CA  . GLN A 1 122 ? 10.027  8.583   7.444   1.00 26.77 ? 122 GLN A CA  1 
ATOM   880  C  C   . GLN A 1 122 ? 9.652   7.265   6.769   1.00 24.34 ? 122 GLN A C   1 
ATOM   881  O  O   . GLN A 1 122 ? 10.066  6.183   7.191   1.00 24.00 ? 122 GLN A O   1 
ATOM   882  C  CB  . GLN A 1 122 ? 11.521  8.610   7.790   1.00 26.19 ? 122 GLN A CB  1 
ATOM   883  C  CG  . GLN A 1 122 ? 12.429  8.461   6.578   1.00 27.44 ? 122 GLN A CG  1 
ATOM   884  C  CD  . GLN A 1 122 ? 13.835  8.979   6.823   1.00 27.17 ? 122 GLN A CD  1 
ATOM   885  O  OE1 . GLN A 1 122 ? 14.758  8.649   6.087   1.00 28.84 ? 122 GLN A OE1 1 
ATOM   886  N  NE2 . GLN A 1 122 ? 13.995  9.805   7.850   1.00 28.80 ? 122 GLN A NE2 1 
ATOM   887  N  N   . ILE A 1 123 ? 8.856   7.373   5.715   1.00 23.95 ? 123 ILE A N   1 
ATOM   888  C  CA  . ILE A 1 123 ? 8.373   6.206   4.996   1.00 23.33 ? 123 ILE A CA  1 
ATOM   889  C  C   . ILE A 1 123 ? 9.157   5.893   3.731   1.00 22.35 ? 123 ILE A C   1 
ATOM   890  O  O   . ILE A 1 123 ? 9.413   6.776   2.911   1.00 21.58 ? 123 ILE A O   1 
ATOM   891  C  CB  . ILE A 1 123 ? 6.889   6.397   4.643   1.00 25.00 ? 123 ILE A CB  1 
ATOM   892  C  CG1 . ILE A 1 123 ? 6.103   6.686   5.927   1.00 24.19 ? 123 ILE A CG1 1 
ATOM   893  C  CG2 . ILE A 1 123 ? 6.351   5.150   3.948   1.00 22.72 ? 123 ILE A CG2 1 
ATOM   894  C  CD1 . ILE A 1 123 ? 4.700   7.146   5.686   1.00 28.73 ? 123 ILE A CD1 1 
ATOM   895  N  N   . PHE A 1 124 ? 9.534   4.629   3.576   1.00 21.18 ? 124 PHE A N   1 
ATOM   896  C  CA  . PHE A 1 124 ? 10.279  4.213   2.404   1.00 21.02 ? 124 PHE A CA  1 
ATOM   897  C  C   . PHE A 1 124 ? 9.548   3.108   1.652   1.00 21.01 ? 124 PHE A C   1 
ATOM   898  O  O   . PHE A 1 124 ? 8.784   2.337   2.236   1.00 19.82 ? 124 PHE A O   1 
ATOM   899  C  CB  . PHE A 1 124 ? 11.695  3.762   2.803   1.00 23.33 ? 124 PHE A CB  1 
ATOM   900  C  CG  . PHE A 1 124 ? 11.731  2.514   3.635   1.00 24.12 ? 124 PHE A CG  1 
ATOM   901  C  CD1 . PHE A 1 124 ? 11.721  1.260   3.032   1.00 24.20 ? 124 PHE A CD1 1 
ATOM   902  C  CD2 . PHE A 1 124 ? 11.771  2.590   5.025   1.00 25.92 ? 124 PHE A CD2 1 
ATOM   903  C  CE1 . PHE A 1 124 ? 11.751  0.100   3.801   1.00 24.18 ? 124 PHE A CE1 1 
ATOM   904  C  CE2 . PHE A 1 124 ? 11.801  1.430   5.800   1.00 24.44 ? 124 PHE A CE2 1 
ATOM   905  C  CZ  . PHE A 1 124 ? 11.791  0.187   5.186   1.00 25.16 ? 124 PHE A CZ  1 
ATOM   906  N  N   . PHE A 1 125 ? 9.780   3.046   0.346   1.00 19.14 ? 125 PHE A N   1 
ATOM   907  C  CA  . PHE A 1 125 ? 9.140   2.053   -0.509  1.00 18.70 ? 125 PHE A CA  1 
ATOM   908  C  C   . PHE A 1 125 ? 10.196  1.239   -1.244  1.00 19.11 ? 125 PHE A C   1 
ATOM   909  O  O   . PHE A 1 125 ? 11.298  1.730   -1.512  1.00 18.20 ? 125 PHE A O   1 
ATOM   910  C  CB  . PHE A 1 125 ? 8.219   2.753   -1.514  1.00 17.12 ? 125 PHE A CB  1 
ATOM   911  C  CG  . PHE A 1 125 ? 6.972   3.323   -0.899  1.00 17.53 ? 125 PHE A CG  1 
ATOM   912  C  CD1 . PHE A 1 125 ? 5.835   2.530   -0.739  1.00 15.90 ? 125 PHE A CD1 1 
ATOM   913  C  CD2 . PHE A 1 125 ? 6.942   4.640   -0.443  1.00 17.94 ? 125 PHE A CD2 1 
ATOM   914  C  CE1 . PHE A 1 125 ? 4.683   3.042   -0.135  1.00 16.80 ? 125 PHE A CE1 1 
ATOM   915  C  CE2 . PHE A 1 125 ? 5.797   5.159   0.160   1.00 17.48 ? 125 PHE A CE2 1 
ATOM   916  C  CZ  . PHE A 1 125 ? 4.665   4.356   0.314   1.00 17.86 ? 125 PHE A CZ  1 
ATOM   917  N  N   . THR A 1 126 ? 9.851   -0.003  -1.574  1.00 18.60 ? 126 THR A N   1 
ATOM   918  C  CA  . THR A 1 126 ? 10.765  -0.890  -2.275  1.00 18.81 ? 126 THR A CA  1 
ATOM   919  C  C   . THR A 1 126 ? 10.068  -1.610  -3.422  1.00 20.46 ? 126 THR A C   1 
ATOM   920  O  O   . THR A 1 126 ? 8.855   -1.803  -3.404  1.00 22.81 ? 126 THR A O   1 
ATOM   921  C  CB  . THR A 1 126 ? 11.347  -1.963  -1.315  1.00 19.94 ? 126 THR A CB  1 
ATOM   922  O  OG1 . THR A 1 126 ? 10.290  -2.782  -0.810  1.00 20.03 ? 126 THR A OG1 1 
ATOM   923  C  CG2 . THR A 1 126 ? 12.047  -1.307  -0.131  1.00 17.83 ? 126 THR A CG2 1 
ATOM   924  N  N   . LYS A 1 127 ? 10.841  -1.982  -4.432  1.00 17.99 ? 127 LYS A N   1 
ATOM   925  C  CA  . LYS A 1 127 ? 10.322  -2.738  -5.556  1.00 18.67 ? 127 LYS A CA  1 
ATOM   926  C  C   . LYS A 1 127 ? 11.259  -3.929  -5.662  1.00 20.22 ? 127 LYS A C   1 
ATOM   927  O  O   . LYS A 1 127 ? 12.462  -3.764  -5.873  1.00 19.29 ? 127 LYS A O   1 
ATOM   928  C  CB  . LYS A 1 127 ? 10.360  -1.939  -6.859  1.00 18.24 ? 127 LYS A CB  1 
ATOM   929  C  CG  . LYS A 1 127 ? 9.869   -2.772  -8.029  1.00 21.68 ? 127 LYS A CG  1 
ATOM   930  C  CD  . LYS A 1 127 ? 9.975   -2.046  -9.354  1.00 23.13 ? 127 LYS A CD  1 
ATOM   931  C  CE  . LYS A 1 127 ? 9.587   -2.980  -10.488 1.00 24.55 ? 127 LYS A CE  1 
ATOM   932  N  NZ  . LYS A 1 127 ? 9.621   -2.265  -11.797 1.00 26.14 ? 127 LYS A NZ  1 
ATOM   933  N  N   . ASN A 1 128 ? 10.711  -5.125  -5.491  1.00 19.51 ? 128 ASN A N   1 
ATOM   934  C  CA  . ASN A 1 128 ? 11.516  -6.336  -5.536  1.00 20.81 ? 128 ASN A CA  1 
ATOM   935  C  C   . ASN A 1 128 ? 12.703  -6.273  -4.575  1.00 21.95 ? 128 ASN A C   1 
ATOM   936  O  O   . ASN A 1 128 ? 13.819  -6.662  -4.924  1.00 20.56 ? 128 ASN A O   1 
ATOM   937  C  CB  . ASN A 1 128 ? 11.998  -6.602  -6.963  1.00 21.14 ? 128 ASN A CB  1 
ATOM   938  C  CG  . ASN A 1 128 ? 10.852  -6.917  -7.903  1.00 22.60 ? 128 ASN A CG  1 
ATOM   939  O  OD1 . ASN A 1 128 ? 9.873   -7.544  -7.501  1.00 22.56 ? 128 ASN A OD1 1 
ATOM   940  N  ND2 . ASN A 1 128 ? 10.972  -6.499  -9.158  1.00 20.52 ? 128 ASN A ND2 1 
ATOM   941  N  N   . GLY A 1 129 ? 12.454  -5.774  -3.368  1.00 21.58 ? 129 GLY A N   1 
ATOM   942  C  CA  . GLY A 1 129 ? 13.499  -5.694  -2.358  1.00 23.50 ? 129 GLY A CA  1 
ATOM   943  C  C   . GLY A 1 129 ? 14.471  -4.529  -2.424  1.00 24.76 ? 129 GLY A C   1 
ATOM   944  O  O   . GLY A 1 129 ? 15.251  -4.326  -1.491  1.00 25.04 ? 129 GLY A O   1 
ATOM   945  N  N   . LYS A 1 130 ? 14.435  -3.768  -3.515  1.00 24.24 ? 130 LYS A N   1 
ATOM   946  C  CA  . LYS A 1 130 ? 15.324  -2.624  -3.692  1.00 24.62 ? 130 LYS A CA  1 
ATOM   947  C  C   . LYS A 1 130 ? 14.574  -1.328  -3.429  1.00 24.40 ? 130 LYS A C   1 
ATOM   948  O  O   . LYS A 1 130 ? 13.494  -1.109  -3.966  1.00 20.15 ? 130 LYS A O   1 
ATOM   949  C  CB  . LYS A 1 130 ? 15.885  -2.607  -5.115  1.00 28.41 ? 130 LYS A CB  1 
ATOM   950  C  CG  . LYS A 1 130 ? 16.886  -1.487  -5.375  1.00 33.71 ? 130 LYS A CG  1 
ATOM   951  C  CD  . LYS A 1 130 ? 17.438  -1.555  -6.797  1.00 38.65 ? 130 LYS A CD  1 
ATOM   952  C  CE  . LYS A 1 130 ? 18.495  -0.480  -7.037  1.00 40.54 ? 130 LYS A CE  1 
ATOM   953  N  NZ  . LYS A 1 130 ? 19.065  -0.559  -8.411  1.00 43.20 ? 130 LYS A NZ  1 
ATOM   954  N  N   . ARG A 1 131 ? 15.152  -0.463  -2.605  1.00 25.18 ? 131 ARG A N   1 
ATOM   955  C  CA  . ARG A 1 131 ? 14.499  0.794   -2.281  1.00 26.05 ? 131 ARG A CA  1 
ATOM   956  C  C   . ARG A 1 131 ? 14.313  1.687   -3.498  1.00 26.61 ? 131 ARG A C   1 
ATOM   957  O  O   . ARG A 1 131 ? 15.211  1.819   -4.335  1.00 24.91 ? 131 ARG A O   1 
ATOM   958  C  CB  . ARG A 1 131 ? 15.275  1.541   -1.200  1.00 28.82 ? 131 ARG A CB  1 
ATOM   959  C  CG  . ARG A 1 131 ? 14.510  2.730   -0.657  1.00 35.00 ? 131 ARG A CG  1 
ATOM   960  C  CD  . ARG A 1 131 ? 15.147  3.293   0.595   1.00 37.68 ? 131 ARG A CD  1 
ATOM   961  N  NE  . ARG A 1 131 ? 15.335  2.279   1.623   1.00 38.95 ? 131 ARG A NE  1 
ATOM   962  C  CZ  . ARG A 1 131 ? 15.446  2.557   2.917   1.00 40.76 ? 131 ARG A CZ  1 
ATOM   963  N  NH1 . ARG A 1 131 ? 15.378  3.816   3.329   1.00 42.82 ? 131 ARG A NH1 1 
ATOM   964  N  NH2 . ARG A 1 131 ? 15.636  1.583   3.796   1.00 39.96 ? 131 ARG A NH2 1 
ATOM   965  N  N   . VAL A 1 132 ? 13.131  2.289   -3.593  1.00 25.97 ? 132 VAL A N   1 
ATOM   966  C  CA  . VAL A 1 132 ? 12.790  3.179   -4.697  1.00 27.34 ? 132 VAL A CA  1 
ATOM   967  C  C   . VAL A 1 132 ? 12.960  4.621   -4.244  1.00 28.23 ? 132 VAL A C   1 
ATOM   968  O  O   . VAL A 1 132 ? 13.635  5.413   -4.894  1.00 29.35 ? 132 VAL A O   1 
ATOM   969  C  CB  . VAL A 1 132 ? 11.323  2.978   -5.144  1.00 27.67 ? 132 VAL A CB  1 
ATOM   970  C  CG1 . VAL A 1 132 ? 11.014  3.863   -6.350  1.00 29.20 ? 132 VAL A CG1 1 
ATOM   971  C  CG2 . VAL A 1 132 ? 11.080  1.519   -5.479  1.00 28.48 ? 132 VAL A CG2 1 
ATOM   972  N  N   . GLY A 1 133 ? 12.350  4.954   -3.114  1.00 27.01 ? 133 GLY A N   1 
ATOM   973  C  CA  . GLY A 1 133 ? 12.447  6.306   -2.601  1.00 25.69 ? 133 GLY A CA  1 
ATOM   974  C  C   . GLY A 1 133 ? 11.721  6.438   -1.280  1.00 23.80 ? 133 GLY A C   1 
ATOM   975  O  O   . GLY A 1 133 ? 11.107  5.480   -0.808  1.00 23.09 ? 133 GLY A O   1 
ATOM   976  N  N   . SER A 1 134 ? 11.769  7.627   -0.693  1.00 21.99 ? 134 SER A N   1 
ATOM   977  C  CA  . SER A 1 134 ? 11.126  7.858   0.592   1.00 21.90 ? 134 SER A CA  1 
ATOM   978  C  C   . SER A 1 134 ? 10.432  9.194   0.665   1.00 21.43 ? 134 SER A C   1 
ATOM   979  O  O   . SER A 1 134 ? 10.531  10.024  -0.239  1.00 19.91 ? 134 SER A O   1 
ATOM   980  C  CB  . SER A 1 134 ? 12.161  7.788   1.719   1.00 22.37 ? 134 SER A CB  1 
ATOM   981  O  OG  . SER A 1 134 ? 12.935  6.605   1.627   1.00 24.92 ? 134 SER A OG  1 
ATOM   982  N  N   . THR A 1 135 ? 9.729   9.396   1.769   1.00 23.81 ? 135 THR A N   1 
ATOM   983  C  CA  . THR A 1 135 ? 9.023   10.635  2.016   1.00 25.79 ? 135 THR A CA  1 
ATOM   984  C  C   . THR A 1 135 ? 8.807   10.720  3.524   1.00 29.76 ? 135 THR A C   1 
ATOM   985  O  O   . THR A 1 135 ? 8.659   9.696   4.194   1.00 30.67 ? 135 THR A O   1 
ATOM   986  C  CB  . THR A 1 135 ? 7.664   10.656  1.281   1.00 27.10 ? 135 THR A CB  1 
ATOM   987  O  OG1 . THR A 1 135 ? 7.037   11.932  1.463   1.00 27.26 ? 135 THR A OG1 1 
ATOM   988  C  CG2 . THR A 1 135 ? 6.746   9.555   1.813   1.00 26.72 ? 135 THR A CG2 1 
ATOM   989  N  N   . ILE A 1 136 ? 8.836   11.935  4.059   1.00 32.00 ? 136 ILE A N   1 
ATOM   990  C  CA  . ILE A 1 136 ? 8.616   12.149  5.484   1.00 35.48 ? 136 ILE A CA  1 
ATOM   991  C  C   . ILE A 1 136 ? 7.242   12.779  5.620   1.00 37.75 ? 136 ILE A C   1 
ATOM   992  O  O   . ILE A 1 136 ? 6.964   13.810  5.010   1.00 36.31 ? 136 ILE A O   1 
ATOM   993  C  CB  . ILE A 1 136 ? 9.671   13.102  6.094   1.00 36.38 ? 136 ILE A CB  1 
ATOM   994  C  CG1 . ILE A 1 136 ? 10.937  12.326  6.455   1.00 36.34 ? 136 ILE A CG1 1 
ATOM   995  C  CG2 . ILE A 1 136 ? 9.118   13.764  7.355   1.00 35.85 ? 136 ILE A CG2 1 
ATOM   996  C  CD1 . ILE A 1 136 ? 11.540  11.562  5.315   1.00 40.40 ? 136 ILE A CD1 1 
HETATM 997  N  N   . MSE A 1 137 ? 6.385   12.149  6.416   1.00 42.42 ? 137 MSE A N   1 
HETATM 998  C  CA  . MSE A 1 137 ? 5.030   12.640  6.619   1.00 48.18 ? 137 MSE A CA  1 
HETATM 999  C  C   . MSE A 1 137 ? 4.914   13.432  7.924   1.00 49.65 ? 137 MSE A C   1 
HETATM 1000 O  O   . MSE A 1 137 ? 5.432   13.017  8.962   1.00 48.20 ? 137 MSE A O   1 
HETATM 1001 C  CB  . MSE A 1 137 ? 4.051   11.464  6.643   1.00 52.56 ? 137 MSE A CB  1 
HETATM 1002 C  CG  . MSE A 1 137 ? 2.802   11.676  5.806   1.00 60.25 ? 137 MSE A CG  1 
HETATM 1003 SE SE  . MSE A 1 137 ? 3.005   11.099  3.967   1.00 70.89 ? 137 MSE A SE  1 
HETATM 1004 C  CE  . MSE A 1 137 ? 3.711   12.733  3.206   1.00 67.46 ? 137 MSE A CE  1 
ATOM   1005 N  N   . PRO A 1 138 ? 4.222   14.584  7.885   1.00 51.94 ? 138 PRO A N   1 
ATOM   1006 C  CA  . PRO A 1 138 ? 4.030   15.446  9.056   1.00 54.12 ? 138 PRO A CA  1 
ATOM   1007 C  C   . PRO A 1 138 ? 3.257   14.756  10.175  1.00 55.97 ? 138 PRO A C   1 
ATOM   1008 O  O   . PRO A 1 138 ? 3.167   15.266  11.290  1.00 56.72 ? 138 PRO A O   1 
ATOM   1009 C  CB  . PRO A 1 138 ? 3.277   16.641  8.480   1.00 53.93 ? 138 PRO A CB  1 
ATOM   1010 C  CG  . PRO A 1 138 ? 2.468   16.024  7.384   1.00 52.91 ? 138 PRO A CG  1 
ATOM   1011 C  CD  . PRO A 1 138 ? 3.482   15.115  6.724   1.00 52.67 ? 138 PRO A CD  1 
HETATM 1012 N  N   . MSE A 1 139 ? 2.704   13.592  9.860   1.00 58.78 ? 139 MSE A N   1 
HETATM 1013 C  CA  . MSE A 1 139 ? 1.933   12.808  10.814  1.00 60.73 ? 139 MSE A CA  1 
HETATM 1014 C  C   . MSE A 1 139 ? 2.856   11.945  11.660  1.00 60.41 ? 139 MSE A C   1 
HETATM 1015 O  O   . MSE A 1 139 ? 4.022   11.755  11.324  1.00 60.33 ? 139 MSE A O   1 
HETATM 1016 C  CB  . MSE A 1 139 ? 0.944   11.924  10.062  1.00 64.00 ? 139 MSE A CB  1 
HETATM 1017 C  CG  . MSE A 1 139 ? 1.607   11.054  9.011   1.00 68.31 ? 139 MSE A CG  1 
HETATM 1018 SE SE  . MSE A 1 139 ? 0.346   10.324  7.752   1.00 75.20 ? 139 MSE A SE  1 
HETATM 1019 C  CE  . MSE A 1 139 ? 1.495   9.036   6.866   1.00 72.05 ? 139 MSE A CE  1 
ATOM   1020 N  N   . SER A 1 140 ? 2.328   11.421  12.759  1.00 60.15 ? 140 SER A N   1 
ATOM   1021 C  CA  . SER A 1 140 ? 3.116   10.580  13.647  1.00 60.03 ? 140 SER A CA  1 
ATOM   1022 C  C   . SER A 1 140 ? 2.973   9.116   13.261  1.00 59.15 ? 140 SER A C   1 
ATOM   1023 O  O   . SER A 1 140 ? 1.963   8.715   12.682  1.00 59.96 ? 140 SER A O   1 
ATOM   1024 C  CB  . SER A 1 140 ? 2.665   10.776  15.095  1.00 61.16 ? 140 SER A CB  1 
ATOM   1025 O  OG  . SER A 1 140 ? 3.388   9.932   15.976  1.00 63.27 ? 140 SER A OG  1 
ATOM   1026 N  N   . PRO A 1 141 ? 3.991   8.297   13.566  1.00 58.25 ? 141 PRO A N   1 
ATOM   1027 C  CA  . PRO A 1 141 ? 3.936   6.871   13.237  1.00 57.37 ? 141 PRO A CA  1 
ATOM   1028 C  C   . PRO A 1 141 ? 3.066   6.117   14.241  1.00 57.38 ? 141 PRO A C   1 
ATOM   1029 O  O   . PRO A 1 141 ? 2.302   6.724   14.990  1.00 58.41 ? 141 PRO A O   1 
ATOM   1030 C  CB  . PRO A 1 141 ? 5.399   6.453   13.297  1.00 57.55 ? 141 PRO A CB  1 
ATOM   1031 C  CG  . PRO A 1 141 ? 5.929   7.310   14.404  1.00 58.09 ? 141 PRO A CG  1 
ATOM   1032 C  CD  . PRO A 1 141 ? 5.315   8.662   14.102  1.00 57.86 ? 141 PRO A CD  1 
ATOM   1033 N  N   . ASP A 1 142 ? 3.190   4.794   14.252  1.00 56.58 ? 142 ASP A N   1 
ATOM   1034 C  CA  . ASP A 1 142 ? 2.413   3.940   15.149  1.00 54.20 ? 142 ASP A CA  1 
ATOM   1035 C  C   . ASP A 1 142 ? 0.918   4.152   14.934  1.00 50.63 ? 142 ASP A C   1 
ATOM   1036 O  O   . ASP A 1 142 ? 0.090   3.540   15.609  1.00 51.82 ? 142 ASP A O   1 
ATOM   1037 C  CB  . ASP A 1 142 ? 2.768   4.215   16.613  1.00 57.27 ? 142 ASP A CB  1 
ATOM   1038 C  CG  . ASP A 1 142 ? 2.673   2.966   17.472  1.00 60.36 ? 142 ASP A CG  1 
ATOM   1039 O  OD1 . ASP A 1 142 ? 3.477   2.032   17.253  1.00 62.11 ? 142 ASP A OD1 1 
ATOM   1040 O  OD2 . ASP A 1 142 ? 1.794   2.911   18.361  1.00 61.40 ? 142 ASP A OD2 1 
ATOM   1041 N  N   . GLY A 1 143 ? 0.584   5.030   13.996  1.00 45.22 ? 143 GLY A N   1 
ATOM   1042 C  CA  . GLY A 1 143 ? -0.807  5.300   13.682  1.00 38.84 ? 143 GLY A CA  1 
ATOM   1043 C  C   . GLY A 1 143 ? -1.024  5.063   12.198  1.00 34.28 ? 143 GLY A C   1 
ATOM   1044 O  O   . GLY A 1 143 ? -2.032  5.481   11.632  1.00 34.14 ? 143 GLY A O   1 
ATOM   1045 N  N   . LEU A 1 144 ? -0.062  4.390   11.573  1.00 30.64 ? 144 LEU A N   1 
ATOM   1046 C  CA  . LEU A 1 144 ? -0.110  4.084   10.144  1.00 27.35 ? 144 LEU A CA  1 
ATOM   1047 C  C   . LEU A 1 144 ? -0.325  2.594   9.914   1.00 24.36 ? 144 LEU A C   1 
ATOM   1048 O  O   . LEU A 1 144 ? 0.439   1.765   10.400  1.00 24.95 ? 144 LEU A O   1 
ATOM   1049 C  CB  . LEU A 1 144 ? 1.184   4.554   9.483   1.00 25.24 ? 144 LEU A CB  1 
ATOM   1050 C  CG  . LEU A 1 144 ? 1.267   6.080   9.468   1.00 26.01 ? 144 LEU A CG  1 
ATOM   1051 C  CD1 . LEU A 1 144 ? 2.650   6.545   9.040   1.00 25.78 ? 144 LEU A CD1 1 
ATOM   1052 C  CD2 . LEU A 1 144 ? 0.188   6.613   8.537   1.00 25.38 ? 144 LEU A CD2 1 
ATOM   1053 N  N   . PHE A 1 145 ? -1.363  2.265   9.154   1.00 22.94 ? 145 PHE A N   1 
ATOM   1054 C  CA  . PHE A 1 145 ? -1.723  0.878   8.896   1.00 19.14 ? 145 PHE A CA  1 
ATOM   1055 C  C   . PHE A 1 145 ? -1.483  0.395   7.475   1.00 17.89 ? 145 PHE A C   1 
ATOM   1056 O  O   . PHE A 1 145 ? -1.814  1.087   6.515   1.00 16.25 ? 145 PHE A O   1 
ATOM   1057 C  CB  . PHE A 1 145 ? -3.202  0.677   9.230   1.00 20.14 ? 145 PHE A CB  1 
ATOM   1058 C  CG  . PHE A 1 145 ? -3.551  1.005   10.651  1.00 21.17 ? 145 PHE A CG  1 
ATOM   1059 C  CD1 . PHE A 1 145 ? -3.694  -0.007  11.596  1.00 22.09 ? 145 PHE A CD1 1 
ATOM   1060 C  CD2 . PHE A 1 145 ? -3.727  2.329   11.051  1.00 22.02 ? 145 PHE A CD2 1 
ATOM   1061 C  CE1 . PHE A 1 145 ? -4.008  0.291   12.922  1.00 23.35 ? 145 PHE A CE1 1 
ATOM   1062 C  CE2 . PHE A 1 145 ? -4.041  2.637   12.376  1.00 24.25 ? 145 PHE A CE2 1 
ATOM   1063 C  CZ  . PHE A 1 145 ? -4.183  1.610   13.312  1.00 22.47 ? 145 PHE A CZ  1 
ATOM   1064 N  N   . PRO A 1 146 ? -0.899  -0.809  7.324   1.00 16.33 ? 146 PRO A N   1 
ATOM   1065 C  CA  . PRO A 1 146 ? -0.641  -1.361  5.989   1.00 16.86 ? 146 PRO A CA  1 
ATOM   1066 C  C   . PRO A 1 146 ? -1.962  -1.404  5.222   1.00 17.26 ? 146 PRO A C   1 
ATOM   1067 O  O   . PRO A 1 146 ? -2.999  -1.770  5.784   1.00 17.13 ? 146 PRO A O   1 
ATOM   1068 C  CB  . PRO A 1 146 ? -0.109  -2.761  6.295   1.00 18.13 ? 146 PRO A CB  1 
ATOM   1069 C  CG  . PRO A 1 146 ? 0.682   -2.530  7.564   1.00 16.07 ? 146 PRO A CG  1 
ATOM   1070 C  CD  . PRO A 1 146 ? -0.271  -1.640  8.370   1.00 15.48 ? 146 PRO A CD  1 
ATOM   1071 N  N   . ALA A 1 147 ? -1.929  -1.032  3.946   1.00 17.61 ? 147 ALA A N   1 
ATOM   1072 C  CA  . ALA A 1 147 ? -3.143  -1.026  3.142   1.00 16.79 ? 147 ALA A CA  1 
ATOM   1073 C  C   . ALA A 1 147 ? -2.879  -1.369  1.687   1.00 16.62 ? 147 ALA A C   1 
ATOM   1074 O  O   . ALA A 1 147 ? -1.810  -1.093  1.154   1.00 15.79 ? 147 ALA A O   1 
ATOM   1075 C  CB  . ALA A 1 147 ? -3.823  0.344   3.241   1.00 16.92 ? 147 ALA A CB  1 
ATOM   1076 N  N   . VAL A 1 148 ? -3.868  -1.980  1.050   1.00 15.18 ? 148 VAL A N   1 
ATOM   1077 C  CA  . VAL A 1 148 ? -3.753  -2.363  -0.350  1.00 15.35 ? 148 VAL A CA  1 
ATOM   1078 C  C   . VAL A 1 148 ? -5.016  -1.940  -1.077  1.00 16.07 ? 148 VAL A C   1 
ATOM   1079 O  O   . VAL A 1 148 ? -6.118  -2.116  -0.565  1.00 15.93 ? 148 VAL A O   1 
ATOM   1080 C  CB  . VAL A 1 148 ? -3.613  -3.892  -0.510  1.00 15.48 ? 148 VAL A CB  1 
ATOM   1081 C  CG1 . VAL A 1 148 ? -3.654  -4.271  -1.997  1.00 18.23 ? 148 VAL A CG1 1 
ATOM   1082 C  CG2 . VAL A 1 148 ? -2.323  -4.363  0.129   1.00 17.39 ? 148 VAL A CG2 1 
ATOM   1083 N  N   . GLY A 1 149 ? -4.848  -1.368  -2.264  1.00 16.81 ? 149 GLY A N   1 
ATOM   1084 C  CA  . GLY A 1 149 ? -5.998  -0.963  -3.044  1.00 15.46 ? 149 GLY A CA  1 
ATOM   1085 C  C   . GLY A 1 149 ? -5.993  -1.677  -4.376  1.00 15.52 ? 149 GLY A C   1 
ATOM   1086 O  O   . GLY A 1 149 ? -4.931  -1.970  -4.917  1.00 14.20 ? 149 GLY A O   1 
HETATM 1087 N  N   . MSE A 1 150 ? -7.176  -1.977  -4.899  1.00 17.02 ? 150 MSE A N   1 
HETATM 1088 C  CA  . MSE A 1 150 ? -7.295  -2.643  -6.188  1.00 20.28 ? 150 MSE A CA  1 
HETATM 1089 C  C   . MSE A 1 150 ? -8.428  -1.985  -6.968  1.00 20.46 ? 150 MSE A C   1 
HETATM 1090 O  O   . MSE A 1 150 ? -9.291  -1.332  -6.380  1.00 23.03 ? 150 MSE A O   1 
HETATM 1091 C  CB  . MSE A 1 150 ? -7.507  -4.150  -5.993  1.00 23.03 ? 150 MSE A CB  1 
HETATM 1092 C  CG  . MSE A 1 150 ? -6.207  -4.844  -5.591  1.00 26.68 ? 150 MSE A CG  1 
HETATM 1093 SE SE  . MSE A 1 150 ? -6.258  -6.776  -5.344  1.00 38.96 ? 150 MSE A SE  1 
HETATM 1094 C  CE  . MSE A 1 150 ? -7.100  -6.762  -3.660  1.00 23.56 ? 150 MSE A CE  1 
ATOM   1095 N  N   . HIS A 1 151 ? -8.437  -2.140  -8.287  1.00 21.43 ? 151 HIS A N   1 
ATOM   1096 C  CA  . HIS A 1 151 ? -9.447  -1.439  -9.066  1.00 20.68 ? 151 HIS A CA  1 
ATOM   1097 C  C   . HIS A 1 151 ? -9.874  -2.088  -10.380 1.00 22.04 ? 151 HIS A C   1 
ATOM   1098 O  O   . HIS A 1 151 ? -10.675 -1.515  -11.106 1.00 22.64 ? 151 HIS A O   1 
ATOM   1099 C  CB  . HIS A 1 151 ? -8.903  -0.039  -9.348  1.00 20.10 ? 151 HIS A CB  1 
ATOM   1100 C  CG  . HIS A 1 151 ? -9.949  0.984   -9.657  1.00 21.43 ? 151 HIS A CG  1 
ATOM   1101 N  ND1 . HIS A 1 151 ? -9.628  2.283   -9.991  1.00 22.07 ? 151 HIS A ND1 1 
ATOM   1102 C  CD2 . HIS A 1 151 ? -11.301 0.918   -9.647  1.00 20.34 ? 151 HIS A CD2 1 
ATOM   1103 C  CE1 . HIS A 1 151 ? -10.739 2.974   -10.169 1.00 21.91 ? 151 HIS A CE1 1 
ATOM   1104 N  NE2 . HIS A 1 151 ? -11.768 2.170   -9.968  1.00 24.20 ? 151 HIS A NE2 1 
ATOM   1105 N  N   . SER A 1 152 ? -9.333  -3.255  -10.716 1.00 21.99 ? 152 SER A N   1 
ATOM   1106 C  CA  . SER A 1 152 ? -9.726  -3.891  -11.970 1.00 21.09 ? 152 SER A CA  1 
ATOM   1107 C  C   . SER A 1 152 ? -9.793  -5.397  -11.817 1.00 21.27 ? 152 SER A C   1 
ATOM   1108 O  O   . SER A 1 152 ? -9.119  -5.981  -10.969 1.00 17.69 ? 152 SER A O   1 
ATOM   1109 C  CB  . SER A 1 152 ? -8.767  -3.513  -13.107 1.00 20.69 ? 152 SER A CB  1 
ATOM   1110 O  OG  . SER A 1 152 ? -7.561  -4.253  -13.051 1.00 23.18 ? 152 SER A OG  1 
ATOM   1111 N  N   . LEU A 1 153 ? -10.623 -6.024  -12.641 1.00 22.70 ? 153 LEU A N   1 
ATOM   1112 C  CA  . LEU A 1 153 ? -10.819 -7.461  -12.569 1.00 23.75 ? 153 LEU A CA  1 
ATOM   1113 C  C   . LEU A 1 153 ? -9.548  -8.264  -12.822 1.00 23.12 ? 153 LEU A C   1 
ATOM   1114 O  O   . LEU A 1 153 ? -8.722  -7.910  -13.666 1.00 23.16 ? 153 LEU A O   1 
ATOM   1115 C  CB  . LEU A 1 153 ? -11.931 -7.875  -13.539 1.00 29.32 ? 153 LEU A CB  1 
ATOM   1116 C  CG  . LEU A 1 153 ? -11.636 -7.798  -15.032 1.00 33.16 ? 153 LEU A CG  1 
ATOM   1117 C  CD1 . LEU A 1 153 ? -10.907 -9.069  -15.457 1.00 37.91 ? 153 LEU A CD1 1 
ATOM   1118 C  CD2 . LEU A 1 153 ? -12.940 -7.659  -15.814 1.00 37.58 ? 153 LEU A CD2 1 
ATOM   1119 N  N   . GLY A 1 154 ? -9.402  -9.350  -12.073 1.00 22.81 ? 154 GLY A N   1 
ATOM   1120 C  CA  . GLY A 1 154 ? -8.236  -10.196 -12.210 1.00 21.59 ? 154 GLY A CA  1 
ATOM   1121 C  C   . GLY A 1 154 ? -7.090  -9.821  -11.285 1.00 21.83 ? 154 GLY A C   1 
ATOM   1122 O  O   . GLY A 1 154 ? -6.167  -10.608 -11.101 1.00 22.73 ? 154 GLY A O   1 
ATOM   1123 N  N   . GLU A 1 155 ? -7.132  -8.630  -10.693 1.00 20.89 ? 155 GLU A N   1 
ATOM   1124 C  CA  . GLU A 1 155 ? -6.045  -8.220  -9.806  1.00 19.53 ? 155 GLU A CA  1 
ATOM   1125 C  C   . GLU A 1 155 ? -5.986  -9.128  -8.583  1.00 18.47 ? 155 GLU A C   1 
ATOM   1126 O  O   . GLU A 1 155 ? -7.008  -9.427  -7.967  1.00 17.54 ? 155 GLU A O   1 
ATOM   1127 C  CB  . GLU A 1 155 ? -6.221  -6.759  -9.384  1.00 18.15 ? 155 GLU A CB  1 
ATOM   1128 C  CG  . GLU A 1 155 ? -6.270  -5.807  -10.562 1.00 18.67 ? 155 GLU A CG  1 
ATOM   1129 C  CD  . GLU A 1 155 ? -6.362  -4.352  -10.148 1.00 21.27 ? 155 GLU A CD  1 
ATOM   1130 O  OE1 . GLU A 1 155 ? -6.647  -4.082  -8.960  1.00 20.03 ? 155 GLU A OE1 1 
ATOM   1131 O  OE2 . GLU A 1 155 ? -6.157  -3.477  -11.017 1.00 21.16 ? 155 GLU A OE2 1 
ATOM   1132 N  N   . GLU A 1 156 ? -4.782  -9.579  -8.246  1.00 19.98 ? 156 GLU A N   1 
ATOM   1133 C  CA  . GLU A 1 156 ? -4.585  -10.465 -7.106  1.00 17.54 ? 156 GLU A CA  1 
ATOM   1134 C  C   . GLU A 1 156 ? -3.180  -10.313 -6.541  1.00 17.58 ? 156 GLU A C   1 
ATOM   1135 O  O   . GLU A 1 156 ? -2.202  -10.219 -7.286  1.00 18.27 ? 156 GLU A O   1 
ATOM   1136 C  CB  . GLU A 1 156 ? -4.835  -11.920 -7.520  1.00 17.90 ? 156 GLU A CB  1 
ATOM   1137 C  CG  . GLU A 1 156 ? -4.662  -12.940 -6.398  1.00 19.89 ? 156 GLU A CG  1 
ATOM   1138 C  CD  . GLU A 1 156 ? -5.156  -14.328 -6.787  1.00 24.98 ? 156 GLU A CD  1 
ATOM   1139 O  OE1 . GLU A 1 156 ? -6.332  -14.439 -7.193  1.00 28.43 ? 156 GLU A OE1 1 
ATOM   1140 O  OE2 . GLU A 1 156 ? -4.379  -15.304 -6.685  1.00 23.12 ? 156 GLU A OE2 1 
ATOM   1141 N  N   . VAL A 1 157 ? -3.084  -10.281 -5.218  1.00 16.69 ? 157 VAL A N   1 
ATOM   1142 C  CA  . VAL A 1 157 ? -1.801  -10.129 -4.553  1.00 17.34 ? 157 VAL A CA  1 
ATOM   1143 C  C   . VAL A 1 157 ? -1.755  -11.006 -3.311  1.00 18.71 ? 157 VAL A C   1 
ATOM   1144 O  O   . VAL A 1 157 ? -2.763  -11.584 -2.902  1.00 16.73 ? 157 VAL A O   1 
ATOM   1145 C  CB  . VAL A 1 157 ? -1.565  -8.662  -4.098  1.00 16.92 ? 157 VAL A CB  1 
ATOM   1146 C  CG1 . VAL A 1 157 ? -1.747  -7.704  -5.268  1.00 14.78 ? 157 VAL A CG1 1 
ATOM   1147 C  CG2 . VAL A 1 157 ? -2.543  -8.302  -2.984  1.00 16.80 ? 157 VAL A CG2 1 
ATOM   1148 N  N   . ARG A 1 158 ? -0.567  -11.093 -2.721  1.00 21.03 ? 158 ARG A N   1 
ATOM   1149 C  CA  . ARG A 1 158 ? -0.348  -11.845 -1.495  1.00 22.13 ? 158 ARG A CA  1 
ATOM   1150 C  C   . ARG A 1 158 ? 0.270   -10.857 -0.512  1.00 21.83 ? 158 ARG A C   1 
ATOM   1151 O  O   . ARG A 1 158 ? 1.250   -10.184 -0.830  1.00 21.35 ? 158 ARG A O   1 
ATOM   1152 C  CB  . ARG A 1 158 ? 0.605   -13.020 -1.731  1.00 25.05 ? 158 ARG A CB  1 
ATOM   1153 C  CG  . ARG A 1 158 ? -0.029  -14.213 -2.435  1.00 30.65 ? 158 ARG A CG  1 
ATOM   1154 C  CD  . ARG A 1 158 ? 0.970   -15.360 -2.558  1.00 36.35 ? 158 ARG A CD  1 
ATOM   1155 N  NE  . ARG A 1 158 ? 1.498   -15.780 -1.259  1.00 39.56 ? 158 ARG A NE  1 
ATOM   1156 C  CZ  . ARG A 1 158 ? 2.513   -16.629 -1.101  1.00 42.09 ? 158 ARG A CZ  1 
ATOM   1157 N  NH1 . ARG A 1 158 ? 3.116   -17.154 -2.161  1.00 42.71 ? 158 ARG A NH1 1 
ATOM   1158 N  NH2 . ARG A 1 158 ? 2.934   -16.955 0.115   1.00 42.43 ? 158 ARG A NH2 1 
ATOM   1159 N  N   . LEU A 1 159 ? -0.312  -10.759 0.675   1.00 22.03 ? 159 LEU A N   1 
ATOM   1160 C  CA  . LEU A 1 159 ? 0.175   -9.836  1.690   1.00 23.07 ? 159 LEU A CA  1 
ATOM   1161 C  C   . LEU A 1 159 ? 1.224   -10.508 2.579   1.00 23.96 ? 159 LEU A C   1 
ATOM   1162 O  O   . LEU A 1 159 ? 0.988   -11.592 3.113   1.00 26.33 ? 159 LEU A O   1 
ATOM   1163 C  CB  . LEU A 1 159 ? -1.008  -9.349  2.531   1.00 24.03 ? 159 LEU A CB  1 
ATOM   1164 C  CG  . LEU A 1 159 ? -0.763  -8.287  3.603   1.00 25.87 ? 159 LEU A CG  1 
ATOM   1165 C  CD1 . LEU A 1 159 ? -0.301  -6.981  2.962   1.00 24.72 ? 159 LEU A CD1 1 
ATOM   1166 C  CD2 . LEU A 1 159 ? -2.054  -8.071  4.376   1.00 28.22 ? 159 LEU A CD2 1 
ATOM   1167 N  N   . HIS A 1 160 ? 2.380   -9.866  2.732   1.00 23.35 ? 160 HIS A N   1 
ATOM   1168 C  CA  . HIS A 1 160 ? 3.468   -10.411 3.546   1.00 23.40 ? 160 HIS A CA  1 
ATOM   1169 C  C   . HIS A 1 160 ? 3.844   -9.484  4.708   1.00 22.38 ? 160 HIS A C   1 
ATOM   1170 O  O   . HIS A 1 160 ? 4.840   -8.761  4.650   1.00 23.08 ? 160 HIS A O   1 
ATOM   1171 C  CB  . HIS A 1 160 ? 4.698   -10.659 2.671   1.00 24.30 ? 160 HIS A CB  1 
ATOM   1172 C  CG  . HIS A 1 160 ? 4.448   -11.592 1.525   1.00 24.95 ? 160 HIS A CG  1 
ATOM   1173 N  ND1 . HIS A 1 160 ? 4.056   -12.900 1.702   1.00 26.02 ? 160 HIS A ND1 1 
ATOM   1174 C  CD2 . HIS A 1 160 ? 4.529   -11.402 0.185   1.00 26.73 ? 160 HIS A CD2 1 
ATOM   1175 C  CE1 . HIS A 1 160 ? 3.907   -13.478 0.522   1.00 27.47 ? 160 HIS A CE1 1 
ATOM   1176 N  NE2 . HIS A 1 160 ? 4.186   -12.590 -0.415  1.00 27.22 ? 160 HIS A NE2 1 
ATOM   1177 N  N   . LEU A 1 161 ? 3.053   -9.518  5.773   1.00 23.62 ? 161 LEU A N   1 
ATOM   1178 C  CA  . LEU A 1 161 ? 3.305   -8.666  6.932   1.00 25.66 ? 161 LEU A CA  1 
ATOM   1179 C  C   . LEU A 1 161 ? 4.589   -9.013  7.696   1.00 28.08 ? 161 LEU A C   1 
ATOM   1180 O  O   . LEU A 1 161 ? 5.029   -8.251  8.560   1.00 28.50 ? 161 LEU A O   1 
ATOM   1181 C  CB  . LEU A 1 161 ? 2.093   -8.705  7.868   1.00 25.93 ? 161 LEU A CB  1 
ATOM   1182 C  CG  . LEU A 1 161 ? 0.791   -8.142  7.271   1.00 26.31 ? 161 LEU A CG  1 
ATOM   1183 C  CD1 . LEU A 1 161 ? -0.362  -8.351  8.242   1.00 26.44 ? 161 LEU A CD1 1 
ATOM   1184 C  CD2 . LEU A 1 161 ? 0.951   -6.661  6.971   1.00 23.08 ? 161 LEU A CD2 1 
ATOM   1185 N  N   . ASN A 1 162 ? 5.200   -10.150 7.367   1.00 31.17 ? 162 ASN A N   1 
ATOM   1186 C  CA  . ASN A 1 162 ? 6.437   -10.579 8.025   1.00 34.66 ? 162 ASN A CA  1 
ATOM   1187 C  C   . ASN A 1 162 ? 7.665   -10.434 7.127   1.00 36.31 ? 162 ASN A C   1 
ATOM   1188 O  O   . ASN A 1 162 ? 8.706   -11.042 7.384   1.00 35.32 ? 162 ASN A O   1 
ATOM   1189 C  CB  . ASN A 1 162 ? 6.322   -12.041 8.477   1.00 35.89 ? 162 ASN A CB  1 
ATOM   1190 C  CG  . ASN A 1 162 ? 5.476   -12.203 9.724   1.00 37.64 ? 162 ASN A CG  1 
ATOM   1191 O  OD1 . ASN A 1 162 ? 5.107   -13.319 10.094  1.00 39.00 ? 162 ASN A OD1 1 
ATOM   1192 N  ND2 . ASN A 1 162 ? 5.171   -11.091 10.385  1.00 37.16 ? 162 ASN A ND2 1 
ATOM   1193 N  N   . ALA A 1 163 ? 7.545   -9.630  6.077   1.00 37.53 ? 163 ALA A N   1 
ATOM   1194 C  CA  . ALA A 1 163 ? 8.652   -9.426  5.151   1.00 39.49 ? 163 ALA A CA  1 
ATOM   1195 C  C   . ALA A 1 163 ? 9.830   -8.728  5.823   1.00 40.58 ? 163 ALA A C   1 
ATOM   1196 O  O   . ALA A 1 163 ? 9.646   -7.896  6.708   1.00 40.60 ? 163 ALA A O   1 
ATOM   1197 C  CB  . ALA A 1 163 ? 8.179   -8.618  3.953   1.00 39.79 ? 163 ALA A CB  1 
ATOM   1198 N  N   . GLU A 1 164 ? 11.041  -9.072  5.398   1.00 43.97 ? 164 GLU A N   1 
ATOM   1199 C  CA  . GLU A 1 164 ? 12.248  -8.472  5.958   1.00 48.35 ? 164 GLU A CA  1 
ATOM   1200 C  C   . GLU A 1 164 ? 13.144  -7.921  4.847   1.00 49.79 ? 164 GLU A C   1 
ATOM   1201 O  O   . GLU A 1 164 ? 13.033  -8.334  3.693   1.00 49.86 ? 164 GLU A O   1 
ATOM   1202 C  CB  . GLU A 1 164 ? 13.024  -9.503  6.782   1.00 49.69 ? 164 GLU A CB  1 
ATOM   1203 C  CG  . GLU A 1 164 ? 13.789  -10.540 5.961   1.00 54.54 ? 164 GLU A CG  1 
ATOM   1204 C  CD  . GLU A 1 164 ? 12.886  -11.473 5.170   1.00 56.05 ? 164 GLU A CD  1 
ATOM   1205 O  OE1 . GLU A 1 164 ? 12.149  -10.989 4.283   1.00 58.31 ? 164 GLU A OE1 1 
ATOM   1206 O  OE2 . GLU A 1 164 ? 12.918  -12.695 5.433   1.00 56.58 ? 164 GLU A OE2 1 
ATOM   1207 N  N   . LEU A 1 165 ? 14.026  -6.992  5.214   1.00 52.18 ? 165 LEU A N   1 
ATOM   1208 C  CA  . LEU A 1 165 ? 14.964  -6.353  4.286   1.00 53.38 ? 165 LEU A CA  1 
ATOM   1209 C  C   . LEU A 1 165 ? 14.338  -5.119  3.647   1.00 54.28 ? 165 LEU A C   1 
ATOM   1210 O  O   . LEU A 1 165 ? 13.312  -4.650  4.175   1.00 55.47 ? 165 LEU A O   1 
ATOM   1211 C  CB  . LEU A 1 165 ? 15.415  -7.333  3.197   1.00 54.09 ? 165 LEU A CB  1 
ATOM   1212 C  CG  . LEU A 1 165 ? 16.104  -8.617  3.671   1.00 54.48 ? 165 LEU A CG  1 
ATOM   1213 C  CD1 . LEU A 1 165 ? 16.316  -9.550  2.490   1.00 54.53 ? 165 LEU A CD1 1 
ATOM   1214 C  CD2 . LEU A 1 165 ? 17.430  -8.279  4.338   1.00 54.24 ? 165 LEU A CD2 1 
HETATM 1215 O  O   . HOH B 2 .   ? 9.993   -5.107  -2.281  1.00 19.37 ? 172 HOH A O   1 
HETATM 1216 O  O   . HOH B 2 .   ? -6.576  3.288   -9.705  1.00 21.25 ? 173 HOH A O   1 
HETATM 1217 O  O   . HOH B 2 .   ? -4.657  7.051   -9.251  1.00 21.12 ? 174 HOH A O   1 
HETATM 1218 O  O   . HOH B 2 .   ? -13.523 -12.241 1.316   1.00 24.55 ? 175 HOH A O   1 
HETATM 1219 O  O   . HOH B 2 .   ? 10.140  -6.297  -12.906 1.00 21.57 ? 176 HOH A O   1 
HETATM 1220 O  O   . HOH B 2 .   ? -3.375  0.893   -16.041 1.00 31.72 ? 177 HOH A O   1 
HETATM 1221 O  O   . HOH B 2 .   ? -8.616  -14.084 -2.535  1.00 24.46 ? 178 HOH A O   1 
HETATM 1222 O  O   . HOH B 2 .   ? 5.020   -12.995 5.549   1.00 44.99 ? 179 HOH A O   1 
HETATM 1223 O  O   . HOH B 2 .   ? -11.613 -9.834  -10.420 1.00 30.27 ? 180 HOH A O   1 
HETATM 1224 O  O   . HOH B 2 .   ? 12.911  -4.905  -10.193 1.00 19.44 ? 181 HOH A O   1 
HETATM 1225 O  O   . HOH B 2 .   ? 6.959   7.002   -11.726 1.00 23.50 ? 182 HOH A O   1 
HETATM 1226 O  O   . HOH B 2 .   ? 15.542  10.976  10.029  1.00 27.99 ? 183 HOH A O   1 
HETATM 1227 O  O   . HOH B 2 .   ? -7.267  2.121   15.282  1.00 38.17 ? 184 HOH A O   1 
HETATM 1228 O  O   . HOH B 2 .   ? -10.284 8.611   4.409   1.00 25.79 ? 185 HOH A O   1 
HETATM 1229 O  O   . HOH B 2 .   ? 4.538   -5.559  9.226   1.00 24.28 ? 186 HOH A O   1 
HETATM 1230 O  O   . HOH B 2 .   ? -2.322  -6.487  10.915  1.00 28.34 ? 187 HOH A O   1 
HETATM 1231 O  O   . HOH B 2 .   ? -5.615  -2.373  -19.774 1.00 40.16 ? 188 HOH A O   1 
HETATM 1232 O  O   . HOH B 2 .   ? -6.521  -13.399 -10.975 1.00 24.86 ? 189 HOH A O   1 
HETATM 1233 O  O   . HOH B 2 .   ? -7.322  5.315   -12.252 1.00 36.16 ? 190 HOH A O   1 
HETATM 1234 O  O   . HOH B 2 .   ? 4.290   -12.393 -7.140  1.00 24.13 ? 191 HOH A O   1 
HETATM 1235 O  O   . HOH B 2 .   ? 12.558  -8.146  0.528   1.00 32.43 ? 192 HOH A O   1 
HETATM 1236 O  O   . HOH B 2 .   ? 8.050   -2.996  18.317  1.00 44.10 ? 193 HOH A O   1 
HETATM 1237 O  O   . HOH B 2 .   ? 4.047   -14.584 -2.765  1.00 40.45 ? 194 HOH A O   1 
HETATM 1238 O  O   . HOH B 2 .   ? -7.508  14.392  -1.530  1.00 27.27 ? 195 HOH A O   1 
HETATM 1239 O  O   . HOH B 2 .   ? -1.920  19.701  -9.221  1.00 33.92 ? 196 HOH A O   1 
HETATM 1240 O  O   . HOH B 2 .   ? -0.336  -4.779  10.178  1.00 28.27 ? 197 HOH A O   1 
HETATM 1241 O  O   . HOH B 2 .   ? -19.623 3.470   -2.019  1.00 49.49 ? 198 HOH A O   1 
HETATM 1242 O  O   . HOH B 2 .   ? -14.084 -2.308  -12.225 1.00 31.38 ? 199 HOH A O   1 
HETATM 1243 O  O   . HOH B 2 .   ? -17.305 -6.387  -0.412  1.00 23.33 ? 200 HOH A O   1 
HETATM 1244 O  O   . HOH B 2 .   ? -13.887 3.784   6.030   1.00 35.44 ? 201 HOH A O   1 
HETATM 1245 O  O   . HOH B 2 .   ? -19.817 0.118   -3.362  1.00 42.01 ? 202 HOH A O   1 
HETATM 1246 O  O   . HOH B 2 .   ? 8.481   1.279   -15.718 1.00 49.09 ? 203 HOH A O   1 
HETATM 1247 O  O   . HOH B 2 .   ? -2.384  -5.045  -16.399 1.00 27.07 ? 204 HOH A O   1 
HETATM 1248 O  O   . HOH B 2 .   ? 4.689   14.136  -3.572  1.00 44.17 ? 205 HOH A O   1 
HETATM 1249 O  O   . HOH B 2 .   ? 3.013   -4.294  13.002  1.00 34.52 ? 206 HOH A O   1 
HETATM 1250 O  O   . HOH B 2 .   ? -4.033  2.722   -9.146  1.00 28.71 ? 207 HOH A O   1 
HETATM 1251 O  O   . HOH B 2 .   ? 9.413   -3.778  -13.749 1.00 30.66 ? 208 HOH A O   1 
HETATM 1252 O  O   . HOH B 2 .   ? 13.845  6.933   4.309   1.00 43.50 ? 209 HOH A O   1 
HETATM 1253 O  O   . HOH B 2 .   ? -5.389  5.862   -16.673 1.00 41.49 ? 210 HOH A O   1 
HETATM 1254 O  O   . HOH B 2 .   ? -9.033  -10.919 -8.882  1.00 35.69 ? 211 HOH A O   1 
HETATM 1255 O  O   . HOH B 2 .   ? -8.434  -13.725 -9.012  1.00 29.81 ? 212 HOH A O   1 
HETATM 1256 O  O   . HOH B 2 .   ? -0.315  12.784  -4.528  1.00 37.12 ? 213 HOH A O   1 
HETATM 1257 O  O   . HOH B 2 .   ? 3.134   15.808  -1.575  1.00 37.28 ? 214 HOH A O   1 
HETATM 1258 O  O   . HOH B 2 .   ? -1.143  10.708  -11.379 1.00 27.75 ? 215 HOH A O   1 
HETATM 1259 O  O   . HOH B 2 .   ? 7.639   -10.580 0.895   1.00 34.69 ? 216 HOH A O   1 
HETATM 1260 O  O   . HOH B 2 .   ? 11.468  1.483   -9.251  1.00 30.79 ? 217 HOH A O   1 
HETATM 1261 O  O   . HOH B 2 .   ? -8.024  10.343  4.936   1.00 23.99 ? 218 HOH A O   1 
HETATM 1262 O  O   . HOH B 2 .   ? 2.266   -5.497  10.949  1.00 28.07 ? 219 HOH A O   1 
HETATM 1263 O  O   . HOH B 2 .   ? -8.536  2.182   9.902   1.00 41.98 ? 220 HOH A O   1 
HETATM 1264 O  O   . HOH B 2 .   ? -2.343  -18.132 3.282   1.00 43.58 ? 221 HOH A O   1 
HETATM 1265 O  O   . HOH B 2 .   ? 12.895  4.014   -10.372 1.00 44.03 ? 222 HOH A O   1 
HETATM 1266 O  O   . HOH B 2 .   ? -2.946  4.794   -9.929  1.00 36.69 ? 223 HOH A O   1 
HETATM 1267 O  O   . HOH B 2 .   ? 5.691   14.369  -10.695 1.00 40.99 ? 224 HOH A O   1 
HETATM 1268 O  O   . HOH B 2 .   ? -12.065 -4.062  -14.466 1.00 32.74 ? 225 HOH A O   1 
HETATM 1269 O  O   . HOH B 2 .   ? -11.709 -12.724 -11.810 1.00 45.15 ? 226 HOH A O   1 
HETATM 1270 O  O   . HOH B 2 .   ? 1.169   -11.707 6.119   1.00 30.38 ? 227 HOH A O   1 
HETATM 1271 O  O   . HOH B 2 .   ? 11.109  -12.391 -6.164  1.00 44.49 ? 228 HOH A O   1 
HETATM 1272 O  O   . HOH B 2 .   ? 0.261   0.594   -16.608 1.00 38.14 ? 229 HOH A O   1 
HETATM 1273 O  O   . HOH B 2 .   ? 2.717   12.604  -4.428  1.00 32.85 ? 230 HOH A O   1 
HETATM 1274 O  O   . HOH B 2 .   ? 8.317   -6.616  9.075   1.00 40.66 ? 231 HOH A O   1 
HETATM 1275 O  O   . HOH B 2 .   ? 1.997   2.592   12.673  1.00 45.39 ? 232 HOH A O   1 
HETATM 1276 O  O   . HOH B 2 .   ? 6.308   -14.928 -4.098  1.00 42.92 ? 233 HOH A O   1 
HETATM 1277 O  O   . HOH B 2 .   ? -1.154  12.764  -14.031 1.00 45.19 ? 234 HOH A O   1 
HETATM 1278 O  O   . HOH B 2 .   ? -15.540 6.000   2.460   1.00 34.35 ? 235 HOH A O   1 
HETATM 1279 O  O   . HOH B 2 .   ? -7.960  -7.784  14.187  1.00 49.76 ? 236 HOH A O   1 
HETATM 1280 O  O   . HOH B 2 .   ? -5.072  12.943  -11.732 1.00 36.40 ? 237 HOH A O   1 
HETATM 1281 O  O   . HOH B 2 .   ? -4.742  9.290   -10.527 1.00 37.63 ? 238 HOH A O   1 
HETATM 1282 O  O   . HOH B 2 .   ? -4.467  6.741   12.411  1.00 25.91 ? 239 HOH A O   1 
HETATM 1283 O  O   . HOH B 2 .   ? -2.486  -16.185 -4.898  1.00 32.26 ? 240 HOH A O   1 
HETATM 1284 O  O   . HOH B 2 .   ? -0.580  8.415   -13.552 1.00 28.26 ? 241 HOH A O   1 
HETATM 1285 O  O   . HOH B 2 .   ? -14.702 -8.720  -10.032 1.00 33.08 ? 242 HOH A O   1 
HETATM 1286 O  O   . HOH B 2 .   ? 1.658   13.140  -12.190 1.00 33.74 ? 243 HOH A O   1 
HETATM 1287 O  O   . HOH B 2 .   ? -16.665 -8.361  1.300   1.00 37.00 ? 244 HOH A O   1 
HETATM 1288 O  O   . HOH B 2 .   ? -2.681  -10.485 8.493   1.00 62.36 ? 245 HOH A O   1 
HETATM 1289 O  O   . HOH B 2 .   ? 6.849   1.319   17.903  1.00 38.15 ? 246 HOH A O   1 
HETATM 1290 O  O   . HOH B 2 .   ? 12.878  -6.138  -12.504 1.00 16.82 ? 247 HOH A O   1 
HETATM 1291 O  O   . HOH B 2 .   ? -15.170 0.171   -2.038  1.00 37.67 ? 248 HOH A O   1 
HETATM 1292 O  O   . HOH B 2 .   ? 0.986   -1.438  17.768  1.00 33.72 ? 249 HOH A O   1 
HETATM 1293 O  O   . HOH B 2 .   ? 6.150   -6.124  17.107  0.50 39.17 ? 250 HOH A O   1 
HETATM 1294 O  O   . HOH B 2 .   ? -4.804  8.074   17.068  1.00 35.35 ? 251 HOH A O   1 
HETATM 1295 O  O   . HOH B 2 .   ? -0.493  -7.478  -18.580 1.00 33.60 ? 252 HOH A O   1 
HETATM 1296 O  O   . HOH B 2 .   ? 1.393   -5.218  -20.737 1.00 34.16 ? 253 HOH A O   1 
HETATM 1297 O  O   . HOH B 2 .   ? -1.851  14.109  3.436   1.00 30.01 ? 254 HOH A O   1 
HETATM 1298 O  O   . HOH B 2 .   ? -17.168 1.900   -3.432  1.00 32.03 ? 255 HOH A O   1 
HETATM 1299 O  O   . HOH B 2 .   ? 1.482   6.671   -16.552 1.00 54.05 ? 256 HOH A O   1 
HETATM 1300 O  O   . HOH B 2 .   ? 19.432  -0.599  -1.653  1.00 38.20 ? 257 HOH A O   1 
HETATM 1301 O  O   . HOH B 2 .   ? -8.100  -6.437  8.345   1.00 40.97 ? 258 HOH A O   1 
HETATM 1302 O  O   . HOH B 2 .   ? 10.485  7.710   -12.022 1.00 48.95 ? 259 HOH A O   1 
HETATM 1303 O  O   . HOH B 2 .   ? -4.128  5.426   15.616  1.00 40.99 ? 260 HOH A O   1 
HETATM 1304 O  O   . HOH B 2 .   ? 4.001   14.358  -13.017 1.00 47.14 ? 261 HOH A O   1 
HETATM 1305 O  O   . HOH B 2 .   ? 6.374   6.564   18.785  1.00 37.27 ? 262 HOH A O   1 
# 
